data_5PZS
#
_entry.id   5PZS
#
_cell.length_a   67.657
_cell.length_b   83.267
_cell.length_c   277.759
_cell.angle_alpha   90.000
_cell.angle_beta   90.000
_cell.angle_gamma   90.000
#
_symmetry.space_group_name_H-M   'P 21 21 21'
#
loop_
_entity.id
_entity.type
_entity.pdbx_description
1 polymer 'Fructose-1,6-bisphosphatase 1'
2 non-polymer "N,N'-(hexane-1,6-diyldicarbamoyl)bis(3-chlorobenzene-1-sulfonamide)"
3 water water
#
_entity_poly.entity_id   1
_entity_poly.type   'polypeptide(L)'
_entity_poly.pdbx_seq_one_letter_code
;MADQAPFDTDVNTLTRFVMEEGRKARGTGELTQLLNSLCTAVKAISSAVRKAGIAHLYGIAGSTNVTGDQVKKLDVLSND
LVMNMLKSSFATCVLVSEEDKHAIIVEPEKRGKYVVCFDPLDGSSNIDCLVSVGTIFGIYRKKSTDEPSEKDALQPGRNL
VAAGYALYGSATMLVLAMDCGVNCFMLDPAIGEFILVDKDVKIKKKGKIYSLNEGYAKDFDPAVTEYIQRKKFPPDNSAP
YGARYVGSMVADVHRTLVYGGIFLYPANKKSPNGKLRLLYECNPMAYVMEKAGGMATTGKEAVLDVIPTDIHQRAPVILG
SPDDVLEFLKVYEKHSAQ
;
_entity_poly.pdbx_strand_id   A,B,C,D
#
loop_
_chem_comp.id
_chem_comp.type
_chem_comp.name
_chem_comp.formula
93Y non-polymer N,N'-(hexane-1,6-diyldicarbamoyl)bis(3-chlorobenzene-1-sulfonamide) 'C20 H24 Cl2 N4 O6 S2'
#
# COMPACT_ATOMS: atom_id res chain seq x y z
N ASP A 10 24.74 5.97 -4.08
CA ASP A 10 23.87 5.29 -5.04
C ASP A 10 22.91 4.34 -4.32
N VAL A 11 21.63 4.45 -4.65
CA VAL A 11 20.66 3.52 -4.09
C VAL A 11 20.96 2.11 -4.56
N ASN A 12 20.76 1.15 -3.66
CA ASN A 12 20.99 -0.26 -3.95
C ASN A 12 19.82 -1.04 -3.39
N THR A 13 19.24 -1.90 -4.22
CA THR A 13 18.16 -2.77 -3.77
C THR A 13 18.71 -4.19 -3.58
N LEU A 14 17.90 -5.04 -2.96
CA LEU A 14 18.29 -6.44 -2.85
C LEU A 14 18.47 -7.06 -4.24
N THR A 15 17.57 -6.74 -5.17
CA THR A 15 17.63 -7.30 -6.53
C THR A 15 18.91 -6.87 -7.27
N ARG A 16 19.32 -5.60 -7.14
CA ARG A 16 20.56 -5.15 -7.76
C ARG A 16 21.77 -5.71 -7.03
N PHE A 17 21.73 -5.69 -5.69
CA PHE A 17 22.86 -6.17 -4.88
C PHE A 17 23.19 -7.63 -5.17
N VAL A 18 22.17 -8.49 -5.23
CA VAL A 18 22.37 -9.90 -5.49
C VAL A 18 22.91 -10.13 -6.90
N MET A 19 22.37 -9.42 -7.87
CA MET A 19 22.86 -9.56 -9.24
C MET A 19 24.29 -9.05 -9.37
N GLU A 20 24.66 -8.01 -8.62
CA GLU A 20 26.01 -7.45 -8.70
C GLU A 20 27.04 -8.36 -8.02
N GLU A 21 26.68 -9.01 -6.91
CA GLU A 21 27.60 -9.94 -6.29
C GLU A 21 27.78 -11.18 -7.13
N GLY A 22 26.71 -11.62 -7.79
CA GLY A 22 26.79 -12.80 -8.64
C GLY A 22 27.67 -12.60 -9.86
N ARG A 23 27.57 -11.43 -10.49
CA ARG A 23 28.44 -11.15 -11.63
C ARG A 23 29.90 -11.05 -11.20
N LYS A 24 30.16 -10.45 -10.04
CA LYS A 24 31.51 -10.43 -9.47
C LYS A 24 32.05 -11.85 -9.33
N ALA A 25 31.26 -12.73 -8.72
CA ALA A 25 31.63 -14.12 -8.49
C ALA A 25 31.49 -14.98 -9.74
N ARG A 26 30.97 -14.40 -10.83
CA ARG A 26 30.78 -15.09 -12.10
C ARG A 26 29.97 -16.37 -11.92
N GLY A 27 28.92 -16.30 -11.11
CA GLY A 27 28.08 -17.46 -10.93
C GLY A 27 27.02 -17.59 -12.00
N THR A 28 26.35 -18.74 -12.01
CA THR A 28 25.35 -19.04 -13.02
C THR A 28 24.06 -18.25 -12.83
N GLY A 29 23.85 -17.66 -11.65
CA GLY A 29 22.61 -16.99 -11.36
C GLY A 29 21.61 -17.82 -10.60
N GLU A 30 21.94 -19.08 -10.28
CA GLU A 30 20.96 -19.94 -9.62
C GLU A 30 20.69 -19.48 -8.20
N LEU A 31 21.72 -19.03 -7.49
CA LEU A 31 21.53 -18.48 -6.14
C LEU A 31 20.73 -17.18 -6.19
N THR A 32 20.94 -16.38 -7.24
CA THR A 32 20.18 -15.14 -7.41
C THR A 32 18.69 -15.43 -7.60
N GLN A 33 18.36 -16.49 -8.34
CA GLN A 33 16.96 -16.86 -8.51
C GLN A 33 16.34 -17.29 -7.19
N LEU A 34 17.10 -18.05 -6.40
CA LEU A 34 16.69 -18.42 -5.05
C LEU A 34 16.40 -17.20 -4.20
N LEU A 35 17.36 -16.27 -4.11
CA LEU A 35 17.18 -15.12 -3.23
C LEU A 35 16.04 -14.23 -3.70
N ASN A 36 15.89 -14.06 -5.03
CA ASN A 36 14.78 -13.32 -5.61
C ASN A 36 13.43 -13.95 -5.26
N SER A 37 13.33 -15.28 -5.33
CA SER A 37 12.09 -15.95 -4.96
C SER A 37 11.81 -15.75 -3.49
N LEU A 38 12.83 -15.93 -2.67
CA LEU A 38 12.70 -15.74 -1.23
C LEU A 38 12.21 -14.33 -0.93
N CYS A 39 12.83 -13.34 -1.55
CA CYS A 39 12.47 -11.95 -1.34
C CYS A 39 11.00 -11.69 -1.67
N THR A 40 10.53 -12.25 -2.80
CA THR A 40 9.12 -12.15 -3.18
C THR A 40 8.21 -12.80 -2.12
N ALA A 41 8.60 -13.99 -1.63
CA ALA A 41 7.83 -14.63 -0.58
C ALA A 41 7.73 -13.75 0.66
N VAL A 42 8.85 -13.10 1.02
CA VAL A 42 8.92 -12.26 2.22
C VAL A 42 8.03 -11.01 2.08
N LYS A 43 8.00 -10.40 0.89
CA LYS A 43 7.10 -9.25 0.73
C LYS A 43 5.64 -9.69 0.84
N ALA A 44 5.31 -10.88 0.37
CA ALA A 44 3.96 -11.38 0.55
C ALA A 44 3.69 -11.69 2.01
N ILE A 45 4.67 -12.25 2.72
CA ILE A 45 4.49 -12.51 4.15
C ILE A 45 4.27 -11.20 4.88
N SER A 46 5.16 -10.23 4.65
CA SER A 46 5.04 -8.92 5.27
C SER A 46 3.66 -8.32 5.02
N SER A 47 3.18 -8.35 3.76
CA SER A 47 1.88 -7.80 3.45
C SER A 47 0.78 -8.50 4.24
N ALA A 48 0.85 -9.83 4.33
CA ALA A 48 -0.14 -10.57 5.10
C ALA A 48 0.00 -10.32 6.59
N VAL A 49 1.24 -10.23 7.08
CA VAL A 49 1.48 -10.00 8.50
C VAL A 49 0.98 -8.62 8.90
N ARG A 50 1.04 -7.65 8.00
CA ARG A 50 0.49 -6.33 8.25
C ARG A 50 -1.03 -6.28 8.12
N LYS A 51 -1.68 -7.42 7.86
CA LYS A 51 -3.14 -7.54 7.85
C LYS A 51 -3.78 -6.87 6.62
N ALA A 52 -3.07 -6.77 5.50
CA ALA A 52 -3.71 -6.32 4.28
C ALA A 52 -4.86 -7.26 3.89
N GLY A 53 -6.02 -6.68 3.61
CA GLY A 53 -7.21 -7.45 3.28
C GLY A 53 -8.00 -7.93 4.48
N ILE A 54 -7.60 -7.58 5.70
CA ILE A 54 -8.31 -8.14 6.86
C ILE A 54 -9.79 -7.76 6.83
N ALA A 55 -10.14 -6.63 6.18
CA ALA A 55 -11.52 -6.21 6.04
C ALA A 55 -12.39 -7.29 5.40
N HIS A 56 -11.83 -8.07 4.47
CA HIS A 56 -12.60 -9.14 3.84
C HIS A 56 -12.84 -10.30 4.78
N LEU A 57 -11.97 -10.50 5.77
CA LEU A 57 -12.30 -11.51 6.77
C LEU A 57 -13.48 -11.05 7.62
N TYR A 58 -13.65 -9.76 7.80
CA TYR A 58 -14.66 -9.26 8.71
C TYR A 58 -15.90 -8.75 7.99
N GLY A 59 -16.12 -9.19 6.75
CA GLY A 59 -17.42 -9.07 6.09
C GLY A 59 -17.65 -7.79 5.32
N ILE A 60 -16.60 -7.07 4.93
CA ILE A 60 -16.81 -5.80 4.26
C ILE A 60 -17.58 -5.98 2.95
N ALA A 61 -17.49 -7.15 2.34
CA ALA A 61 -18.22 -7.40 1.08
C ALA A 61 -19.30 -8.46 1.24
N GLY A 62 -19.71 -8.80 2.46
CA GLY A 62 -20.71 -9.83 2.65
C GLY A 62 -20.20 -11.10 3.35
N VAL A 71 -7.65 -17.31 4.29
CA VAL A 71 -8.26 -17.61 5.59
C VAL A 71 -7.45 -18.60 6.44
N LYS A 72 -6.19 -18.83 6.07
CA LYS A 72 -5.32 -19.67 6.87
C LYS A 72 -4.54 -18.82 7.86
N LYS A 73 -4.09 -19.45 8.94
CA LYS A 73 -3.25 -18.71 9.87
C LYS A 73 -2.00 -18.26 9.14
N LEU A 74 -1.39 -17.19 9.67
CA LEU A 74 -0.25 -16.58 9.00
C LEU A 74 0.93 -17.53 8.91
N ASP A 75 1.09 -18.44 9.87
CA ASP A 75 2.20 -19.38 9.78
C ASP A 75 1.99 -20.44 8.68
N VAL A 76 0.74 -20.85 8.46
CA VAL A 76 0.48 -21.79 7.36
C VAL A 76 0.64 -21.10 6.01
N LEU A 77 0.10 -19.88 5.86
CA LEU A 77 0.27 -19.14 4.61
C LEU A 77 1.74 -18.85 4.34
N SER A 78 2.49 -18.45 5.38
CA SER A 78 3.90 -18.12 5.20
C SER A 78 4.68 -19.33 4.74
N ASN A 79 4.42 -20.48 5.36
CA ASN A 79 5.04 -21.72 4.88
C ASN A 79 4.67 -21.96 3.43
N ASP A 80 3.40 -21.76 3.07
CA ASP A 80 2.97 -21.99 1.69
C ASP A 80 3.69 -21.05 0.73
N LEU A 81 3.88 -19.78 1.14
CA LEU A 81 4.53 -18.81 0.28
C LEU A 81 5.99 -19.18 0.03
N VAL A 82 6.72 -19.49 1.11
CA VAL A 82 8.13 -19.82 0.98
C VAL A 82 8.31 -21.09 0.17
N MET A 83 7.58 -22.16 0.54
CA MET A 83 7.66 -23.41 -0.21
C MET A 83 7.46 -23.18 -1.70
N ASN A 84 6.41 -22.44 -2.06
CA ASN A 84 6.08 -22.35 -3.47
C ASN A 84 7.09 -21.49 -4.22
N MET A 85 7.52 -20.37 -3.64
CA MET A 85 8.50 -19.55 -4.31
C MET A 85 9.83 -20.28 -4.46
N LEU A 86 10.20 -21.05 -3.45
CA LEU A 86 11.46 -21.79 -3.53
C LEU A 86 11.34 -22.94 -4.53
N LYS A 87 10.26 -23.72 -4.45
CA LYS A 87 10.05 -24.81 -5.41
C LYS A 87 10.13 -24.30 -6.84
N SER A 88 9.41 -23.23 -7.14
CA SER A 88 9.30 -22.72 -8.50
C SER A 88 10.50 -21.90 -8.94
N SER A 89 11.49 -21.67 -8.05
CA SER A 89 12.68 -20.93 -8.46
C SER A 89 13.59 -21.76 -9.36
N PHE A 90 13.41 -23.08 -9.41
CA PHE A 90 14.27 -24.03 -10.11
C PHE A 90 15.68 -24.04 -9.53
N ALA A 91 15.85 -23.53 -8.31
CA ALA A 91 17.16 -23.44 -7.68
C ALA A 91 17.32 -24.36 -6.46
N THR A 92 16.27 -25.09 -6.06
CA THR A 92 16.29 -25.90 -4.85
C THR A 92 16.03 -27.37 -5.17
N CYS A 93 16.49 -28.24 -4.26
CA CYS A 93 16.22 -29.67 -4.39
C CYS A 93 15.65 -30.28 -3.12
N VAL A 94 16.05 -29.76 -1.96
CA VAL A 94 15.58 -30.24 -0.66
C VAL A 94 15.19 -29.04 0.19
N LEU A 95 13.99 -29.10 0.80
CA LEU A 95 13.49 -27.98 1.58
C LEU A 95 13.08 -28.45 2.97
N VAL A 96 13.62 -27.81 4.00
CA VAL A 96 13.32 -28.14 5.37
C VAL A 96 12.65 -26.93 6.00
N SER A 97 11.45 -27.15 6.54
CA SER A 97 10.60 -26.15 7.16
C SER A 97 10.21 -26.60 8.55
N GLU A 98 10.07 -25.63 9.45
CA GLU A 98 9.56 -25.90 10.80
C GLU A 98 8.20 -26.58 10.76
N GLU A 99 7.42 -26.33 9.72
CA GLU A 99 6.04 -26.79 9.66
C GLU A 99 5.90 -28.24 9.21
N ASP A 100 6.97 -28.86 8.70
CA ASP A 100 6.88 -30.19 8.12
C ASP A 100 7.85 -31.14 8.83
N LYS A 101 7.32 -32.29 9.26
CA LYS A 101 8.14 -33.27 9.94
C LYS A 101 9.27 -33.79 9.05
N HIS A 102 8.98 -34.03 7.76
CA HIS A 102 9.97 -34.53 6.81
C HIS A 102 10.42 -33.40 5.87
N ALA A 103 11.61 -33.57 5.31
CA ALA A 103 12.10 -32.65 4.28
C ALA A 103 11.31 -32.83 2.99
N ILE A 104 11.11 -31.71 2.27
CA ILE A 104 10.45 -31.73 0.97
C ILE A 104 11.49 -31.92 -0.12
N ILE A 105 11.29 -32.92 -0.97
CA ILE A 105 12.18 -33.20 -2.08
C ILE A 105 11.54 -32.59 -3.31
N VAL A 106 12.24 -31.62 -3.92
CA VAL A 106 11.67 -30.90 -5.04
C VAL A 106 11.55 -31.83 -6.24
N GLU A 107 10.40 -31.71 -6.93
CA GLU A 107 10.13 -32.53 -8.10
C GLU A 107 11.24 -32.34 -9.14
N PRO A 108 11.53 -33.37 -9.92
CA PRO A 108 12.73 -33.34 -10.78
C PRO A 108 12.80 -32.12 -11.70
N GLU A 109 11.69 -31.75 -12.33
CA GLU A 109 11.72 -30.68 -13.32
C GLU A 109 11.98 -29.31 -12.69
N LYS A 110 11.80 -29.15 -11.38
CA LYS A 110 12.07 -27.89 -10.71
C LYS A 110 13.38 -27.92 -9.92
N ARG A 111 14.15 -29.00 -10.04
CA ARG A 111 15.25 -29.25 -9.13
C ARG A 111 16.46 -28.36 -9.45
N GLY A 112 17.02 -27.73 -8.41
CA GLY A 112 18.27 -26.98 -8.51
C GLY A 112 19.27 -27.50 -7.50
N LYS A 113 20.33 -26.74 -7.19
CA LYS A 113 21.46 -27.28 -6.46
C LYS A 113 21.50 -26.86 -4.98
N TYR A 114 20.48 -26.16 -4.48
CA TYR A 114 20.56 -25.56 -3.15
C TYR A 114 19.58 -26.21 -2.18
N VAL A 115 20.01 -26.31 -0.91
CA VAL A 115 19.19 -26.83 0.18
C VAL A 115 18.81 -25.66 1.08
N VAL A 116 17.54 -25.50 1.38
CA VAL A 116 17.08 -24.38 2.18
C VAL A 116 16.38 -24.90 3.43
N CYS A 117 16.82 -24.42 4.58
CA CYS A 117 16.16 -24.63 5.85
C CYS A 117 15.59 -23.28 6.28
N PHE A 118 14.32 -23.25 6.62
CA PHE A 118 13.72 -21.98 6.97
C PHE A 118 12.63 -22.16 8.03
N ASP A 119 12.48 -21.11 8.85
CA ASP A 119 11.34 -20.93 9.73
C ASP A 119 10.41 -19.89 9.12
N PRO A 120 9.27 -20.27 8.55
CA PRO A 120 8.46 -19.30 7.79
C PRO A 120 7.93 -18.13 8.61
N LEU A 121 7.50 -18.33 9.85
CA LEU A 121 7.05 -17.17 10.63
C LEU A 121 7.36 -17.41 12.10
N ASP A 122 8.64 -17.33 12.46
CA ASP A 122 9.05 -17.53 13.84
C ASP A 122 8.43 -16.50 14.77
N GLY A 123 8.02 -16.96 15.94
CA GLY A 123 7.36 -16.12 16.94
C GLY A 123 5.87 -15.98 16.77
N SER A 124 5.27 -16.63 15.76
CA SER A 124 3.86 -16.45 15.42
C SER A 124 2.89 -17.05 16.42
N SER A 125 3.31 -17.99 17.27
CA SER A 125 2.39 -18.52 18.26
C SER A 125 1.83 -17.43 19.17
N ASN A 126 2.54 -16.30 19.28
CA ASN A 126 2.13 -15.15 20.08
C ASN A 126 1.70 -13.95 19.22
N ILE A 127 1.45 -14.16 17.92
CA ILE A 127 1.14 -13.03 17.04
C ILE A 127 -0.20 -12.38 17.38
N ASP A 128 -0.98 -13.01 18.25
CA ASP A 128 -2.22 -12.40 18.73
C ASP A 128 -1.97 -11.09 19.45
N CYS A 129 -0.77 -10.89 20.02
CA CYS A 129 -0.47 -9.63 20.67
C CYS A 129 0.30 -8.67 19.77
N LEU A 130 0.44 -9.00 18.48
CA LEU A 130 1.15 -8.18 17.49
C LEU A 130 2.65 -8.04 17.79
N VAL A 131 3.23 -8.96 18.56
CA VAL A 131 4.67 -9.03 18.79
C VAL A 131 5.36 -9.08 17.43
N SER A 132 6.60 -8.57 17.35
CA SER A 132 7.40 -8.74 16.15
C SER A 132 7.55 -10.22 15.80
N VAL A 133 7.45 -10.51 14.50
CA VAL A 133 7.68 -11.86 14.01
C VAL A 133 8.69 -11.75 12.88
N GLY A 134 9.14 -12.90 12.39
CA GLY A 134 10.16 -12.89 11.37
C GLY A 134 10.26 -14.22 10.66
N THR A 135 10.99 -14.21 9.56
CA THR A 135 11.30 -15.39 8.75
C THR A 135 12.81 -15.58 8.80
N ILE A 136 13.25 -16.82 9.03
CA ILE A 136 14.66 -17.16 9.14
C ILE A 136 14.99 -18.18 8.06
N PHE A 137 16.14 -18.07 7.44
CA PHE A 137 16.51 -19.01 6.39
C PHE A 137 18.01 -19.34 6.40
N GLY A 138 18.33 -20.57 5.98
CA GLY A 138 19.70 -20.97 5.77
C GLY A 138 19.79 -21.73 4.46
N ILE A 139 20.80 -21.41 3.64
CA ILE A 139 20.97 -21.96 2.29
C ILE A 139 22.28 -22.72 2.21
N TYR A 140 22.20 -23.98 1.80
CA TYR A 140 23.35 -24.85 1.56
C TYR A 140 23.42 -25.27 0.09
N ARG A 141 24.62 -25.63 -0.35
CA ARG A 141 24.81 -26.36 -1.60
C ARG A 141 24.67 -27.85 -1.30
N LYS A 142 23.93 -28.55 -2.15
CA LYS A 142 23.86 -30.00 -2.03
C LYS A 142 25.25 -30.58 -2.25
N LYS A 143 25.70 -31.43 -1.31
CA LYS A 143 27.07 -31.91 -1.31
C LYS A 143 27.26 -33.20 -2.11
N SER A 144 26.35 -34.14 -2.01
CA SER A 144 26.57 -35.45 -2.61
C SER A 144 25.87 -35.56 -3.97
N THR A 145 26.31 -36.53 -4.76
CA THR A 145 25.72 -36.83 -6.05
C THR A 145 24.56 -37.82 -5.95
N ASP A 146 24.28 -38.33 -4.76
CA ASP A 146 23.11 -39.17 -4.53
C ASP A 146 21.82 -38.42 -4.86
N GLU A 147 20.76 -39.18 -5.09
CA GLU A 147 19.43 -38.59 -5.22
C GLU A 147 19.13 -37.73 -4.01
N PRO A 148 18.54 -36.55 -4.20
CA PRO A 148 18.33 -35.65 -3.06
C PRO A 148 17.42 -36.25 -1.99
N SER A 149 17.75 -36.00 -0.74
CA SER A 149 16.98 -36.56 0.37
C SER A 149 17.24 -35.72 1.61
N GLU A 150 16.56 -36.08 2.71
CA GLU A 150 16.71 -35.37 3.98
C GLU A 150 18.17 -35.23 4.38
N LYS A 151 19.01 -36.22 4.03
CA LYS A 151 20.40 -36.23 4.45
C LYS A 151 21.12 -34.95 4.04
N ASP A 152 20.69 -34.34 2.91
CA ASP A 152 21.34 -33.15 2.39
C ASP A 152 21.15 -31.91 3.26
N ALA A 153 20.18 -31.93 4.16
CA ALA A 153 20.05 -30.83 5.10
C ALA A 153 20.83 -31.07 6.37
N LEU A 154 21.49 -32.21 6.48
CA LEU A 154 22.22 -32.56 7.69
C LEU A 154 23.67 -32.14 7.59
N GLN A 155 23.87 -30.85 7.32
CA GLN A 155 25.17 -30.22 7.19
C GLN A 155 25.37 -29.26 8.36
N PRO A 156 26.60 -29.12 8.83
CA PRO A 156 26.87 -28.13 9.87
C PRO A 156 26.76 -26.71 9.35
N GLY A 157 26.38 -25.80 10.25
CA GLY A 157 26.24 -24.39 9.91
C GLY A 157 27.46 -23.80 9.22
N ARG A 158 28.64 -24.40 9.43
CA ARG A 158 29.85 -24.01 8.71
C ARG A 158 29.66 -24.05 7.20
N ASN A 159 28.81 -24.95 6.70
CA ASN A 159 28.67 -25.12 5.26
C ASN A 159 27.71 -24.13 4.63
N LEU A 160 27.09 -23.26 5.43
CA LEU A 160 26.13 -22.32 4.89
C LEU A 160 26.76 -21.47 3.79
N VAL A 161 25.99 -21.26 2.73
CA VAL A 161 26.34 -20.34 1.67
C VAL A 161 25.84 -18.94 1.98
N ALA A 162 24.64 -18.87 2.57
CA ALA A 162 23.95 -17.63 2.85
C ALA A 162 22.93 -17.93 3.92
N ALA A 163 22.58 -16.89 4.68
CA ALA A 163 21.63 -17.02 5.75
C ALA A 163 21.11 -15.64 6.12
N GLY A 164 19.96 -15.62 6.77
CA GLY A 164 19.51 -14.37 7.32
C GLY A 164 18.07 -14.47 7.79
N TYR A 165 17.43 -13.32 7.81
CA TYR A 165 16.10 -13.26 8.35
C TYR A 165 15.41 -12.01 7.85
N ALA A 166 14.09 -12.09 7.83
CA ALA A 166 13.24 -10.93 7.64
C ALA A 166 12.59 -10.64 8.98
N LEU A 167 12.69 -9.41 9.42
CA LEU A 167 12.06 -9.00 10.66
C LEU A 167 10.83 -8.19 10.28
N TYR A 168 9.66 -8.66 10.70
CA TYR A 168 8.40 -7.91 10.55
C TYR A 168 8.12 -7.22 11.87
N GLY A 169 8.78 -6.08 12.06
CA GLY A 169 8.63 -5.30 13.28
C GLY A 169 7.92 -4.00 12.99
N SER A 170 8.38 -2.91 13.62
CA SER A 170 7.83 -1.60 13.28
C SER A 170 7.96 -1.33 11.79
N ALA A 171 9.03 -1.83 11.18
CA ALA A 171 9.15 -1.91 9.74
C ALA A 171 9.63 -3.32 9.40
N THR A 172 9.68 -3.63 8.12
CA THR A 172 10.16 -4.92 7.64
C THR A 172 11.59 -4.78 7.17
N MET A 173 12.48 -5.62 7.70
CA MET A 173 13.86 -5.58 7.29
C MET A 173 14.34 -6.97 6.94
N LEU A 174 15.08 -7.08 5.84
CA LEU A 174 15.75 -8.31 5.47
C LEU A 174 17.24 -8.18 5.74
N VAL A 175 17.75 -9.06 6.59
CA VAL A 175 19.17 -9.11 6.89
C VAL A 175 19.73 -10.32 6.18
N LEU A 176 20.64 -10.07 5.25
CA LEU A 176 21.21 -11.11 4.40
C LEU A 176 22.70 -11.20 4.67
N ALA A 177 23.16 -12.36 5.13
CA ALA A 177 24.55 -12.59 5.43
C ALA A 177 25.11 -13.59 4.42
N MET A 178 26.24 -13.23 3.82
CA MET A 178 27.00 -14.12 2.95
C MET A 178 28.47 -13.96 3.28
N ASP A 179 29.34 -14.63 2.51
CA ASP A 179 30.78 -14.50 2.76
C ASP A 179 31.23 -13.05 2.82
N CYS A 180 30.65 -12.20 1.97
CA CYS A 180 31.02 -10.79 1.94
C CYS A 180 30.55 -10.00 3.16
N GLY A 181 29.83 -10.61 4.09
CA GLY A 181 29.38 -9.90 5.27
C GLY A 181 27.88 -9.83 5.43
N VAL A 182 27.40 -8.96 6.32
CA VAL A 182 25.99 -8.84 6.64
C VAL A 182 25.47 -7.53 6.08
N ASN A 183 24.34 -7.59 5.39
CA ASN A 183 23.72 -6.42 4.83
C ASN A 183 22.25 -6.36 5.20
N CYS A 184 21.78 -5.14 5.48
CA CYS A 184 20.43 -4.93 5.99
C CYS A 184 19.66 -4.16 4.93
N PHE A 185 18.54 -4.75 4.49
CA PHE A 185 17.72 -4.13 3.47
C PHE A 185 16.36 -3.80 4.09
N MET A 186 15.95 -2.55 3.97
CA MET A 186 14.65 -2.10 4.48
C MET A 186 13.61 -2.25 3.38
N LEU A 187 12.46 -2.81 3.74
CA LEU A 187 11.35 -2.99 2.81
C LEU A 187 10.58 -1.68 2.69
N ASP A 188 10.53 -1.13 1.48
CA ASP A 188 9.69 0.04 1.23
C ASP A 188 8.34 -0.46 0.72
N PRO A 189 7.29 -0.44 1.55
CA PRO A 189 6.00 -0.97 1.09
C PRO A 189 5.43 -0.20 -0.10
N ALA A 190 5.73 1.10 -0.24
CA ALA A 190 5.18 1.87 -1.34
C ALA A 190 5.55 1.26 -2.68
N ILE A 191 6.73 0.65 -2.77
CA ILE A 191 7.21 0.11 -4.04
C ILE A 191 7.68 -1.33 -3.94
N GLY A 192 7.55 -1.97 -2.78
CA GLY A 192 7.93 -3.36 -2.66
C GLY A 192 9.36 -3.62 -3.10
N GLU A 193 10.28 -2.86 -2.55
CA GLU A 193 11.69 -3.01 -2.85
C GLU A 193 12.43 -3.02 -1.53
N PHE A 194 13.39 -3.93 -1.39
CA PHE A 194 14.26 -3.94 -0.24
C PHE A 194 15.42 -3.00 -0.52
N ILE A 195 15.51 -1.92 0.24
CA ILE A 195 16.50 -0.89 0.03
C ILE A 195 17.66 -1.17 0.96
N LEU A 196 18.87 -1.25 0.40
CA LEU A 196 20.07 -1.42 1.20
C LEU A 196 20.26 -0.17 2.06
N VAL A 197 20.20 -0.34 3.38
CA VAL A 197 20.37 0.78 4.30
C VAL A 197 21.53 0.58 5.26
N ASP A 198 22.04 -0.63 5.45
CA ASP A 198 23.23 -0.84 6.28
C ASP A 198 24.14 -1.86 5.61
N LYS A 199 25.32 -1.41 5.21
CA LYS A 199 26.28 -2.24 4.51
C LYS A 199 27.27 -2.82 5.51
N ASP A 200 27.62 -4.09 5.30
CA ASP A 200 28.73 -4.76 5.99
C ASP A 200 28.75 -4.45 7.48
N VAL A 201 27.63 -4.76 8.13
CA VAL A 201 27.40 -4.37 9.51
C VAL A 201 28.18 -5.28 10.45
N LYS A 202 28.69 -4.69 11.54
CA LYS A 202 29.45 -5.37 12.57
C LYS A 202 28.84 -5.06 13.93
N ILE A 203 28.80 -6.07 14.81
CA ILE A 203 28.24 -5.91 16.13
C ILE A 203 29.27 -5.24 17.05
N LYS A 204 28.77 -4.51 18.05
CA LYS A 204 29.64 -3.94 19.09
C LYS A 204 30.44 -5.06 19.76
N LYS A 205 31.67 -4.73 20.14
CA LYS A 205 32.52 -5.67 20.85
C LYS A 205 31.93 -6.06 22.20
N LYS A 206 31.25 -5.12 22.86
CA LYS A 206 30.64 -5.37 24.16
C LYS A 206 29.36 -4.55 24.25
N GLY A 207 28.29 -5.17 24.75
CA GLY A 207 27.01 -4.52 24.89
C GLY A 207 26.63 -4.26 26.34
N LYS A 208 25.41 -3.78 26.51
CA LYS A 208 24.87 -3.44 27.83
C LYS A 208 23.45 -3.96 28.02
N ILE A 209 23.06 -4.98 27.26
CA ILE A 209 21.75 -5.58 27.38
C ILE A 209 21.93 -7.09 27.44
N TYR A 210 21.14 -7.76 28.27
CA TYR A 210 21.10 -9.21 28.27
C TYR A 210 19.65 -9.64 28.04
N SER A 211 19.47 -10.77 27.37
CA SER A 211 18.16 -11.12 26.82
C SER A 211 17.90 -12.61 26.98
N LEU A 212 17.01 -12.96 27.90
CA LEU A 212 16.54 -14.33 28.09
C LEU A 212 15.29 -14.28 28.97
N ASN A 213 14.58 -15.40 29.01
CA ASN A 213 13.38 -15.55 29.82
C ASN A 213 13.81 -15.78 31.26
N GLU A 214 13.84 -14.73 32.08
CA GLU A 214 14.18 -14.91 33.48
C GLU A 214 13.06 -15.53 34.32
N GLY A 215 11.87 -15.72 33.76
CA GLY A 215 10.80 -16.34 34.50
C GLY A 215 11.05 -17.79 34.86
N TYR A 216 11.93 -18.46 34.11
CA TYR A 216 12.27 -19.85 34.38
C TYR A 216 13.56 -19.97 35.19
N ALA A 217 13.88 -18.94 35.98
CA ALA A 217 15.13 -18.89 36.74
C ALA A 217 15.33 -20.10 37.64
N LYS A 218 14.24 -20.70 38.14
CA LYS A 218 14.42 -21.81 39.06
C LYS A 218 14.99 -23.05 38.34
N ASP A 219 14.89 -23.10 37.01
CA ASP A 219 15.45 -24.18 36.22
C ASP A 219 16.81 -23.85 35.61
N PHE A 220 17.33 -22.64 35.83
CA PHE A 220 18.57 -22.22 35.19
C PHE A 220 19.73 -23.16 35.52
N ASP A 221 20.58 -23.39 34.53
CA ASP A 221 21.88 -23.94 34.78
C ASP A 221 22.63 -23.02 35.75
N PRO A 222 23.48 -23.56 36.62
CA PRO A 222 24.21 -22.70 37.56
C PRO A 222 25.06 -21.62 36.90
N ALA A 223 25.66 -21.90 35.74
CA ALA A 223 26.42 -20.88 35.03
C ALA A 223 25.53 -19.75 34.55
N VAL A 224 24.33 -20.08 34.07
CA VAL A 224 23.40 -19.03 33.65
C VAL A 224 23.02 -18.17 34.84
N THR A 225 22.69 -18.80 35.97
CA THR A 225 22.34 -18.04 37.18
C THR A 225 23.45 -17.08 37.57
N GLU A 226 24.69 -17.57 37.56
CA GLU A 226 25.82 -16.72 37.97
C GLU A 226 26.06 -15.59 36.99
N TYR A 227 26.02 -15.88 35.69
CA TYR A 227 26.27 -14.83 34.70
C TYR A 227 25.19 -13.75 34.73
N ILE A 228 23.92 -14.14 34.90
CA ILE A 228 22.87 -13.14 35.00
C ILE A 228 23.04 -12.32 36.27
N GLN A 229 23.47 -12.99 37.35
CA GLN A 229 23.75 -12.30 38.61
C GLN A 229 24.82 -11.24 38.42
N ARG A 230 25.82 -11.53 37.59
CA ARG A 230 26.87 -10.56 37.30
C ARG A 230 26.35 -9.38 36.49
N LYS A 231 25.33 -9.60 35.65
CA LYS A 231 24.79 -8.51 34.85
C LYS A 231 23.96 -7.56 35.70
N LYS A 232 23.23 -8.07 36.68
CA LYS A 232 22.45 -7.20 37.55
C LYS A 232 23.27 -6.63 38.69
N PHE A 233 24.29 -7.37 39.15
CA PHE A 233 25.13 -6.97 40.27
C PHE A 233 26.58 -7.07 39.85
N PRO A 234 27.07 -6.13 39.04
CA PRO A 234 28.43 -6.24 38.53
C PRO A 234 29.43 -6.13 39.66
N PRO A 235 30.34 -7.10 39.78
CA PRO A 235 31.32 -7.04 40.87
C PRO A 235 32.25 -5.84 40.84
N ASP A 236 32.52 -5.25 39.67
CA ASP A 236 33.57 -4.25 39.50
C ASP A 236 33.07 -2.82 39.48
N ASN A 237 31.94 -2.53 40.12
CA ASN A 237 31.41 -1.16 40.18
C ASN A 237 31.14 -0.60 38.79
N SER A 238 30.80 -1.47 37.83
CA SER A 238 30.29 -0.99 36.55
C SER A 238 28.76 -0.97 36.60
N ALA A 239 28.16 -0.36 35.59
CA ALA A 239 26.71 -0.24 35.56
C ALA A 239 26.08 -1.61 35.32
N PRO A 240 24.99 -1.94 36.03
CA PRO A 240 24.25 -3.14 35.68
C PRO A 240 23.77 -3.05 34.23
N TYR A 241 23.67 -4.20 33.58
CA TYR A 241 23.09 -4.26 32.25
C TYR A 241 21.59 -4.02 32.32
N GLY A 242 21.05 -3.45 31.24
CA GLY A 242 19.61 -3.48 31.04
C GLY A 242 19.14 -4.82 30.50
N ALA A 243 17.87 -5.14 30.74
CA ALA A 243 17.28 -6.38 30.30
C ALA A 243 16.19 -6.12 29.26
N ARG A 244 16.20 -6.89 28.18
CA ARG A 244 15.12 -6.88 27.20
C ARG A 244 14.84 -8.32 26.80
N TYR A 245 13.56 -8.67 26.67
CA TYR A 245 13.22 -10.01 26.18
C TYR A 245 11.87 -9.91 25.46
N VAL A 246 11.93 -9.83 24.14
CA VAL A 246 10.71 -9.76 23.35
C VAL A 246 9.98 -11.10 23.34
N GLY A 247 10.73 -12.21 23.38
CA GLY A 247 10.14 -13.53 23.26
C GLY A 247 9.98 -14.00 21.84
N SER A 248 10.34 -13.19 20.87
CA SER A 248 10.36 -13.57 19.47
C SER A 248 11.82 -13.48 19.04
N MET A 249 12.38 -14.61 18.58
CA MET A 249 13.83 -14.74 18.42
C MET A 249 14.40 -13.72 17.44
N VAL A 250 13.71 -13.49 16.31
CA VAL A 250 14.24 -12.58 15.31
C VAL A 250 14.34 -11.17 15.87
N ALA A 251 13.35 -10.74 16.65
CA ALA A 251 13.41 -9.41 17.22
C ALA A 251 14.55 -9.30 18.24
N ASP A 252 14.72 -10.31 19.08
CA ASP A 252 15.77 -10.26 20.09
C ASP A 252 17.14 -10.34 19.45
N VAL A 253 17.31 -11.22 18.46
CA VAL A 253 18.60 -11.30 17.78
C VAL A 253 18.88 -9.99 17.04
N HIS A 254 17.88 -9.45 16.34
CA HIS A 254 18.14 -8.23 15.58
C HIS A 254 18.51 -7.06 16.48
N ARG A 255 17.81 -6.93 17.62
CA ARG A 255 18.21 -5.94 18.61
C ARG A 255 19.63 -6.22 19.07
N THR A 256 19.96 -7.49 19.31
CA THR A 256 21.32 -7.84 19.69
C THR A 256 22.31 -7.40 18.62
N LEU A 257 21.97 -7.59 17.35
CA LEU A 257 22.86 -7.19 16.27
C LEU A 257 23.05 -5.68 16.24
N VAL A 258 21.98 -4.92 16.41
CA VAL A 258 22.07 -3.47 16.27
C VAL A 258 22.65 -2.82 17.53
N TYR A 259 22.21 -3.24 18.71
CA TYR A 259 22.63 -2.57 19.94
C TYR A 259 23.75 -3.27 20.67
N GLY A 260 24.08 -4.50 20.31
CA GLY A 260 25.04 -5.25 21.08
C GLY A 260 24.40 -5.87 22.29
N GLY A 261 25.18 -6.71 22.96
CA GLY A 261 24.71 -7.42 24.12
C GLY A 261 24.76 -8.91 23.88
N ILE A 262 23.91 -9.62 24.59
CA ILE A 262 23.94 -11.08 24.57
C ILE A 262 22.50 -11.59 24.61
N PHE A 263 22.24 -12.62 23.81
CA PHE A 263 20.96 -13.30 23.76
C PHE A 263 21.21 -14.74 24.15
N LEU A 264 20.40 -15.26 25.07
CA LEU A 264 20.60 -16.60 25.60
C LEU A 264 19.31 -17.39 25.50
N TYR A 265 19.40 -18.58 24.92
CA TYR A 265 18.39 -19.62 25.08
C TYR A 265 19.18 -20.87 25.42
N PRO A 266 19.63 -20.99 26.66
CA PRO A 266 20.59 -22.03 27.01
C PRO A 266 19.94 -23.34 27.45
N ALA A 267 20.78 -24.35 27.57
CA ALA A 267 20.35 -25.63 28.11
C ALA A 267 20.08 -25.51 29.61
N ASN A 268 19.19 -26.36 30.10
CA ASN A 268 18.99 -26.54 31.52
C ASN A 268 18.82 -28.03 31.79
N LYS A 269 18.51 -28.40 33.03
CA LYS A 269 18.36 -29.82 33.36
C LYS A 269 17.14 -30.43 32.66
N LYS A 270 16.06 -29.66 32.55
CA LYS A 270 14.85 -30.12 31.88
C LYS A 270 14.99 -30.13 30.36
N SER A 271 15.94 -29.40 29.79
CA SER A 271 16.11 -29.27 28.34
C SER A 271 17.60 -29.27 28.01
N PRO A 272 18.24 -30.44 28.00
CA PRO A 272 19.69 -30.50 27.81
C PRO A 272 20.17 -29.98 26.46
N ASN A 273 19.30 -29.89 25.46
CA ASN A 273 19.69 -29.37 24.15
C ASN A 273 19.08 -27.99 23.87
N GLY A 274 18.60 -27.28 24.89
CA GLY A 274 17.92 -26.04 24.60
C GLY A 274 16.53 -26.29 24.06
N LYS A 275 15.89 -25.19 23.66
CA LYS A 275 14.57 -25.28 23.03
C LYS A 275 14.57 -24.93 21.55
N LEU A 276 15.41 -24.00 21.11
CA LEU A 276 15.39 -23.56 19.72
C LEU A 276 15.93 -24.64 18.77
N ARG A 277 15.49 -24.57 17.50
CA ARG A 277 15.86 -25.57 16.51
C ARG A 277 17.17 -25.18 15.81
N LEU A 278 18.01 -26.19 15.58
CA LEU A 278 19.35 -25.94 15.05
C LEU A 278 19.32 -25.52 13.59
N LEU A 279 18.49 -26.18 12.78
CA LEU A 279 18.64 -26.10 11.33
C LEU A 279 18.15 -24.75 10.79
N TYR A 280 16.99 -24.29 11.25
CA TYR A 280 16.36 -23.10 10.70
C TYR A 280 16.19 -21.98 11.72
N GLU A 281 16.78 -22.12 12.91
CA GLU A 281 16.78 -20.98 13.82
C GLU A 281 18.18 -20.69 14.32
N CYS A 282 18.83 -21.68 14.93
CA CYS A 282 20.14 -21.43 15.55
C CYS A 282 21.22 -21.19 14.50
N ASN A 283 21.35 -22.08 13.52
CA ASN A 283 22.42 -21.92 12.53
C ASN A 283 22.35 -20.57 11.82
N PRO A 284 21.23 -20.14 11.24
CA PRO A 284 21.22 -18.83 10.57
C PRO A 284 21.56 -17.66 11.47
N MET A 285 21.06 -17.64 12.70
CA MET A 285 21.42 -16.53 13.60
C MET A 285 22.90 -16.60 13.97
N ALA A 286 23.43 -17.81 14.20
CA ALA A 286 24.85 -17.97 14.47
C ALA A 286 25.69 -17.51 13.27
N TYR A 287 25.23 -17.85 12.05
CA TYR A 287 25.95 -17.47 10.84
C TYR A 287 25.92 -15.95 10.65
N VAL A 288 24.76 -15.31 10.89
CA VAL A 288 24.69 -13.85 10.84
C VAL A 288 25.62 -13.23 11.88
N MET A 289 25.57 -13.75 13.12
CA MET A 289 26.39 -13.21 14.20
C MET A 289 27.87 -13.31 13.89
N GLU A 290 28.31 -14.44 13.38
CA GLU A 290 29.74 -14.61 13.08
C GLU A 290 30.16 -13.75 11.88
N LYS A 291 29.31 -13.63 10.86
CA LYS A 291 29.67 -12.75 9.76
C LYS A 291 29.72 -11.29 10.21
N ALA A 292 28.99 -10.95 11.26
CA ALA A 292 29.02 -9.61 11.83
C ALA A 292 30.09 -9.43 12.92
N GLY A 293 31.02 -10.39 13.06
CA GLY A 293 32.02 -10.26 14.09
C GLY A 293 31.54 -10.58 15.49
N GLY A 294 30.39 -11.25 15.63
CA GLY A 294 29.92 -11.71 16.91
C GLY A 294 30.21 -13.18 17.14
N MET A 295 29.62 -13.72 18.20
CA MET A 295 29.78 -15.13 18.51
C MET A 295 28.44 -15.77 18.82
N ALA A 296 28.42 -17.08 18.66
CA ALA A 296 27.25 -17.87 19.01
C ALA A 296 27.74 -19.24 19.40
N THR A 297 27.48 -19.65 20.64
CA THR A 297 27.94 -20.92 21.16
C THR A 297 26.77 -21.67 21.79
N THR A 298 26.95 -22.97 21.95
CA THR A 298 26.05 -23.75 22.80
C THR A 298 26.49 -23.76 24.25
N GLY A 299 27.65 -23.19 24.55
CA GLY A 299 28.27 -23.33 25.85
C GLY A 299 29.46 -24.25 25.71
N LYS A 300 29.29 -25.28 24.88
CA LYS A 300 30.30 -26.30 24.68
C LYS A 300 31.04 -26.18 23.36
N GLU A 301 30.48 -25.46 22.39
CA GLU A 301 31.09 -25.31 21.07
C GLU A 301 30.35 -24.23 20.29
N ALA A 302 30.93 -23.84 19.17
CA ALA A 302 30.23 -22.97 18.26
C ALA A 302 28.99 -23.67 17.70
N VAL A 303 27.89 -22.94 17.64
CA VAL A 303 26.66 -23.45 17.01
C VAL A 303 26.94 -23.95 15.61
N LEU A 304 27.73 -23.19 14.84
CA LEU A 304 28.00 -23.56 13.46
C LEU A 304 28.78 -24.86 13.33
N ASP A 305 29.37 -25.39 14.42
CA ASP A 305 30.13 -26.63 14.35
C ASP A 305 29.32 -27.87 14.74
N VAL A 306 28.12 -27.69 15.30
CA VAL A 306 27.32 -28.86 15.61
C VAL A 306 27.02 -29.56 14.30
N ILE A 307 27.23 -30.88 14.26
CA ILE A 307 26.88 -31.69 13.12
C ILE A 307 25.52 -32.32 13.40
N PRO A 308 24.46 -31.93 12.71
CA PRO A 308 23.12 -32.42 13.06
C PRO A 308 22.90 -33.85 12.61
N THR A 309 22.06 -34.57 13.37
CA THR A 309 21.60 -35.89 13.00
C THR A 309 20.10 -35.94 12.76
N ASP A 310 19.38 -34.87 13.07
CA ASP A 310 17.94 -34.81 12.83
C ASP A 310 17.57 -33.38 12.44
N ILE A 311 16.81 -33.23 11.36
CA ILE A 311 16.55 -31.90 10.84
C ILE A 311 15.82 -31.01 11.84
N HIS A 312 15.09 -31.59 12.79
CA HIS A 312 14.34 -30.82 13.76
C HIS A 312 14.98 -30.81 15.14
N GLN A 313 16.27 -31.12 15.22
CA GLN A 313 16.94 -31.19 16.51
C GLN A 313 17.17 -29.79 17.08
N ARG A 314 17.22 -29.75 18.40
CA ARG A 314 17.35 -28.52 19.16
C ARG A 314 18.80 -28.24 19.50
N ALA A 315 19.09 -26.97 19.76
CA ALA A 315 20.42 -26.57 20.15
C ALA A 315 20.28 -25.45 21.15
N PRO A 316 21.05 -25.46 22.23
CA PRO A 316 21.18 -24.26 23.05
C PRO A 316 22.01 -23.24 22.31
N VAL A 317 21.67 -21.97 22.51
CA VAL A 317 22.33 -20.89 21.80
C VAL A 317 22.53 -19.74 22.77
N ILE A 318 23.76 -19.24 22.81
CA ILE A 318 24.13 -18.02 23.50
C ILE A 318 24.87 -17.19 22.49
N LEU A 319 24.32 -16.03 22.11
CA LEU A 319 24.95 -15.30 21.02
C LEU A 319 24.95 -13.80 21.32
N GLY A 320 25.81 -13.09 20.60
CA GLY A 320 25.88 -11.65 20.68
C GLY A 320 27.29 -11.10 20.66
N SER A 321 27.50 -9.96 21.30
CA SER A 321 28.80 -9.34 21.29
C SER A 321 29.86 -10.32 21.78
N PRO A 322 31.03 -10.39 21.14
CA PRO A 322 32.03 -11.40 21.54
C PRO A 322 32.45 -11.28 23.00
N ASP A 323 32.70 -10.07 23.49
CA ASP A 323 33.12 -9.93 24.88
C ASP A 323 32.06 -10.45 25.84
N ASP A 324 30.79 -10.14 25.58
CA ASP A 324 29.72 -10.66 26.42
C ASP A 324 29.63 -12.18 26.32
N VAL A 325 29.76 -12.72 25.11
CA VAL A 325 29.74 -14.17 24.96
C VAL A 325 30.93 -14.80 25.66
N LEU A 326 32.12 -14.19 25.50
CA LEU A 326 33.31 -14.69 26.18
C LEU A 326 33.15 -14.68 27.68
N GLU A 327 32.58 -13.60 28.23
CA GLU A 327 32.38 -13.58 29.66
C GLU A 327 31.45 -14.70 30.08
N PHE A 328 30.46 -15.02 29.23
CA PHE A 328 29.56 -16.12 29.54
C PHE A 328 30.31 -17.45 29.52
N LEU A 329 31.10 -17.69 28.46
CA LEU A 329 31.82 -18.95 28.36
C LEU A 329 32.81 -19.13 29.51
N LYS A 330 33.42 -18.03 29.97
CA LYS A 330 34.33 -18.15 31.11
C LYS A 330 33.61 -18.59 32.39
N VAL A 331 32.42 -18.04 32.63
CA VAL A 331 31.62 -18.49 33.76
C VAL A 331 31.14 -19.94 33.54
N TYR A 332 30.76 -20.28 32.31
CA TYR A 332 30.29 -21.63 32.01
C TYR A 332 31.40 -22.65 32.25
N GLU A 333 32.62 -22.32 31.80
CA GLU A 333 33.77 -23.18 32.01
C GLU A 333 34.14 -23.28 33.49
N LYS A 334 33.99 -22.18 34.24
CA LYS A 334 34.22 -22.18 35.67
C LYS A 334 33.41 -23.26 36.39
N HIS A 335 32.22 -23.58 35.89
CA HIS A 335 31.37 -24.62 36.45
C HIS A 335 31.65 -25.99 35.84
N SER A 336 32.91 -26.26 35.49
CA SER A 336 33.35 -27.51 34.86
C SER A 336 32.66 -27.74 33.52
N ASP B 10 -22.02 -7.72 11.13
CA ASP B 10 -21.77 -6.56 10.29
C ASP B 10 -20.38 -5.96 10.52
N VAL B 11 -19.68 -5.68 9.42
CA VAL B 11 -18.39 -5.03 9.54
C VAL B 11 -18.55 -3.66 10.18
N ASN B 12 -17.57 -3.28 11.01
CA ASN B 12 -17.65 -1.99 11.69
C ASN B 12 -16.27 -1.32 11.64
N THR B 13 -16.23 -0.04 11.28
CA THR B 13 -14.97 0.70 11.26
C THR B 13 -14.87 1.60 12.49
N LEU B 14 -13.68 2.18 12.67
CA LEU B 14 -13.51 3.18 13.72
C LEU B 14 -14.44 4.37 13.49
N THR B 15 -14.46 4.87 12.24
CA THR B 15 -15.28 6.02 11.91
C THR B 15 -16.77 5.72 12.12
N ARG B 16 -17.20 4.52 11.74
CA ARG B 16 -18.60 4.15 11.93
C ARG B 16 -18.90 3.96 13.40
N PHE B 17 -17.99 3.30 14.13
CA PHE B 17 -18.20 3.03 15.54
C PHE B 17 -18.34 4.32 16.34
N VAL B 18 -17.41 5.26 16.14
CA VAL B 18 -17.38 6.50 16.93
C VAL B 18 -18.62 7.33 16.62
N MET B 19 -18.98 7.38 15.34
CA MET B 19 -20.16 8.12 14.91
C MET B 19 -21.43 7.55 15.52
N GLU B 20 -21.56 6.22 15.58
CA GLU B 20 -22.78 5.65 16.11
C GLU B 20 -22.84 5.78 17.64
N GLU B 21 -21.69 5.76 18.30
CA GLU B 21 -21.68 6.07 19.73
C GLU B 21 -22.02 7.53 19.96
N GLY B 22 -21.58 8.42 19.06
CA GLY B 22 -21.92 9.82 19.22
C GLY B 22 -23.41 10.08 19.07
N ARG B 23 -24.04 9.39 18.12
CA ARG B 23 -25.48 9.54 17.95
C ARG B 23 -26.23 8.95 19.13
N LYS B 24 -25.75 7.83 19.68
CA LYS B 24 -26.33 7.30 20.92
C LYS B 24 -26.34 8.36 22.01
N ALA B 25 -25.21 9.04 22.21
CA ALA B 25 -25.06 10.03 23.25
C ALA B 25 -25.67 11.38 22.90
N ARG B 26 -26.18 11.56 21.68
CA ARG B 26 -26.75 12.83 21.24
C ARG B 26 -25.79 13.99 21.52
N GLY B 27 -24.50 13.76 21.23
CA GLY B 27 -23.50 14.79 21.38
C GLY B 27 -23.40 15.68 20.15
N THR B 28 -22.61 16.76 20.31
CA THR B 28 -22.47 17.72 19.22
C THR B 28 -21.62 17.21 18.06
N GLY B 29 -20.82 16.16 18.26
CA GLY B 29 -19.89 15.69 17.25
C GLY B 29 -18.47 16.19 17.42
N GLU B 30 -18.20 17.01 18.44
CA GLU B 30 -16.86 17.57 18.61
C GLU B 30 -15.84 16.50 18.98
N LEU B 31 -16.25 15.53 19.81
CA LEU B 31 -15.36 14.43 20.16
C LEU B 31 -15.09 13.52 18.97
N THR B 32 -16.12 13.27 18.15
CA THR B 32 -15.94 12.46 16.96
C THR B 32 -14.94 13.08 15.99
N GLN B 33 -14.97 14.41 15.83
CA GLN B 33 -14.00 15.08 14.98
C GLN B 33 -12.59 14.96 15.54
N LEU B 34 -12.47 15.02 16.86
CA LEU B 34 -11.20 14.76 17.51
C LEU B 34 -10.69 13.37 17.15
N LEU B 35 -11.51 12.35 17.38
CA LEU B 35 -11.03 11.00 17.15
C LEU B 35 -10.77 10.74 15.67
N ASN B 36 -11.62 11.29 14.79
CA ASN B 36 -11.36 11.18 13.36
C ASN B 36 -10.02 11.77 13.01
N SER B 37 -9.70 12.93 13.60
CA SER B 37 -8.42 13.58 13.33
C SER B 37 -7.27 12.72 13.80
N LEU B 38 -7.39 12.21 15.04
CA LEU B 38 -6.40 11.32 15.60
C LEU B 38 -6.21 10.07 14.75
N CYS B 39 -7.31 9.47 14.30
CA CYS B 39 -7.25 8.28 13.44
C CYS B 39 -6.47 8.55 12.15
N THR B 40 -6.72 9.70 11.52
CA THR B 40 -5.93 10.07 10.35
C THR B 40 -4.45 10.21 10.71
N ALA B 41 -4.14 10.84 11.85
CA ALA B 41 -2.74 10.98 12.25
C ALA B 41 -2.08 9.62 12.42
N VAL B 42 -2.79 8.66 13.01
CA VAL B 42 -2.23 7.33 13.28
C VAL B 42 -1.96 6.56 11.99
N LYS B 43 -2.86 6.65 11.01
CA LYS B 43 -2.55 6.01 9.74
C LYS B 43 -1.31 6.62 9.11
N ALA B 44 -1.12 7.94 9.27
CA ALA B 44 0.05 8.60 8.71
C ALA B 44 1.32 8.21 9.44
N ILE B 45 1.26 8.11 10.78
CA ILE B 45 2.44 7.67 11.53
C ILE B 45 2.80 6.24 11.17
N SER B 46 1.81 5.34 11.19
CA SER B 46 2.02 3.95 10.81
C SER B 46 2.72 3.82 9.46
N SER B 47 2.23 4.54 8.44
CA SER B 47 2.86 4.46 7.12
C SER B 47 4.32 4.91 7.19
N ALA B 48 4.60 5.97 7.96
CA ALA B 48 5.98 6.44 8.17
C ALA B 48 6.80 5.45 9.01
N VAL B 49 6.16 4.83 10.01
CA VAL B 49 6.85 3.86 10.86
C VAL B 49 7.26 2.64 10.05
N ARG B 50 6.42 2.24 9.09
CA ARG B 50 6.69 1.12 8.20
C ARG B 50 7.65 1.49 7.08
N LYS B 51 8.18 2.71 7.09
CA LYS B 51 9.23 3.17 6.19
C LYS B 51 8.73 3.34 4.77
N ALA B 52 7.44 3.64 4.61
CA ALA B 52 6.96 4.02 3.29
C ALA B 52 7.72 5.23 2.78
N GLY B 53 8.23 5.13 1.55
CA GLY B 53 9.01 6.20 0.98
C GLY B 53 10.49 6.18 1.32
N ILE B 54 10.97 5.17 2.06
CA ILE B 54 12.37 5.16 2.47
C ILE B 54 13.31 5.17 1.27
N ALA B 55 12.86 4.63 0.13
CA ALA B 55 13.67 4.63 -1.09
C ALA B 55 14.07 6.04 -1.51
N HIS B 56 13.15 7.01 -1.33
CA HIS B 56 13.43 8.38 -1.72
C HIS B 56 14.46 9.04 -0.82
N LEU B 57 14.61 8.55 0.42
CA LEU B 57 15.69 9.01 1.28
C LEU B 57 17.04 8.49 0.84
N TYR B 58 17.08 7.31 0.22
CA TYR B 58 18.34 6.70 -0.15
C TYR B 58 18.66 6.90 -1.62
N GLY B 59 18.02 7.88 -2.27
CA GLY B 59 18.44 8.34 -3.58
C GLY B 59 17.82 7.67 -4.78
N ILE B 60 16.63 7.08 -4.65
CA ILE B 60 16.06 6.34 -5.78
C ILE B 60 15.85 7.25 -6.98
N ALA B 61 15.66 8.55 -6.75
CA ALA B 61 15.48 9.51 -7.84
C ALA B 61 16.63 10.51 -7.89
N GLY B 62 17.76 10.23 -7.25
CA GLY B 62 18.90 11.12 -7.27
C GLY B 62 19.21 11.74 -5.92
N LYS B 73 14.12 12.00 13.99
CA LYS B 73 13.33 12.60 12.92
C LYS B 73 11.94 11.96 12.80
N LEU B 74 11.86 10.65 13.02
CA LEU B 74 10.56 9.98 12.97
C LEU B 74 9.67 10.39 14.13
N ASP B 75 10.26 10.66 15.30
CA ASP B 75 9.47 11.10 16.44
C ASP B 75 9.00 12.53 16.24
N VAL B 76 9.79 13.35 15.54
CA VAL B 76 9.36 14.71 15.25
C VAL B 76 8.19 14.70 14.28
N LEU B 77 8.27 13.88 13.22
CA LEU B 77 7.18 13.77 12.28
C LEU B 77 5.88 13.36 12.98
N SER B 78 5.97 12.41 13.90
CA SER B 78 4.78 11.92 14.58
C SER B 78 4.15 13.02 15.40
N ASN B 79 4.95 13.73 16.17
CA ASN B 79 4.44 14.86 16.91
C ASN B 79 3.77 15.86 15.97
N ASP B 80 4.39 16.15 14.82
CA ASP B 80 3.82 17.12 13.90
C ASP B 80 2.48 16.65 13.36
N LEU B 81 2.36 15.35 13.09
CA LEU B 81 1.10 14.81 12.58
C LEU B 81 0.00 14.92 13.62
N VAL B 82 0.30 14.54 14.86
CA VAL B 82 -0.70 14.61 15.92
C VAL B 82 -1.06 16.06 16.22
N MET B 83 -0.06 16.90 16.48
CA MET B 83 -0.31 18.31 16.75
C MET B 83 -1.17 18.91 15.66
N ASN B 84 -0.83 18.64 14.40
CA ASN B 84 -1.52 19.33 13.32
C ASN B 84 -2.94 18.80 13.14
N MET B 85 -3.13 17.48 13.21
CA MET B 85 -4.48 16.91 13.08
C MET B 85 -5.39 17.32 14.24
N LEU B 86 -4.83 17.37 15.46
CA LEU B 86 -5.63 17.78 16.61
C LEU B 86 -6.01 19.26 16.52
N LYS B 87 -5.04 20.13 16.21
CA LYS B 87 -5.33 21.54 16.03
C LYS B 87 -6.45 21.76 15.02
N SER B 88 -6.33 21.11 13.87
CA SER B 88 -7.27 21.32 12.77
C SER B 88 -8.61 20.60 12.97
N SER B 89 -8.75 19.81 14.04
CA SER B 89 -10.05 19.21 14.33
C SER B 89 -11.03 20.24 14.87
N PHE B 90 -10.55 21.40 15.33
CA PHE B 90 -11.37 22.43 15.97
C PHE B 90 -11.98 21.93 17.28
N ALA B 91 -11.42 20.86 17.86
CA ALA B 91 -11.96 20.27 19.07
C ALA B 91 -11.07 20.43 20.29
N THR B 92 -9.87 21.00 20.13
CA THR B 92 -8.93 21.02 21.24
C THR B 92 -8.56 22.45 21.61
N CYS B 93 -8.11 22.59 22.86
CA CYS B 93 -7.65 23.89 23.34
C CYS B 93 -6.27 23.77 23.94
N VAL B 94 -5.99 22.65 24.60
CA VAL B 94 -4.69 22.43 25.22
C VAL B 94 -4.14 21.08 24.78
N LEU B 95 -2.89 21.07 24.35
CA LEU B 95 -2.23 19.88 23.86
C LEU B 95 -0.95 19.70 24.66
N VAL B 96 -0.79 18.51 25.25
CA VAL B 96 0.41 18.17 26.00
C VAL B 96 1.08 17.01 25.29
N SER B 97 2.33 17.18 24.94
CA SER B 97 3.07 16.17 24.21
C SER B 97 4.36 15.84 24.92
N GLU B 98 4.78 14.59 24.76
CA GLU B 98 6.11 14.20 25.23
C GLU B 98 7.21 15.06 24.57
N GLU B 99 6.98 15.55 23.35
CA GLU B 99 8.05 16.25 22.64
C GLU B 99 8.18 17.73 23.03
N ASP B 100 7.20 18.31 23.72
CA ASP B 100 7.18 19.74 23.97
C ASP B 100 7.27 20.00 25.46
N LYS B 101 8.20 20.87 25.86
CA LYS B 101 8.41 21.18 27.27
C LYS B 101 7.17 21.81 27.91
N HIS B 102 6.55 22.75 27.22
CA HIS B 102 5.34 23.40 27.71
C HIS B 102 4.14 22.89 26.92
N ALA B 103 2.96 23.04 27.50
CA ALA B 103 1.76 22.69 26.76
C ALA B 103 1.55 23.66 25.60
N ILE B 104 1.00 23.15 24.52
CA ILE B 104 0.64 23.95 23.37
C ILE B 104 -0.78 24.46 23.57
N ILE B 105 -0.98 25.77 23.46
CA ILE B 105 -2.31 26.37 23.56
C ILE B 105 -2.81 26.61 22.15
N VAL B 106 -3.94 26.00 21.81
CA VAL B 106 -4.48 26.15 20.47
C VAL B 106 -4.93 27.59 20.26
N GLU B 107 -4.61 28.12 19.08
CA GLU B 107 -4.98 29.50 18.74
C GLU B 107 -6.50 29.66 18.74
N PRO B 108 -7.02 30.84 19.10
CA PRO B 108 -8.47 30.97 19.35
C PRO B 108 -9.37 30.49 18.23
N GLU B 109 -9.01 30.73 16.97
CA GLU B 109 -9.90 30.39 15.85
C GLU B 109 -10.03 28.89 15.62
N LYS B 110 -9.13 28.07 16.16
CA LYS B 110 -9.22 26.61 16.07
C LYS B 110 -9.58 25.98 17.41
N ARG B 111 -9.91 26.78 18.42
CA ARG B 111 -10.03 26.30 19.80
C ARG B 111 -11.32 25.52 20.02
N GLY B 112 -11.19 24.36 20.64
CA GLY B 112 -12.33 23.55 21.05
C GLY B 112 -12.30 23.27 22.53
N LYS B 113 -13.05 22.28 23.00
CA LYS B 113 -13.28 22.11 24.43
C LYS B 113 -12.49 20.96 25.06
N TYR B 114 -11.63 20.27 24.31
CA TYR B 114 -10.98 19.06 24.81
C TYR B 114 -9.50 19.27 25.03
N VAL B 115 -8.98 18.63 26.06
CA VAL B 115 -7.57 18.64 26.41
C VAL B 115 -6.99 17.28 26.09
N VAL B 116 -5.91 17.27 25.31
CA VAL B 116 -5.30 16.03 24.84
C VAL B 116 -3.85 16.00 25.31
N CYS B 117 -3.48 14.90 25.97
CA CYS B 117 -2.11 14.59 26.33
C CYS B 117 -1.70 13.37 25.51
N PHE B 118 -0.57 13.45 24.82
CA PHE B 118 -0.20 12.31 23.98
C PHE B 118 1.30 12.10 23.97
N ASP B 119 1.69 10.85 23.78
CA ASP B 119 3.06 10.49 23.45
C ASP B 119 3.06 10.09 21.97
N PRO B 120 3.56 10.93 21.08
CA PRO B 120 3.37 10.65 19.65
C PRO B 120 4.07 9.39 19.18
N LEU B 121 5.25 9.06 19.72
CA LEU B 121 5.93 7.83 19.29
C LEU B 121 6.69 7.23 20.47
N ASP B 122 5.93 6.67 21.41
CA ASP B 122 6.53 6.03 22.57
C ASP B 122 7.41 4.86 22.18
N GLY B 123 8.58 4.78 22.81
CA GLY B 123 9.54 3.74 22.55
C GLY B 123 10.48 4.01 21.39
N SER B 124 10.38 5.19 20.76
CA SER B 124 11.13 5.45 19.54
C SER B 124 12.63 5.58 19.78
N SER B 125 13.07 5.85 21.02
CA SER B 125 14.50 5.94 21.29
C SER B 125 15.23 4.66 20.94
N ASN B 126 14.52 3.52 20.90
CA ASN B 126 15.08 2.24 20.53
C ASN B 126 14.54 1.75 19.18
N ILE B 127 13.94 2.64 18.39
CA ILE B 127 13.37 2.26 17.10
C ILE B 127 14.44 1.84 16.09
N ASP B 128 15.72 2.06 16.41
CA ASP B 128 16.80 1.64 15.53
C ASP B 128 16.78 0.13 15.28
N CYS B 129 16.28 -0.64 16.25
CA CYS B 129 16.17 -2.09 16.14
C CYS B 129 14.77 -2.55 15.73
N LEU B 130 13.95 -1.63 15.22
CA LEU B 130 12.64 -1.96 14.68
C LEU B 130 11.71 -2.53 15.74
N VAL B 131 11.96 -2.23 17.01
CA VAL B 131 11.05 -2.57 18.09
C VAL B 131 9.68 -1.99 17.78
N SER B 132 8.62 -2.64 18.26
CA SER B 132 7.29 -2.05 18.23
C SER B 132 7.32 -0.68 18.90
N VAL B 133 6.60 0.25 18.31
CA VAL B 133 6.44 1.58 18.86
C VAL B 133 4.94 1.89 18.85
N GLY B 134 4.58 3.01 19.44
CA GLY B 134 3.17 3.30 19.51
C GLY B 134 2.89 4.75 19.84
N THR B 135 1.62 5.10 19.70
CA THR B 135 1.16 6.42 20.09
C THR B 135 0.17 6.26 21.24
N ILE B 136 0.31 7.08 22.26
CA ILE B 136 -0.56 7.02 23.42
C ILE B 136 -1.24 8.37 23.59
N PHE B 137 -2.53 8.35 23.92
CA PHE B 137 -3.27 9.59 24.02
C PHE B 137 -4.27 9.51 25.18
N GLY B 138 -4.53 10.67 25.79
CA GLY B 138 -5.58 10.79 26.77
C GLY B 138 -6.37 12.06 26.50
N ILE B 139 -7.69 11.97 26.57
CA ILE B 139 -8.57 13.08 26.22
C ILE B 139 -9.36 13.50 27.44
N TYR B 140 -9.22 14.77 27.84
CA TYR B 140 -10.01 15.35 28.91
C TYR B 140 -10.89 16.44 28.32
N ARG B 141 -12.05 16.67 28.95
CA ARG B 141 -12.86 17.84 28.65
C ARG B 141 -12.37 19.01 29.50
N LYS B 142 -12.13 20.15 28.87
CA LYS B 142 -11.82 21.36 29.61
C LYS B 142 -13.03 21.77 30.45
N LYS B 143 -12.79 22.03 31.74
CA LYS B 143 -13.89 22.21 32.68
C LYS B 143 -14.36 23.67 32.80
N SER B 144 -13.45 24.62 32.88
CA SER B 144 -13.78 26.01 33.19
C SER B 144 -13.81 26.90 31.96
N THR B 145 -14.38 28.09 32.15
CA THR B 145 -14.42 29.14 31.13
C THR B 145 -13.20 30.06 31.16
N ASP B 146 -12.25 29.84 32.06
CA ASP B 146 -11.00 30.59 32.02
C ASP B 146 -10.31 30.38 30.68
N GLU B 147 -9.43 31.32 30.34
CA GLU B 147 -8.57 31.15 29.18
C GLU B 147 -7.70 29.91 29.34
N PRO B 148 -7.60 29.07 28.31
CA PRO B 148 -6.84 27.81 28.44
C PRO B 148 -5.36 28.00 28.69
N SER B 149 -4.80 27.11 29.51
CA SER B 149 -3.40 27.17 29.89
C SER B 149 -2.93 25.76 30.24
N GLU B 150 -1.65 25.66 30.59
CA GLU B 150 -1.06 24.38 30.98
C GLU B 150 -1.84 23.71 32.10
N LYS B 151 -2.31 24.48 33.08
CA LYS B 151 -3.00 23.92 34.23
C LYS B 151 -4.26 23.16 33.84
N ASP B 152 -4.86 23.49 32.70
CA ASP B 152 -6.03 22.72 32.30
C ASP B 152 -5.67 21.27 32.00
N ALA B 153 -4.39 20.97 31.84
CA ALA B 153 -3.93 19.59 31.68
C ALA B 153 -3.58 18.92 33.00
N LEU B 154 -3.69 19.64 34.11
CA LEU B 154 -3.32 19.10 35.42
C LEU B 154 -4.55 18.51 36.13
N GLN B 155 -5.16 17.48 35.48
CA GLN B 155 -6.31 16.75 35.98
C GLN B 155 -5.94 15.30 36.31
N PRO B 156 -6.57 14.69 37.31
CA PRO B 156 -6.37 13.26 37.54
C PRO B 156 -6.96 12.43 36.42
N GLY B 157 -6.35 11.28 36.21
CA GLY B 157 -6.81 10.32 35.21
C GLY B 157 -8.28 9.94 35.32
N ARG B 158 -8.88 10.10 36.51
CA ARG B 158 -10.32 9.89 36.69
C ARG B 158 -11.17 10.72 35.73
N ASN B 159 -10.67 11.87 35.33
CA ASN B 159 -11.44 12.81 34.53
C ASN B 159 -11.40 12.51 33.05
N LEU B 160 -10.66 11.49 32.63
CA LEU B 160 -10.56 11.19 31.20
C LEU B 160 -11.93 10.91 30.62
N VAL B 161 -12.15 11.45 29.43
CA VAL B 161 -13.31 11.17 28.60
C VAL B 161 -13.08 9.95 27.72
N ALA B 162 -11.85 9.81 27.23
CA ALA B 162 -11.47 8.76 26.30
C ALA B 162 -9.96 8.65 26.36
N ALA B 163 -9.46 7.46 26.03
CA ALA B 163 -8.02 7.24 26.00
C ALA B 163 -7.76 5.96 25.23
N GLY B 164 -6.52 5.81 24.82
CA GLY B 164 -6.11 4.58 24.20
C GLY B 164 -4.74 4.75 23.58
N TYR B 165 -4.46 3.90 22.60
CA TYR B 165 -3.15 3.87 22.00
C TYR B 165 -3.25 3.24 20.62
N ALA B 166 -2.28 3.56 19.78
CA ALA B 166 -2.04 2.84 18.54
C ALA B 166 -0.76 2.05 18.70
N LEU B 167 -0.80 0.76 18.38
CA LEU B 167 0.36 -0.12 18.43
C LEU B 167 0.80 -0.38 17.00
N TYR B 168 2.03 0.00 16.66
CA TYR B 168 2.65 -0.32 15.37
C TYR B 168 3.60 -1.50 15.58
N GLY B 169 3.02 -2.71 15.55
CA GLY B 169 3.75 -3.95 15.74
C GLY B 169 3.82 -4.80 14.49
N SER B 170 3.62 -6.12 14.60
CA SER B 170 3.53 -6.94 13.39
C SER B 170 2.43 -6.42 12.47
N ALA B 171 1.35 -5.89 13.05
CA ALA B 171 0.36 -5.08 12.36
C ALA B 171 0.06 -3.84 13.20
N THR B 172 -0.76 -2.96 12.65
CA THR B 172 -1.14 -1.71 13.30
C THR B 172 -2.53 -1.84 13.90
N MET B 173 -2.64 -1.60 15.20
CA MET B 173 -3.92 -1.68 15.90
C MET B 173 -4.16 -0.44 16.74
N LEU B 174 -5.37 0.07 16.70
CA LEU B 174 -5.82 1.13 17.60
C LEU B 174 -6.71 0.51 18.68
N VAL B 175 -6.34 0.73 19.95
CA VAL B 175 -7.14 0.35 21.11
C VAL B 175 -7.73 1.63 21.70
N LEU B 176 -9.05 1.74 21.70
CA LEU B 176 -9.75 2.95 22.15
C LEU B 176 -10.58 2.61 23.37
N ALA B 177 -10.36 3.33 24.47
CA ALA B 177 -11.11 3.13 25.70
C ALA B 177 -11.98 4.35 25.99
N MET B 178 -13.27 4.11 26.19
CA MET B 178 -14.21 5.13 26.61
C MET B 178 -15.10 4.55 27.67
N ASP B 179 -16.09 5.33 28.12
CA ASP B 179 -17.03 4.87 29.13
C ASP B 179 -17.70 3.55 28.76
N CYS B 180 -18.00 3.33 27.48
CA CYS B 180 -18.63 2.09 27.02
C CYS B 180 -17.67 0.90 26.99
N GLY B 181 -16.40 1.06 27.34
CA GLY B 181 -15.48 -0.05 27.33
C GLY B 181 -14.29 0.10 26.39
N VAL B 182 -13.61 -1.01 26.10
CA VAL B 182 -12.43 -1.01 25.26
C VAL B 182 -12.75 -1.74 23.96
N ASN B 183 -12.37 -1.15 22.84
CA ASN B 183 -12.59 -1.73 21.52
C ASN B 183 -11.29 -1.61 20.73
N CYS B 184 -10.95 -2.68 19.99
CA CYS B 184 -9.67 -2.82 19.33
C CYS B 184 -9.91 -2.87 17.82
N PHE B 185 -9.29 -1.95 17.09
CA PHE B 185 -9.47 -1.81 15.66
C PHE B 185 -8.16 -2.12 14.95
N MET B 186 -8.20 -3.03 14.00
CA MET B 186 -7.03 -3.38 13.19
C MET B 186 -7.01 -2.51 11.95
N LEU B 187 -5.85 -1.92 11.67
CA LEU B 187 -5.66 -1.13 10.46
C LEU B 187 -5.45 -2.07 9.27
N ASP B 188 -6.32 -1.97 8.28
CA ASP B 188 -6.16 -2.69 7.03
C ASP B 188 -5.41 -1.75 6.10
N PRO B 189 -4.10 -1.97 5.91
CA PRO B 189 -3.32 -1.03 5.09
C PRO B 189 -3.78 -0.98 3.65
N ALA B 190 -4.41 -2.04 3.12
CA ALA B 190 -4.83 -2.05 1.72
C ALA B 190 -5.84 -0.95 1.43
N ILE B 191 -6.66 -0.58 2.41
CA ILE B 191 -7.71 0.42 2.21
C ILE B 191 -7.63 1.54 3.21
N GLY B 192 -6.62 1.53 4.10
CA GLY B 192 -6.47 2.56 5.11
C GLY B 192 -7.70 2.70 5.99
N GLU B 193 -8.18 1.57 6.52
CA GLU B 193 -9.37 1.56 7.37
C GLU B 193 -9.12 0.75 8.64
N PHE B 194 -9.57 1.30 9.78
CA PHE B 194 -9.54 0.57 11.03
C PHE B 194 -10.79 -0.29 11.15
N ILE B 195 -10.60 -1.60 11.20
CA ILE B 195 -11.68 -2.58 11.25
C ILE B 195 -11.84 -3.03 12.69
N LEU B 196 -13.06 -2.95 13.21
CA LEU B 196 -13.33 -3.46 14.56
C LEU B 196 -13.16 -4.98 14.60
N VAL B 197 -12.18 -5.44 15.35
CA VAL B 197 -11.89 -6.87 15.42
C VAL B 197 -12.05 -7.44 16.82
N ASP B 198 -12.06 -6.63 17.86
CA ASP B 198 -12.28 -7.13 19.21
C ASP B 198 -13.21 -6.14 19.91
N LYS B 199 -14.44 -6.57 20.19
CA LYS B 199 -15.39 -5.68 20.83
C LYS B 199 -15.37 -5.88 22.33
N ASP B 200 -15.52 -4.78 23.06
CA ASP B 200 -15.80 -4.81 24.49
C ASP B 200 -14.80 -5.70 25.22
N VAL B 201 -13.53 -5.35 25.06
CA VAL B 201 -12.44 -6.21 25.50
C VAL B 201 -12.35 -6.20 27.01
N LYS B 202 -12.07 -7.37 27.58
CA LYS B 202 -11.83 -7.57 28.99
C LYS B 202 -10.56 -8.38 29.17
N ILE B 203 -9.74 -7.96 30.11
CA ILE B 203 -8.51 -8.67 30.41
C ILE B 203 -8.80 -9.88 31.31
N LYS B 204 -7.98 -10.93 31.16
CA LYS B 204 -8.06 -12.10 32.01
C LYS B 204 -7.94 -11.69 33.47
N LYS B 205 -8.66 -12.42 34.33
CA LYS B 205 -8.56 -12.19 35.77
C LYS B 205 -7.14 -12.41 36.27
N LYS B 206 -6.42 -13.39 35.71
CA LYS B 206 -5.05 -13.66 36.12
C LYS B 206 -4.24 -14.16 34.93
N GLY B 207 -3.02 -13.63 34.79
CA GLY B 207 -2.12 -14.01 33.72
C GLY B 207 -0.98 -14.87 34.22
N LYS B 208 -0.05 -15.15 33.30
CA LYS B 208 1.10 -16.00 33.57
C LYS B 208 2.37 -15.36 33.06
N ILE B 209 2.34 -14.05 32.81
CA ILE B 209 3.50 -13.33 32.30
C ILE B 209 3.66 -12.08 33.16
N TYR B 210 4.90 -11.80 33.56
CA TYR B 210 5.22 -10.56 34.24
C TYR B 210 6.29 -9.85 33.42
N SER B 211 6.23 -8.53 33.44
CA SER B 211 6.93 -7.70 32.46
C SER B 211 7.50 -6.50 33.20
N LEU B 212 8.83 -6.46 33.33
CA LEU B 212 9.56 -5.31 33.87
C LEU B 212 11.03 -5.47 33.52
N ASN B 213 11.76 -4.37 33.65
CA ASN B 213 13.21 -4.37 33.40
C ASN B 213 13.89 -4.90 34.65
N GLU B 214 14.28 -6.16 34.62
CA GLU B 214 14.98 -6.77 35.75
C GLU B 214 16.44 -6.34 35.83
N GLY B 215 16.92 -5.54 34.88
CA GLY B 215 18.28 -5.05 34.97
C GLY B 215 18.51 -4.15 36.16
N TYR B 216 17.46 -3.54 36.70
CA TYR B 216 17.56 -2.67 37.87
C TYR B 216 17.33 -3.41 39.17
N ALA B 217 17.58 -4.73 39.20
CA ALA B 217 17.33 -5.51 40.42
C ALA B 217 18.07 -4.94 41.62
N LYS B 218 19.27 -4.38 41.40
CA LYS B 218 20.04 -3.82 42.50
C LYS B 218 19.37 -2.62 43.11
N ASP B 219 18.49 -1.92 42.37
CA ASP B 219 17.84 -0.74 42.89
C ASP B 219 16.41 -0.99 43.34
N PHE B 220 15.89 -2.20 43.16
CA PHE B 220 14.49 -2.46 43.44
C PHE B 220 14.12 -2.18 44.88
N ASP B 221 12.92 -1.63 45.06
CA ASP B 221 12.28 -1.63 46.36
C ASP B 221 12.12 -3.07 46.84
N PRO B 222 12.16 -3.30 48.15
CA PRO B 222 12.01 -4.68 48.67
C PRO B 222 10.72 -5.36 48.23
N ALA B 223 9.61 -4.63 48.11
CA ALA B 223 8.36 -5.24 47.69
C ALA B 223 8.44 -5.75 46.25
N VAL B 224 9.06 -4.97 45.36
CA VAL B 224 9.27 -5.44 44.00
C VAL B 224 10.15 -6.67 44.00
N THR B 225 11.21 -6.65 44.81
CA THR B 225 12.10 -7.80 44.89
C THR B 225 11.32 -9.06 45.29
N GLU B 226 10.48 -8.95 46.32
CA GLU B 226 9.71 -10.10 46.79
C GLU B 226 8.67 -10.54 45.75
N TYR B 227 8.02 -9.58 45.09
CA TYR B 227 7.01 -9.96 44.13
C TYR B 227 7.60 -10.74 42.97
N ILE B 228 8.78 -10.33 42.49
CA ILE B 228 9.43 -11.06 41.41
C ILE B 228 9.85 -12.45 41.87
N GLN B 229 10.27 -12.59 43.13
CA GLN B 229 10.63 -13.91 43.64
C GLN B 229 9.44 -14.86 43.58
N ARG B 230 8.24 -14.32 43.82
CA ARG B 230 7.03 -15.13 43.78
C ARG B 230 6.72 -15.61 42.38
N LYS B 231 7.08 -14.83 41.35
CA LYS B 231 6.78 -15.26 39.98
C LYS B 231 7.70 -16.39 39.53
N LYS B 232 8.94 -16.39 39.97
CA LYS B 232 9.86 -17.46 39.62
C LYS B 232 9.76 -18.65 40.56
N PHE B 233 9.42 -18.42 41.83
CA PHE B 233 9.36 -19.46 42.87
C PHE B 233 8.01 -19.37 43.58
N PRO B 234 6.95 -19.87 42.95
CA PRO B 234 5.57 -19.64 43.48
C PRO B 234 5.33 -20.30 44.83
N PRO B 235 4.80 -19.54 45.79
CA PRO B 235 4.51 -20.11 47.11
C PRO B 235 3.48 -21.21 47.11
N ASP B 236 2.59 -21.25 46.13
CA ASP B 236 1.51 -22.23 46.12
C ASP B 236 1.80 -23.38 45.17
N ASN B 237 3.06 -23.57 44.78
CA ASN B 237 3.44 -24.66 43.90
C ASN B 237 2.72 -24.59 42.55
N SER B 238 2.42 -23.39 42.06
CA SER B 238 1.93 -23.23 40.70
C SER B 238 3.10 -22.99 39.76
N ALA B 239 2.83 -23.04 38.45
CA ALA B 239 3.91 -22.93 37.47
C ALA B 239 4.49 -21.51 37.47
N PRO B 240 5.83 -21.38 37.41
CA PRO B 240 6.44 -20.05 37.35
C PRO B 240 5.93 -19.24 36.19
N TYR B 241 5.90 -17.93 36.38
CA TYR B 241 5.53 -17.03 35.29
C TYR B 241 6.66 -16.97 34.26
N GLY B 242 6.29 -16.78 33.01
CA GLY B 242 7.24 -16.35 32.03
C GLY B 242 7.45 -14.85 32.09
N ALA B 243 8.60 -14.40 31.61
CA ALA B 243 8.92 -12.99 31.59
C ALA B 243 9.00 -12.51 30.15
N ARG B 244 8.43 -11.33 29.91
CA ARG B 244 8.55 -10.63 28.64
C ARG B 244 8.83 -9.16 28.95
N TYR B 245 9.76 -8.55 28.21
CA TYR B 245 9.97 -7.11 28.37
C TYR B 245 10.48 -6.58 27.03
N VAL B 246 9.57 -6.00 26.25
CA VAL B 246 9.94 -5.46 24.95
C VAL B 246 10.75 -4.19 25.08
N GLY B 247 10.51 -3.41 26.14
CA GLY B 247 11.11 -2.11 26.32
C GLY B 247 10.33 -0.98 25.72
N SER B 248 9.25 -1.27 25.02
CA SER B 248 8.31 -0.30 24.47
C SER B 248 7.00 -0.46 25.22
N MET B 249 6.53 0.60 25.87
CA MET B 249 5.41 0.46 26.80
C MET B 249 4.16 -0.01 26.10
N VAL B 250 3.86 0.52 24.91
CA VAL B 250 2.64 0.13 24.20
C VAL B 250 2.67 -1.36 23.85
N ALA B 251 3.85 -1.87 23.46
CA ALA B 251 3.94 -3.28 23.13
C ALA B 251 3.73 -4.15 24.35
N ASP B 252 4.34 -3.75 25.49
CA ASP B 252 4.23 -4.55 26.71
C ASP B 252 2.82 -4.51 27.29
N VAL B 253 2.20 -3.32 27.31
CA VAL B 253 0.84 -3.16 27.86
C VAL B 253 -0.19 -3.87 26.99
N HIS B 254 -0.03 -3.80 25.66
CA HIS B 254 -0.96 -4.49 24.79
C HIS B 254 -0.88 -6.01 24.96
N ARG B 255 0.33 -6.56 25.03
CA ARG B 255 0.45 -7.98 25.32
C ARG B 255 -0.24 -8.30 26.64
N THR B 256 -0.04 -7.44 27.64
CA THR B 256 -0.71 -7.59 28.93
C THR B 256 -2.22 -7.61 28.74
N LEU B 257 -2.74 -6.75 27.87
CA LEU B 257 -4.17 -6.73 27.60
C LEU B 257 -4.63 -8.01 26.91
N VAL B 258 -3.85 -8.48 25.93
CA VAL B 258 -4.27 -9.62 25.11
C VAL B 258 -4.09 -10.93 25.88
N TYR B 259 -2.96 -11.11 26.57
CA TYR B 259 -2.65 -12.37 27.23
C TYR B 259 -2.88 -12.34 28.73
N GLY B 260 -3.04 -11.18 29.31
CA GLY B 260 -3.11 -11.07 30.75
C GLY B 260 -1.72 -11.00 31.35
N GLY B 261 -1.69 -10.74 32.65
CA GLY B 261 -0.46 -10.64 33.39
C GLY B 261 -0.30 -9.28 34.03
N ILE B 262 0.95 -8.90 34.24
CA ILE B 262 1.27 -7.69 34.97
C ILE B 262 2.47 -7.02 34.29
N PHE B 263 2.42 -5.70 34.23
CA PHE B 263 3.49 -4.86 33.74
C PHE B 263 3.87 -3.91 34.86
N LEU B 264 5.17 -3.80 35.12
CA LEU B 264 5.70 -2.99 36.20
C LEU B 264 6.77 -2.04 35.68
N TYR B 265 6.64 -0.77 36.00
CA TYR B 265 7.76 0.17 35.97
C TYR B 265 7.80 0.90 37.29
N PRO B 266 8.39 0.28 38.30
CA PRO B 266 8.43 0.85 39.64
C PRO B 266 9.65 1.77 39.77
N ALA B 267 9.74 2.43 40.92
CA ALA B 267 10.87 3.32 41.15
C ALA B 267 12.18 2.55 41.25
N ASN B 268 13.25 3.21 40.82
CA ASN B 268 14.63 2.73 41.00
C ASN B 268 15.51 3.94 41.31
N LYS B 269 16.83 3.72 41.40
CA LYS B 269 17.73 4.80 41.79
C LYS B 269 17.78 5.92 40.75
N LYS B 270 17.77 5.55 39.46
CA LYS B 270 17.79 6.60 38.45
C LYS B 270 16.42 7.26 38.28
N SER B 271 15.36 6.64 38.81
CA SER B 271 13.99 7.18 38.68
C SER B 271 13.21 6.96 39.98
N PRO B 272 13.45 7.78 41.00
CA PRO B 272 12.77 7.57 42.30
C PRO B 272 11.26 7.72 42.25
N ASN B 273 10.71 8.45 41.27
CA ASN B 273 9.28 8.57 41.06
C ASN B 273 8.82 7.74 39.88
N GLY B 274 9.60 6.73 39.52
CA GLY B 274 9.39 5.97 38.31
C GLY B 274 9.97 6.73 37.13
N LYS B 275 9.84 6.11 35.97
CA LYS B 275 10.30 6.71 34.73
C LYS B 275 9.15 7.11 33.81
N LEU B 276 8.07 6.35 33.79
CA LEU B 276 7.00 6.65 32.86
C LEU B 276 6.26 7.92 33.27
N ARG B 277 5.74 8.64 32.27
CA ARG B 277 5.11 9.93 32.50
C ARG B 277 3.64 9.73 32.81
N LEU B 278 3.15 10.49 33.78
CA LEU B 278 1.80 10.25 34.27
C LEU B 278 0.75 10.62 33.24
N LEU B 279 0.96 11.75 32.54
CA LEU B 279 -0.13 12.35 31.79
C LEU B 279 -0.40 11.60 30.48
N TYR B 280 0.65 11.25 29.75
CA TYR B 280 0.49 10.69 28.40
C TYR B 280 1.08 9.30 28.25
N GLU B 281 1.44 8.65 29.34
CA GLU B 281 1.79 7.24 29.33
C GLU B 281 0.99 6.48 30.37
N CYS B 282 1.04 6.92 31.64
CA CYS B 282 0.42 6.15 32.72
C CYS B 282 -1.09 6.26 32.68
N ASN B 283 -1.61 7.48 32.65
CA ASN B 283 -3.07 7.67 32.73
C ASN B 283 -3.82 6.97 31.61
N PRO B 284 -3.49 7.17 30.32
CA PRO B 284 -4.23 6.44 29.27
C PRO B 284 -4.15 4.92 29.38
N MET B 285 -2.97 4.37 29.69
CA MET B 285 -2.89 2.93 29.87
C MET B 285 -3.66 2.50 31.11
N ALA B 286 -3.57 3.28 32.19
CA ALA B 286 -4.35 2.97 33.40
C ALA B 286 -5.83 3.02 33.10
N TYR B 287 -6.25 4.01 32.30
CA TYR B 287 -7.66 4.13 31.96
C TYR B 287 -8.12 2.96 31.09
N VAL B 288 -7.29 2.55 30.13
CA VAL B 288 -7.60 1.39 29.28
C VAL B 288 -7.71 0.13 30.13
N MET B 289 -6.75 -0.08 31.02
CA MET B 289 -6.76 -1.27 31.87
C MET B 289 -8.03 -1.31 32.73
N GLU B 290 -8.38 -0.18 33.35
CA GLU B 290 -9.56 -0.19 34.20
C GLU B 290 -10.83 -0.41 33.39
N LYS B 291 -10.91 0.17 32.19
CA LYS B 291 -12.08 -0.09 31.33
C LYS B 291 -12.15 -1.54 30.86
N ALA B 292 -11.02 -2.23 30.78
CA ALA B 292 -10.99 -3.64 30.45
C ALA B 292 -11.08 -4.54 31.67
N GLY B 293 -11.40 -3.98 32.84
CA GLY B 293 -11.45 -4.80 34.04
C GLY B 293 -10.11 -5.12 34.67
N GLY B 294 -9.05 -4.41 34.31
CA GLY B 294 -7.76 -4.57 34.93
C GLY B 294 -7.55 -3.52 36.00
N MET B 295 -6.30 -3.45 36.48
CA MET B 295 -5.92 -2.47 37.48
C MET B 295 -4.65 -1.77 37.07
N ALA B 296 -4.44 -0.61 37.69
CA ALA B 296 -3.24 0.20 37.52
C ALA B 296 -3.00 1.01 38.78
N THR B 297 -1.87 0.74 39.45
CA THR B 297 -1.54 1.35 40.71
C THR B 297 -0.13 1.91 40.67
N THR B 298 0.13 2.87 41.56
CA THR B 298 1.49 3.33 41.85
C THR B 298 2.10 2.57 43.03
N GLY B 299 1.32 1.74 43.70
CA GLY B 299 1.72 1.09 44.93
C GLY B 299 0.98 1.68 46.09
N LYS B 300 0.84 3.00 46.07
CA LYS B 300 0.22 3.75 47.16
C LYS B 300 -1.19 4.22 46.82
N GLU B 301 -1.58 4.23 45.54
CA GLU B 301 -2.92 4.63 45.12
C GLU B 301 -3.07 4.27 43.65
N ALA B 302 -4.33 4.29 43.19
CA ALA B 302 -4.61 4.10 41.77
C ALA B 302 -3.97 5.22 40.95
N VAL B 303 -3.39 4.84 39.82
CA VAL B 303 -2.79 5.79 38.89
C VAL B 303 -3.77 6.90 38.56
N LEU B 304 -5.02 6.53 38.25
CA LEU B 304 -6.03 7.49 37.83
C LEU B 304 -6.39 8.48 38.93
N ASP B 305 -6.02 8.23 40.19
CA ASP B 305 -6.35 9.15 41.25
C ASP B 305 -5.24 10.14 41.57
N VAL B 306 -4.03 9.96 41.02
CA VAL B 306 -2.96 10.91 41.26
C VAL B 306 -3.37 12.25 40.67
N ILE B 307 -3.22 13.32 41.46
CA ILE B 307 -3.47 14.67 40.97
C ILE B 307 -2.13 15.25 40.54
N PRO B 308 -1.91 15.49 39.25
CA PRO B 308 -0.60 15.95 38.79
C PRO B 308 -0.40 17.42 39.09
N THR B 309 0.87 17.77 39.30
CA THR B 309 1.30 19.14 39.47
C THR B 309 2.25 19.59 38.38
N ASP B 310 2.65 18.69 37.49
CA ASP B 310 3.55 19.02 36.40
C ASP B 310 3.16 18.17 35.21
N ILE B 311 3.06 18.78 34.02
CA ILE B 311 2.56 18.04 32.86
C ILE B 311 3.49 16.88 32.51
N HIS B 312 4.77 16.98 32.88
CA HIS B 312 5.77 15.96 32.57
C HIS B 312 6.16 15.12 33.77
N GLN B 313 5.36 15.14 34.82
CA GLN B 313 5.79 14.46 36.03
C GLN B 313 5.73 12.95 35.83
N ARG B 314 6.56 12.25 36.57
CA ARG B 314 6.68 10.80 36.50
C ARG B 314 5.82 10.10 37.55
N ALA B 315 5.51 8.84 37.27
CA ALA B 315 4.74 7.98 38.14
C ALA B 315 5.28 6.57 38.01
N PRO B 316 5.45 5.86 39.13
CA PRO B 316 5.64 4.41 39.03
C PRO B 316 4.30 3.78 38.68
N VAL B 317 4.34 2.70 37.91
CA VAL B 317 3.10 2.10 37.44
C VAL B 317 3.23 0.58 37.45
N ILE B 318 2.23 -0.08 38.01
CA ILE B 318 2.08 -1.52 38.00
C ILE B 318 0.68 -1.76 37.47
N LEU B 319 0.56 -2.44 36.34
CA LEU B 319 -0.78 -2.58 35.78
C LEU B 319 -0.96 -3.98 35.23
N GLY B 320 -2.22 -4.33 35.01
CA GLY B 320 -2.56 -5.58 34.36
C GLY B 320 -3.73 -6.32 34.95
N SER B 321 -3.69 -7.65 34.85
CA SER B 321 -4.76 -8.48 35.36
C SER B 321 -5.00 -8.21 36.84
N PRO B 322 -6.26 -8.13 37.28
CA PRO B 322 -6.55 -7.73 38.67
C PRO B 322 -5.92 -8.63 39.70
N ASP B 323 -6.00 -9.95 39.53
CA ASP B 323 -5.42 -10.86 40.52
C ASP B 323 -3.92 -10.65 40.61
N ASP B 324 -3.27 -10.44 39.46
CA ASP B 324 -1.82 -10.23 39.47
C ASP B 324 -1.44 -8.92 40.18
N VAL B 325 -2.12 -7.82 39.86
CA VAL B 325 -1.83 -6.54 40.52
C VAL B 325 -2.20 -6.59 42.00
N LEU B 326 -3.36 -7.17 42.35
CA LEU B 326 -3.73 -7.31 43.77
C LEU B 326 -2.67 -8.08 44.55
N GLU B 327 -2.11 -9.12 43.93
CA GLU B 327 -1.01 -9.85 44.56
C GLU B 327 0.19 -8.95 44.79
N PHE B 328 0.48 -8.04 43.85
CA PHE B 328 1.55 -7.08 44.08
C PHE B 328 1.22 -6.16 45.23
N LEU B 329 0.00 -5.62 45.26
CA LEU B 329 -0.40 -4.76 46.36
C LEU B 329 -0.32 -5.49 47.69
N LYS B 330 -0.58 -6.80 47.69
CA LYS B 330 -0.41 -7.57 48.91
C LYS B 330 1.03 -7.55 49.38
N VAL B 331 1.98 -7.79 48.46
CA VAL B 331 3.39 -7.71 48.82
C VAL B 331 3.77 -6.27 49.16
N TYR B 332 3.23 -5.30 48.43
CA TYR B 332 3.54 -3.90 48.73
C TYR B 332 3.04 -3.52 50.12
N GLU B 333 1.82 -3.93 50.47
CA GLU B 333 1.27 -3.61 51.78
C GLU B 333 2.07 -4.27 52.89
N LYS B 334 2.55 -5.49 52.65
CA LYS B 334 3.38 -6.18 53.63
C LYS B 334 4.58 -5.34 54.04
N HIS B 335 5.16 -4.62 53.08
CA HIS B 335 6.30 -3.74 53.34
C HIS B 335 5.86 -2.35 53.71
N SER B 336 4.70 -2.23 54.36
CA SER B 336 4.04 -0.97 54.71
C SER B 336 3.69 -0.22 53.42
N ASP C 10 2.46 -22.49 -12.62
CA ASP C 10 3.48 -21.88 -11.77
C ASP C 10 3.44 -20.36 -11.86
N VAL C 11 3.42 -19.68 -10.71
CA VAL C 11 3.45 -18.23 -10.71
C VAL C 11 4.77 -17.73 -11.29
N ASN C 12 4.71 -16.65 -12.06
CA ASN C 12 5.90 -16.08 -12.68
C ASN C 12 5.87 -14.57 -12.52
N THR C 13 6.98 -14.01 -12.04
CA THR C 13 7.18 -12.58 -11.87
C THR C 13 8.06 -12.03 -12.97
N LEU C 14 8.13 -10.70 -13.03
CA LEU C 14 9.08 -10.05 -13.93
C LEU C 14 10.51 -10.43 -13.58
N THR C 15 10.86 -10.38 -12.29
CA THR C 15 12.23 -10.68 -11.88
C THR C 15 12.61 -12.11 -12.21
N ARG C 16 11.67 -13.05 -12.07
CA ARG C 16 11.93 -14.45 -12.42
C ARG C 16 11.99 -14.66 -13.93
N PHE C 17 11.07 -14.04 -14.68
CA PHE C 17 10.98 -14.25 -16.12
C PHE C 17 12.24 -13.80 -16.84
N VAL C 18 12.71 -12.61 -16.51
CA VAL C 18 13.87 -12.06 -17.21
C VAL C 18 15.11 -12.87 -16.90
N MET C 19 15.25 -13.29 -15.64
CA MET C 19 16.38 -14.11 -15.25
C MET C 19 16.34 -15.46 -15.95
N GLU C 20 15.15 -16.03 -16.13
CA GLU C 20 15.03 -17.32 -16.80
C GLU C 20 15.27 -17.20 -18.32
N GLU C 21 14.88 -16.09 -18.94
CA GLU C 21 15.24 -15.87 -20.33
C GLU C 21 16.74 -15.62 -20.46
N GLY C 22 17.33 -14.92 -19.50
CA GLY C 22 18.75 -14.64 -19.55
C GLY C 22 19.62 -15.87 -19.42
N ARG C 23 19.26 -16.80 -18.54
CA ARG C 23 20.02 -18.03 -18.43
C ARG C 23 19.87 -18.87 -19.69
N LYS C 24 18.66 -18.90 -20.27
CA LYS C 24 18.46 -19.58 -21.54
C LYS C 24 19.46 -19.08 -22.57
N ALA C 25 19.57 -17.77 -22.70
CA ALA C 25 20.47 -17.16 -23.67
C ALA C 25 21.92 -17.17 -23.21
N ARG C 26 22.20 -17.67 -22.00
CA ARG C 26 23.55 -17.71 -21.46
C ARG C 26 24.24 -16.35 -21.55
N GLY C 27 23.48 -15.30 -21.15
CA GLY C 27 24.01 -13.94 -21.16
C GLY C 27 24.77 -13.58 -19.89
N THR C 28 25.40 -12.39 -19.93
CA THR C 28 26.15 -11.91 -18.77
C THR C 28 25.27 -11.43 -17.63
N GLY C 29 24.00 -11.17 -17.86
CA GLY C 29 23.15 -10.59 -16.84
C GLY C 29 23.00 -9.08 -16.93
N GLU C 30 23.66 -8.44 -17.91
CA GLU C 30 23.66 -6.99 -18.01
C GLU C 30 22.29 -6.45 -18.42
N LEU C 31 21.62 -7.12 -19.36
CA LEU C 31 20.28 -6.70 -19.73
C LEU C 31 19.28 -6.97 -18.61
N THR C 32 19.46 -8.06 -17.85
CA THR C 32 18.64 -8.29 -16.68
C THR C 32 18.83 -7.19 -15.63
N GLN C 33 20.06 -6.70 -15.44
CA GLN C 33 20.25 -5.60 -14.49
C GLN C 33 19.56 -4.34 -14.97
N LEU C 34 19.63 -4.05 -16.26
CA LEU C 34 18.85 -2.92 -16.80
C LEU C 34 17.36 -3.11 -16.56
N LEU C 35 16.80 -4.26 -16.97
CA LEU C 35 15.36 -4.45 -16.89
C LEU C 35 14.85 -4.43 -15.45
N ASN C 36 15.63 -4.99 -14.51
CA ASN C 36 15.27 -4.87 -13.09
C ASN C 36 15.19 -3.41 -12.67
N SER C 37 16.17 -2.61 -13.11
CA SER C 37 16.20 -1.20 -12.75
C SER C 37 14.98 -0.47 -13.28
N LEU C 38 14.66 -0.70 -14.55
CA LEU C 38 13.46 -0.15 -15.15
C LEU C 38 12.22 -0.56 -14.36
N CYS C 39 12.12 -1.84 -13.98
CA CYS C 39 10.98 -2.34 -13.21
C CYS C 39 10.84 -1.60 -11.87
N THR C 40 11.96 -1.44 -11.16
CA THR C 40 11.94 -0.69 -9.90
C THR C 40 11.48 0.74 -10.10
N ALA C 41 12.01 1.41 -11.14
CA ALA C 41 11.60 2.78 -11.40
C ALA C 41 10.10 2.85 -11.70
N VAL C 42 9.59 1.89 -12.48
CA VAL C 42 8.18 1.88 -12.86
C VAL C 42 7.28 1.73 -11.64
N LYS C 43 7.69 0.90 -10.69
CA LYS C 43 6.92 0.79 -9.45
C LYS C 43 6.96 2.09 -8.65
N ALA C 44 8.07 2.82 -8.69
CA ALA C 44 8.10 4.09 -7.99
C ALA C 44 7.21 5.10 -8.70
N ILE C 45 7.25 5.09 -10.02
CA ILE C 45 6.38 5.99 -10.78
C ILE C 45 4.91 5.67 -10.51
N SER C 46 4.55 4.39 -10.65
CA SER C 46 3.18 3.97 -10.34
C SER C 46 2.74 4.46 -8.97
N SER C 47 3.61 4.29 -7.96
CA SER C 47 3.28 4.74 -6.62
C SER C 47 3.02 6.24 -6.59
N ALA C 48 3.88 7.01 -7.24
CA ALA C 48 3.69 8.46 -7.29
C ALA C 48 2.47 8.84 -8.12
N VAL C 49 2.24 8.13 -9.24
CA VAL C 49 1.11 8.48 -10.10
C VAL C 49 -0.21 8.28 -9.34
N ARG C 50 -0.28 7.25 -8.48
CA ARG C 50 -1.45 7.01 -7.64
C ARG C 50 -1.53 7.95 -6.44
N LYS C 51 -0.60 8.90 -6.33
CA LYS C 51 -0.66 9.98 -5.34
C LYS C 51 -0.41 9.50 -3.92
N ALA C 52 0.33 8.42 -3.75
CA ALA C 52 0.79 8.05 -2.42
C ALA C 52 1.62 9.19 -1.86
N GLY C 53 1.33 9.56 -0.60
CA GLY C 53 2.02 10.65 0.04
C GLY C 53 1.43 12.02 -0.24
N ILE C 54 0.35 12.12 -1.02
CA ILE C 54 -0.20 13.43 -1.38
C ILE C 54 -0.68 14.18 -0.14
N ALA C 55 -1.11 13.46 0.90
CA ALA C 55 -1.56 14.12 2.13
C ALA C 55 -0.46 15.02 2.69
N HIS C 56 0.79 14.59 2.57
CA HIS C 56 1.88 15.41 3.06
C HIS C 56 2.06 16.66 2.21
N LEU C 57 1.65 16.61 0.95
CA LEU C 57 1.66 17.78 0.09
C LEU C 57 0.63 18.81 0.54
N TYR C 58 -0.49 18.36 1.09
CA TYR C 58 -1.59 19.25 1.46
C TYR C 58 -1.60 19.58 2.95
N GLY C 59 -0.46 19.42 3.62
CA GLY C 59 -0.30 19.95 4.94
C GLY C 59 -0.69 19.02 6.07
N ILE C 60 -0.70 17.71 5.86
CA ILE C 60 -1.16 16.78 6.89
C ILE C 60 -0.31 16.88 8.15
N ALA C 61 0.94 17.34 8.02
CA ALA C 61 1.85 17.51 9.15
C ALA C 61 2.14 18.98 9.43
N GLY C 62 1.36 19.90 8.87
CA GLY C 62 1.56 21.32 9.07
C GLY C 62 1.94 22.02 7.78
N LYS C 72 8.12 18.75 -6.58
CA LYS C 72 8.55 18.13 -7.83
C LYS C 72 7.38 17.63 -8.67
N LYS C 73 7.16 18.26 -9.82
CA LYS C 73 6.15 17.77 -10.75
C LYS C 73 6.38 16.30 -11.05
N LEU C 74 5.29 15.62 -11.35
CA LEU C 74 5.31 14.18 -11.51
C LEU C 74 6.11 13.73 -12.73
N ASP C 75 6.08 14.51 -13.81
CA ASP C 75 6.84 14.13 -14.99
C ASP C 75 8.34 14.32 -14.75
N VAL C 76 8.71 15.31 -13.96
CA VAL C 76 10.12 15.49 -13.60
C VAL C 76 10.57 14.38 -12.67
N LEU C 77 9.75 14.05 -11.67
CA LEU C 77 10.08 12.94 -10.79
C LEU C 77 10.22 11.64 -11.55
N SER C 78 9.30 11.36 -12.47
CA SER C 78 9.34 10.11 -13.24
C SER C 78 10.60 10.03 -14.10
N ASN C 79 10.94 11.13 -14.75
CA ASN C 79 12.20 11.16 -15.47
C ASN C 79 13.36 10.86 -14.54
N ASP C 80 13.36 11.47 -13.35
CA ASP C 80 14.47 11.27 -12.43
C ASP C 80 14.55 9.82 -11.97
N LEU C 81 13.40 9.17 -11.76
CA LEU C 81 13.42 7.78 -11.34
C LEU C 81 14.01 6.90 -12.44
N VAL C 82 13.56 7.09 -13.68
CA VAL C 82 14.11 6.30 -14.76
C VAL C 82 15.59 6.60 -14.97
N MET C 83 15.93 7.89 -15.10
CA MET C 83 17.32 8.27 -15.30
C MET C 83 18.22 7.67 -14.24
N ASN C 84 17.84 7.82 -12.97
CA ASN C 84 18.77 7.44 -11.91
C ASN C 84 18.86 5.93 -11.77
N MET C 85 17.74 5.22 -11.91
CA MET C 85 17.78 3.76 -11.86
C MET C 85 18.55 3.19 -13.04
N LEU C 86 18.43 3.81 -14.21
CA LEU C 86 19.16 3.34 -15.38
C LEU C 86 20.66 3.62 -15.24
N LYS C 87 21.01 4.86 -14.85
CA LYS C 87 22.42 5.20 -14.63
C LYS C 87 23.09 4.24 -13.67
N SER C 88 22.47 4.02 -12.51
CA SER C 88 23.07 3.18 -11.49
C SER C 88 22.92 1.69 -11.78
N SER C 89 22.22 1.30 -12.85
CA SER C 89 22.16 -0.12 -13.23
C SER C 89 23.48 -0.63 -13.80
N PHE C 90 24.36 0.28 -14.23
CA PHE C 90 25.64 -0.03 -14.87
C PHE C 90 25.49 -0.77 -16.19
N ALA C 91 24.31 -0.70 -16.82
CA ALA C 91 24.08 -1.39 -18.08
C ALA C 91 23.91 -0.44 -19.26
N THR C 92 23.89 0.87 -19.02
CA THR C 92 23.55 1.83 -20.06
C THR C 92 24.71 2.79 -20.31
N CYS C 93 24.74 3.37 -21.51
CA CYS C 93 25.77 4.36 -21.81
C CYS C 93 25.15 5.66 -22.32
N VAL C 94 24.05 5.56 -23.05
CA VAL C 94 23.36 6.72 -23.60
C VAL C 94 21.88 6.60 -23.23
N LEU C 95 21.29 7.70 -22.77
CA LEU C 95 19.89 7.74 -22.35
C LEU C 95 19.18 8.87 -23.06
N VAL C 96 18.07 8.55 -23.71
CA VAL C 96 17.25 9.55 -24.38
C VAL C 96 15.91 9.55 -23.68
N SER C 97 15.49 10.73 -23.21
CA SER C 97 14.22 10.91 -22.54
C SER C 97 13.46 12.03 -23.21
N GLU C 98 12.13 11.88 -23.21
CA GLU C 98 11.25 12.95 -23.69
C GLU C 98 11.52 14.24 -22.93
N GLU C 99 11.99 14.14 -21.69
CA GLU C 99 12.15 15.29 -20.80
C GLU C 99 13.45 16.06 -20.99
N ASP C 100 14.39 15.55 -21.76
CA ASP C 100 15.70 16.16 -21.86
C ASP C 100 15.98 16.56 -23.30
N LYS C 101 16.42 17.81 -23.49
CA LYS C 101 16.68 18.29 -24.84
C LYS C 101 17.79 17.48 -25.51
N HIS C 102 18.86 17.20 -24.78
CA HIS C 102 19.97 16.46 -25.32
C HIS C 102 20.00 15.06 -24.71
N ALA C 103 20.65 14.15 -25.42
CA ALA C 103 20.84 12.83 -24.86
C ALA C 103 21.75 12.94 -23.65
N ILE C 104 21.48 12.12 -22.64
CA ILE C 104 22.31 12.00 -21.44
C ILE C 104 23.37 10.94 -21.69
N ILE C 105 24.63 11.30 -21.43
CA ILE C 105 25.76 10.38 -21.55
C ILE C 105 26.11 9.91 -20.15
N VAL C 106 26.04 8.60 -19.93
CA VAL C 106 26.33 8.06 -18.61
C VAL C 106 27.80 8.28 -18.27
N GLU C 107 28.07 8.67 -17.04
CA GLU C 107 29.44 8.92 -16.59
C GLU C 107 30.28 7.66 -16.76
N PRO C 108 31.58 7.81 -17.01
CA PRO C 108 32.41 6.66 -17.42
C PRO C 108 32.35 5.46 -16.48
N GLU C 109 32.39 5.69 -15.17
CA GLU C 109 32.47 4.58 -14.23
C GLU C 109 31.20 3.76 -14.17
N LYS C 110 30.07 4.30 -14.65
CA LYS C 110 28.79 3.62 -14.61
C LYS C 110 28.37 3.06 -15.97
N ARG C 111 29.25 3.10 -16.96
CA ARG C 111 28.91 2.86 -18.35
C ARG C 111 28.71 1.38 -18.65
N GLY C 112 27.60 1.06 -19.30
CA GLY C 112 27.36 -0.28 -19.78
C GLY C 112 27.13 -0.23 -21.28
N LYS C 113 26.58 -1.29 -21.87
CA LYS C 113 26.60 -1.40 -23.32
C LYS C 113 25.28 -1.06 -23.98
N TYR C 114 24.27 -0.62 -23.22
CA TYR C 114 22.94 -0.45 -23.77
C TYR C 114 22.54 1.00 -23.92
N VAL C 115 21.73 1.26 -24.94
CA VAL C 115 21.14 2.57 -25.21
C VAL C 115 19.64 2.47 -24.92
N VAL C 116 19.11 3.40 -24.13
CA VAL C 116 17.70 3.37 -23.75
C VAL C 116 17.04 4.69 -24.13
N CYS C 117 15.95 4.61 -24.89
CA CYS C 117 15.08 5.74 -25.20
C CYS C 117 13.76 5.55 -24.48
N PHE C 118 13.34 6.55 -23.73
CA PHE C 118 12.14 6.36 -22.96
C PHE C 118 11.37 7.67 -22.86
N ASP C 119 10.04 7.54 -22.76
CA ASP C 119 9.15 8.61 -22.34
C ASP C 119 8.71 8.30 -20.92
N PRO C 120 9.27 8.97 -19.91
CA PRO C 120 9.00 8.55 -18.53
C PRO C 120 7.52 8.62 -18.12
N LEU C 121 6.77 9.62 -18.57
CA LEU C 121 5.37 9.72 -18.17
C LEU C 121 4.55 10.24 -19.36
N ASP C 122 4.43 9.37 -20.36
CA ASP C 122 3.70 9.69 -21.59
C ASP C 122 2.23 9.97 -21.28
N GLY C 123 1.70 11.02 -21.88
CA GLY C 123 0.35 11.43 -21.62
C GLY C 123 0.16 12.31 -20.40
N SER C 124 1.26 12.69 -19.72
CA SER C 124 1.13 13.42 -18.46
C SER C 124 0.56 14.82 -18.64
N SER C 125 0.63 15.40 -19.83
CA SER C 125 0.08 16.74 -20.02
C SER C 125 -1.41 16.81 -19.67
N ASN C 126 -2.12 15.68 -19.68
CA ASN C 126 -3.53 15.64 -19.33
C ASN C 126 -3.82 14.90 -18.02
N ILE C 127 -2.80 14.66 -17.19
CA ILE C 127 -3.00 13.90 -15.97
C ILE C 127 -3.92 14.61 -14.97
N ASP C 128 -4.22 15.91 -15.20
CA ASP C 128 -5.17 16.64 -14.35
C ASP C 128 -6.56 16.03 -14.40
N CYS C 129 -6.91 15.35 -15.48
CA CYS C 129 -8.18 14.66 -15.55
C CYS C 129 -8.04 13.19 -15.19
N LEU C 130 -6.88 12.81 -14.64
CA LEU C 130 -6.57 11.46 -14.16
C LEU C 130 -6.62 10.43 -15.27
N VAL C 131 -6.50 10.90 -16.52
CA VAL C 131 -6.40 10.05 -17.70
C VAL C 131 -5.28 9.07 -17.45
N SER C 132 -5.38 7.87 -18.04
CA SER C 132 -4.27 6.93 -17.97
C SER C 132 -2.99 7.58 -18.49
N VAL C 133 -1.89 7.28 -17.82
CA VAL C 133 -0.57 7.73 -18.24
C VAL C 133 0.33 6.50 -18.29
N GLY C 134 1.53 6.68 -18.82
CA GLY C 134 2.39 5.52 -19.01
C GLY C 134 3.84 5.87 -19.22
N THR C 135 4.65 4.83 -19.18
CA THR C 135 6.06 4.88 -19.46
C THR C 135 6.29 4.03 -20.70
N ILE C 136 7.10 4.53 -21.63
CA ILE C 136 7.44 3.80 -22.84
C ILE C 136 8.96 3.73 -22.90
N PHE C 137 9.50 2.59 -23.31
CA PHE C 137 10.95 2.43 -23.38
C PHE C 137 11.35 1.55 -24.57
N GLY C 138 12.51 1.86 -25.11
CA GLY C 138 13.12 1.02 -26.11
C GLY C 138 14.60 0.85 -25.81
N ILE C 139 15.11 -0.36 -25.95
CA ILE C 139 16.46 -0.71 -25.54
C ILE C 139 17.27 -1.14 -26.76
N TYR C 140 18.40 -0.49 -26.99
CA TYR C 140 19.33 -0.86 -28.05
C TYR C 140 20.68 -1.26 -27.47
N ARG C 141 21.38 -2.10 -28.19
CA ARG C 141 22.79 -2.28 -27.91
C ARG C 141 23.55 -1.17 -28.63
N LYS C 142 24.47 -0.53 -27.94
CA LYS C 142 25.31 0.44 -28.63
C LYS C 142 26.08 -0.29 -29.71
N LYS C 143 25.98 0.24 -30.94
CA LYS C 143 26.49 -0.42 -32.14
C LYS C 143 27.93 -0.04 -32.44
N SER C 144 28.31 1.21 -32.25
CA SER C 144 29.67 1.57 -32.64
C SER C 144 30.56 1.61 -31.39
N THR C 145 31.88 1.54 -31.64
CA THR C 145 32.91 1.61 -30.61
C THR C 145 33.34 3.03 -30.32
N ASP C 146 32.78 4.02 -31.01
CA ASP C 146 33.06 5.40 -30.70
C ASP C 146 32.69 5.74 -29.26
N GLU C 147 33.28 6.81 -28.76
CA GLU C 147 32.89 7.37 -27.47
C GLU C 147 31.38 7.62 -27.48
N PRO C 148 30.65 7.28 -26.41
CA PRO C 148 29.20 7.37 -26.44
C PRO C 148 28.71 8.78 -26.68
N SER C 149 27.67 8.90 -27.49
CA SER C 149 27.13 10.19 -27.89
C SER C 149 25.68 10.00 -28.30
N GLU C 150 25.05 11.12 -28.68
CA GLU C 150 23.67 11.12 -29.16
C GLU C 150 23.46 10.18 -30.35
N LYS C 151 24.47 10.06 -31.23
CA LYS C 151 24.31 9.24 -32.43
C LYS C 151 24.02 7.78 -32.09
N ASP C 152 24.46 7.30 -30.94
CA ASP C 152 24.22 5.90 -30.59
C ASP C 152 22.74 5.61 -30.40
N ALA C 153 21.92 6.63 -30.18
CA ALA C 153 20.48 6.47 -30.07
C ALA C 153 19.74 6.65 -31.39
N LEU C 154 20.45 6.92 -32.48
CA LEU C 154 19.81 7.16 -33.78
C LEU C 154 19.75 5.89 -34.60
N GLN C 155 19.19 4.86 -34.01
CA GLN C 155 19.15 3.59 -34.70
C GLN C 155 17.72 3.29 -35.13
N PRO C 156 17.55 2.61 -36.25
CA PRO C 156 16.20 2.22 -36.64
C PRO C 156 15.63 1.21 -35.65
N GLY C 157 14.31 1.27 -35.49
CA GLY C 157 13.61 0.37 -34.58
C GLY C 157 13.85 -1.10 -34.83
N ARG C 158 14.22 -1.48 -36.06
CA ARG C 158 14.59 -2.86 -36.35
C ARG C 158 15.67 -3.38 -35.41
N ASN C 159 16.51 -2.49 -34.88
CA ASN C 159 17.66 -2.88 -34.06
C ASN C 159 17.32 -3.07 -32.59
N LEU C 160 16.07 -2.82 -32.20
CA LEU C 160 15.66 -2.90 -30.81
C LEU C 160 15.97 -4.28 -30.23
N VAL C 161 16.48 -4.29 -29.01
CA VAL C 161 16.73 -5.53 -28.28
C VAL C 161 15.50 -5.94 -27.50
N ALA C 162 14.83 -4.95 -26.92
CA ALA C 162 13.65 -5.10 -26.09
C ALA C 162 12.97 -3.76 -26.08
N ALA C 163 11.66 -3.78 -25.84
CA ALA C 163 10.86 -2.56 -25.77
C ALA C 163 9.54 -2.88 -25.08
N GLY C 164 8.88 -1.83 -24.61
CA GLY C 164 7.55 -2.00 -24.08
C GLY C 164 7.10 -0.76 -23.36
N TYR C 165 6.16 -0.98 -22.46
CA TYR C 165 5.57 0.16 -21.75
C TYR C 165 5.00 -0.32 -20.44
N ALA C 166 4.83 0.63 -19.53
CA ALA C 166 4.01 0.46 -18.35
C ALA C 166 2.78 1.35 -18.52
N LEU C 167 1.61 0.79 -18.26
CA LEU C 167 0.37 1.53 -18.30
C LEU C 167 -0.11 1.73 -16.86
N TYR C 168 -0.24 2.98 -16.44
CA TYR C 168 -0.82 3.30 -15.14
C TYR C 168 -2.28 3.64 -15.38
N GLY C 169 -3.09 2.60 -15.49
CA GLY C 169 -4.51 2.74 -15.75
C GLY C 169 -5.35 2.33 -14.56
N SER C 170 -6.46 1.62 -14.80
CA SER C 170 -7.22 1.09 -13.68
C SER C 170 -6.34 0.19 -12.82
N ALA C 171 -5.40 -0.52 -13.45
CA ALA C 171 -4.31 -1.18 -12.76
C ALA C 171 -3.01 -0.79 -13.46
N THR C 172 -1.87 -1.16 -12.88
CA THR C 172 -0.57 -0.88 -13.48
C THR C 172 -0.07 -2.15 -14.15
N MET C 173 0.21 -2.07 -15.44
CA MET C 173 0.65 -3.23 -16.19
C MET C 173 1.92 -2.91 -16.96
N LEU C 174 2.88 -3.82 -16.90
CA LEU C 174 4.07 -3.73 -17.71
C LEU C 174 3.92 -4.70 -18.89
N VAL C 175 4.03 -4.17 -20.10
CA VAL C 175 4.07 -4.97 -21.31
C VAL C 175 5.51 -4.97 -21.81
N LEU C 176 6.13 -6.14 -21.81
CA LEU C 176 7.54 -6.28 -22.19
C LEU C 176 7.64 -7.12 -23.45
N ALA C 177 8.24 -6.55 -24.49
CA ALA C 177 8.41 -7.25 -25.77
C ALA C 177 9.89 -7.48 -26.00
N MET C 178 10.24 -8.72 -26.32
CA MET C 178 11.58 -9.10 -26.75
C MET C 178 11.43 -10.06 -27.91
N ASP C 179 12.58 -10.56 -28.38
CA ASP C 179 12.60 -11.53 -29.48
C ASP C 179 11.69 -12.72 -29.19
N CYS C 180 11.61 -13.14 -27.92
CA CYS C 180 10.79 -14.27 -27.50
C CYS C 180 9.28 -13.98 -27.49
N GLY C 181 8.84 -12.78 -27.84
CA GLY C 181 7.43 -12.44 -27.91
C GLY C 181 7.05 -11.34 -26.94
N VAL C 182 5.74 -11.19 -26.74
CA VAL C 182 5.17 -10.14 -25.90
C VAL C 182 4.60 -10.79 -24.65
N ASN C 183 4.94 -10.24 -23.49
CA ASN C 183 4.44 -10.73 -22.21
C ASN C 183 3.95 -9.57 -21.36
N CYS C 184 2.83 -9.79 -20.69
CA CYS C 184 2.12 -8.75 -19.94
C CYS C 184 2.18 -9.10 -18.48
N PHE C 185 2.71 -8.17 -17.68
CA PHE C 185 2.86 -8.34 -16.25
C PHE C 185 1.98 -7.35 -15.51
N MET C 186 1.13 -7.85 -14.62
CA MET C 186 0.29 -6.99 -13.78
C MET C 186 1.01 -6.69 -12.47
N LEU C 187 1.01 -5.43 -12.08
CA LEU C 187 1.64 -5.04 -10.82
C LEU C 187 0.71 -5.37 -9.66
N ASP C 188 1.20 -6.16 -8.69
CA ASP C 188 0.46 -6.37 -7.45
C ASP C 188 0.95 -5.34 -6.44
N PRO C 189 0.15 -4.30 -6.19
CA PRO C 189 0.61 -3.21 -5.32
C PRO C 189 0.86 -3.65 -3.89
N ALA C 190 0.14 -4.69 -3.45
CA ALA C 190 0.26 -5.19 -2.09
C ALA C 190 1.67 -5.69 -1.80
N ILE C 191 2.39 -6.16 -2.81
CA ILE C 191 3.72 -6.72 -2.62
C ILE C 191 4.76 -6.13 -3.57
N GLY C 192 4.40 -5.15 -4.38
CA GLY C 192 5.36 -4.58 -5.30
C GLY C 192 5.98 -5.63 -6.21
N GLU C 193 5.17 -6.48 -6.81
CA GLU C 193 5.68 -7.51 -7.70
C GLU C 193 4.88 -7.50 -9.01
N PHE C 194 5.60 -7.61 -10.13
CA PHE C 194 4.99 -7.74 -11.45
C PHE C 194 4.69 -9.21 -11.76
N ILE C 195 3.40 -9.54 -11.89
CA ILE C 195 2.95 -10.91 -12.09
C ILE C 195 2.68 -11.15 -13.57
N LEU C 196 3.26 -12.21 -14.13
CA LEU C 196 2.97 -12.57 -15.50
C LEU C 196 1.52 -13.01 -15.62
N VAL C 197 0.72 -12.28 -16.40
CA VAL C 197 -0.69 -12.63 -16.54
C VAL C 197 -1.11 -12.99 -17.96
N ASP C 198 -0.36 -12.61 -18.98
CA ASP C 198 -0.70 -12.99 -20.36
C ASP C 198 0.61 -13.27 -21.10
N LYS C 199 0.82 -14.53 -21.46
CA LYS C 199 2.08 -14.98 -22.05
C LYS C 199 1.98 -14.94 -23.57
N ASP C 200 3.06 -14.54 -24.23
CA ASP C 200 3.21 -14.66 -25.68
C ASP C 200 1.96 -14.13 -26.39
N VAL C 201 1.70 -12.85 -26.13
CA VAL C 201 0.44 -12.23 -26.55
C VAL C 201 0.46 -12.02 -28.06
N LYS C 202 -0.69 -12.21 -28.69
CA LYS C 202 -0.86 -12.00 -30.12
C LYS C 202 -2.09 -11.14 -30.35
N ILE C 203 -1.97 -10.20 -31.26
CA ILE C 203 -3.08 -9.33 -31.58
C ILE C 203 -4.02 -10.02 -32.56
N LYS C 204 -5.30 -9.69 -32.46
CA LYS C 204 -6.27 -10.23 -33.41
C LYS C 204 -5.88 -9.87 -34.85
N LYS C 205 -6.17 -10.80 -35.76
CA LYS C 205 -5.96 -10.57 -37.18
C LYS C 205 -6.76 -9.36 -37.66
N LYS C 206 -7.97 -9.17 -37.12
CA LYS C 206 -8.78 -8.04 -37.51
C LYS C 206 -9.59 -7.58 -36.30
N GLY C 207 -9.66 -6.27 -36.08
CA GLY C 207 -10.39 -5.70 -34.98
C GLY C 207 -11.67 -5.02 -35.44
N LYS C 208 -12.34 -4.39 -34.45
CA LYS C 208 -13.61 -3.69 -34.67
C LYS C 208 -13.61 -2.33 -33.99
N ILE C 209 -12.43 -1.80 -33.67
CA ILE C 209 -12.26 -0.50 -33.05
C ILE C 209 -11.23 0.25 -33.87
N TYR C 210 -11.49 1.54 -34.12
CA TYR C 210 -10.50 2.44 -34.71
C TYR C 210 -10.32 3.61 -33.77
N SER C 211 -9.09 4.11 -33.71
CA SER C 211 -8.68 5.03 -32.64
C SER C 211 -7.82 6.12 -33.23
N LEU C 212 -8.35 7.34 -33.26
CA LEU C 212 -7.61 8.51 -33.70
C LEU C 212 -8.38 9.74 -33.25
N ASN C 213 -7.70 10.89 -33.25
CA ASN C 213 -8.34 12.16 -32.92
C ASN C 213 -9.06 12.64 -34.19
N GLU C 214 -10.38 12.45 -34.24
CA GLU C 214 -11.14 12.91 -35.40
C GLU C 214 -11.32 14.42 -35.41
N GLY C 215 -10.86 15.12 -34.37
CA GLY C 215 -10.91 16.57 -34.36
C GLY C 215 -10.07 17.21 -35.46
N TYR C 216 -9.09 16.49 -35.99
CA TYR C 216 -8.28 17.01 -37.07
C TYR C 216 -8.80 16.60 -38.44
N ALA C 217 -10.08 16.22 -38.52
CA ALA C 217 -10.65 15.73 -39.77
C ALA C 217 -10.47 16.70 -40.92
N LYS C 218 -10.44 18.00 -40.63
CA LYS C 218 -10.29 18.96 -41.71
C LYS C 218 -8.90 18.93 -42.32
N ASP C 219 -7.91 18.44 -41.59
CA ASP C 219 -6.54 18.35 -42.07
C ASP C 219 -6.18 16.96 -42.58
N PHE C 220 -7.09 16.00 -42.50
CA PHE C 220 -6.76 14.63 -42.89
C PHE C 220 -6.40 14.58 -44.36
N ASP C 221 -5.33 13.84 -44.65
CA ASP C 221 -5.02 13.48 -46.03
C ASP C 221 -6.16 12.63 -46.59
N PRO C 222 -6.35 12.63 -47.91
CA PRO C 222 -7.44 11.85 -48.51
C PRO C 222 -7.46 10.36 -48.17
N ALA C 223 -6.29 9.72 -47.98
CA ALA C 223 -6.30 8.31 -47.61
C ALA C 223 -6.90 8.10 -46.22
N VAL C 224 -6.53 8.94 -45.24
CA VAL C 224 -7.12 8.80 -43.90
C VAL C 224 -8.62 9.05 -43.95
N THR C 225 -9.03 10.11 -44.65
CA THR C 225 -10.44 10.45 -44.78
C THR C 225 -11.25 9.28 -45.34
N GLU C 226 -10.77 8.67 -46.43
CA GLU C 226 -11.49 7.54 -47.00
C GLU C 226 -11.49 6.34 -46.06
N TYR C 227 -10.36 6.05 -45.41
CA TYR C 227 -10.31 4.86 -44.56
C TYR C 227 -11.29 4.98 -43.40
N ILE C 228 -11.39 6.17 -42.80
CA ILE C 228 -12.33 6.36 -41.70
C ILE C 228 -13.76 6.28 -42.21
N GLN C 229 -14.00 6.76 -43.43
CA GLN C 229 -15.32 6.62 -44.03
C GLN C 229 -15.70 5.15 -44.19
N ARG C 230 -14.73 4.29 -44.49
CA ARG C 230 -14.99 2.86 -44.62
C ARG C 230 -15.34 2.22 -43.27
N LYS C 231 -14.81 2.74 -42.17
CA LYS C 231 -15.12 2.18 -40.86
C LYS C 231 -16.52 2.55 -40.39
N LYS C 232 -16.97 3.77 -40.67
CA LYS C 232 -18.30 4.19 -40.26
C LYS C 232 -19.38 3.75 -41.25
N PHE C 233 -19.02 3.67 -42.53
CA PHE C 233 -19.93 3.32 -43.61
C PHE C 233 -19.31 2.20 -44.43
N PRO C 234 -19.32 0.97 -43.93
CA PRO C 234 -18.60 -0.10 -44.58
C PRO C 234 -19.17 -0.37 -45.96
N PRO C 235 -18.29 -0.44 -46.97
CA PRO C 235 -18.77 -0.70 -48.34
C PRO C 235 -19.51 -2.02 -48.46
N ASP C 236 -19.28 -2.97 -47.55
CA ASP C 236 -19.86 -4.31 -47.68
C ASP C 236 -21.08 -4.50 -46.81
N ASN C 237 -21.59 -3.44 -46.19
CA ASN C 237 -22.80 -3.53 -45.37
C ASN C 237 -22.61 -4.46 -44.18
N SER C 238 -21.38 -4.52 -43.67
CA SER C 238 -21.05 -5.13 -42.40
C SER C 238 -21.12 -4.08 -41.30
N ALA C 239 -21.00 -4.51 -40.05
CA ALA C 239 -21.18 -3.59 -38.93
C ALA C 239 -20.04 -2.57 -38.86
N PRO C 240 -20.35 -1.30 -38.65
CA PRO C 240 -19.32 -0.28 -38.45
C PRO C 240 -18.44 -0.58 -37.24
N TYR C 241 -17.21 -0.08 -37.31
CA TYR C 241 -16.30 -0.17 -36.17
C TYR C 241 -16.76 0.78 -35.07
N GLY C 242 -16.49 0.40 -33.84
CA GLY C 242 -16.55 1.38 -32.76
C GLY C 242 -15.29 2.23 -32.72
N ALA C 243 -15.41 3.42 -32.14
CA ALA C 243 -14.31 4.35 -31.97
C ALA C 243 -13.98 4.51 -30.50
N ARG C 244 -12.68 4.55 -30.19
CA ARG C 244 -12.17 4.90 -28.86
C ARG C 244 -10.97 5.80 -29.02
N TYR C 245 -10.85 6.82 -28.17
CA TYR C 245 -9.64 7.63 -28.22
C TYR C 245 -9.40 8.25 -26.85
N VAL C 246 -8.50 7.64 -26.09
CA VAL C 246 -8.17 8.17 -24.79
C VAL C 246 -7.38 9.45 -24.95
N GLY C 247 -6.59 9.55 -26.01
CA GLY C 247 -5.70 10.67 -26.16
C GLY C 247 -4.38 10.45 -25.47
N SER C 248 -4.21 9.34 -24.78
CA SER C 248 -2.96 8.97 -24.17
C SER C 248 -2.46 7.73 -24.90
N MET C 249 -1.27 7.83 -25.50
CA MET C 249 -0.83 6.84 -26.47
C MET C 249 -0.72 5.44 -25.88
N VAL C 250 -0.20 5.31 -24.65
CA VAL C 250 -0.03 3.98 -24.08
C VAL C 250 -1.37 3.29 -23.90
N ALA C 251 -2.38 4.04 -23.47
CA ALA C 251 -3.70 3.46 -23.27
C ALA C 251 -4.32 3.02 -24.59
N ASP C 252 -4.20 3.86 -25.63
CA ASP C 252 -4.80 3.54 -26.92
C ASP C 252 -4.10 2.36 -27.57
N VAL C 253 -2.76 2.34 -27.50
CA VAL C 253 -2.02 1.21 -28.07
C VAL C 253 -2.35 -0.07 -27.32
N HIS C 254 -2.41 0.01 -25.98
CA HIS C 254 -2.68 -1.20 -25.22
C HIS C 254 -4.06 -1.76 -25.53
N ARG C 255 -5.07 -0.89 -25.61
CA ARG C 255 -6.40 -1.36 -26.02
C ARG C 255 -6.32 -2.04 -27.38
N THR C 256 -5.62 -1.42 -28.32
CA THR C 256 -5.44 -2.03 -29.63
C THR C 256 -4.82 -3.40 -29.51
N LEU C 257 -3.83 -3.54 -28.63
CA LEU C 257 -3.20 -4.85 -28.45
C LEU C 257 -4.19 -5.86 -27.88
N VAL C 258 -4.97 -5.46 -26.88
CA VAL C 258 -5.83 -6.42 -26.18
C VAL C 258 -7.06 -6.78 -27.02
N TYR C 259 -7.70 -5.79 -27.65
CA TYR C 259 -8.95 -6.00 -28.37
C TYR C 259 -8.78 -6.07 -29.87
N GLY C 260 -7.64 -5.65 -30.40
CA GLY C 260 -7.46 -5.56 -31.83
C GLY C 260 -8.02 -4.26 -32.36
N GLY C 261 -7.75 -4.02 -33.64
CA GLY C 261 -8.19 -2.82 -34.29
C GLY C 261 -7.02 -2.03 -34.83
N ILE C 262 -7.21 -0.72 -34.92
CA ILE C 262 -6.23 0.14 -35.57
C ILE C 262 -6.14 1.45 -34.82
N PHE C 263 -4.92 1.95 -34.67
CA PHE C 263 -4.60 3.22 -34.04
C PHE C 263 -3.88 4.10 -35.05
N LEU C 264 -4.35 5.34 -35.19
CA LEU C 264 -3.83 6.28 -36.16
C LEU C 264 -3.46 7.57 -35.48
N TYR C 265 -2.24 8.04 -35.69
CA TYR C 265 -1.88 9.43 -35.43
C TYR C 265 -1.13 9.97 -36.64
N PRO C 266 -1.85 10.41 -37.66
CA PRO C 266 -1.20 10.85 -38.89
C PRO C 266 -0.76 12.30 -38.76
N ALA C 267 0.02 12.74 -39.74
CA ALA C 267 0.44 14.14 -39.76
C ALA C 267 -0.76 15.04 -40.00
N ASN C 268 -0.66 16.29 -39.51
CA ASN C 268 -1.67 17.30 -39.81
C ASN C 268 -0.93 18.61 -40.07
N LYS C 269 -1.70 19.70 -40.24
CA LYS C 269 -1.07 20.97 -40.59
C LYS C 269 -0.18 21.48 -39.45
N LYS C 270 -0.61 21.24 -38.21
CA LYS C 270 0.17 21.61 -37.04
C LYS C 270 1.37 20.69 -36.84
N SER C 271 1.35 19.51 -37.46
CA SER C 271 2.42 18.52 -37.30
C SER C 271 2.68 17.83 -38.62
N PRO C 272 3.36 18.50 -39.55
CA PRO C 272 3.51 17.91 -40.90
C PRO C 272 4.37 16.64 -40.95
N ASN C 273 5.21 16.37 -39.95
CA ASN C 273 5.96 15.12 -39.88
C ASN C 273 5.35 14.16 -38.87
N GLY C 274 4.05 14.32 -38.59
CA GLY C 274 3.35 13.63 -37.53
C GLY C 274 3.51 14.30 -36.17
N LYS C 275 2.84 13.74 -35.18
CA LYS C 275 2.89 14.31 -33.84
C LYS C 275 3.66 13.45 -32.87
N LEU C 276 3.52 12.14 -32.98
CA LEU C 276 4.18 11.23 -32.06
C LEU C 276 5.68 11.14 -32.35
N ARG C 277 6.44 10.82 -31.30
CA ARG C 277 7.88 10.76 -31.40
C ARG C 277 8.35 9.38 -31.82
N LEU C 278 9.37 9.36 -32.69
CA LEU C 278 9.85 8.08 -33.21
C LEU C 278 10.62 7.31 -32.14
N LEU C 279 11.49 7.98 -31.41
CA LEU C 279 12.51 7.26 -30.65
C LEU C 279 11.92 6.58 -29.43
N TYR C 280 11.04 7.27 -28.71
CA TYR C 280 10.51 6.77 -27.45
C TYR C 280 8.99 6.66 -27.44
N GLU C 281 8.32 6.77 -28.58
CA GLU C 281 6.89 6.45 -28.63
C GLU C 281 6.60 5.47 -29.76
N CYS C 282 6.94 5.84 -31.00
CA CYS C 282 6.54 5.04 -32.15
C CYS C 282 7.32 3.72 -32.25
N ASN C 283 8.65 3.78 -32.18
CA ASN C 283 9.44 2.56 -32.32
C ASN C 283 9.08 1.51 -31.27
N PRO C 284 9.06 1.81 -29.95
CA PRO C 284 8.69 0.76 -28.99
C PRO C 284 7.29 0.19 -29.21
N MET C 285 6.30 1.04 -29.50
CA MET C 285 4.97 0.51 -29.80
C MET C 285 4.97 -0.28 -31.10
N ALA C 286 5.71 0.18 -32.10
CA ALA C 286 5.85 -0.59 -33.34
C ALA C 286 6.48 -1.96 -33.08
N TYR C 287 7.49 -1.99 -32.22
CA TYR C 287 8.16 -3.25 -31.90
C TYR C 287 7.25 -4.17 -31.09
N VAL C 288 6.48 -3.62 -30.15
CA VAL C 288 5.51 -4.44 -29.41
C VAL C 288 4.48 -5.02 -30.38
N MET C 289 3.96 -4.17 -31.28
CA MET C 289 2.98 -4.63 -32.26
C MET C 289 3.55 -5.71 -33.18
N GLU C 290 4.75 -5.50 -33.73
CA GLU C 290 5.31 -6.48 -34.69
C GLU C 290 5.62 -7.81 -34.00
N LYS C 291 6.14 -7.75 -32.76
CA LYS C 291 6.33 -8.98 -32.00
C LYS C 291 4.99 -9.65 -31.67
N ALA C 292 3.90 -8.88 -31.60
CA ALA C 292 2.58 -9.43 -31.33
C ALA C 292 1.82 -9.84 -32.59
N GLY C 293 2.48 -9.89 -33.74
CA GLY C 293 1.80 -10.23 -34.98
C GLY C 293 1.02 -9.09 -35.58
N GLY C 294 1.25 -7.87 -35.11
CA GLY C 294 0.61 -6.70 -35.67
C GLY C 294 1.50 -5.99 -36.66
N MET C 295 1.08 -4.79 -37.04
CA MET C 295 1.82 -3.95 -37.97
C MET C 295 1.92 -2.52 -37.46
N ALA C 296 2.93 -1.81 -37.95
CA ALA C 296 3.10 -0.41 -37.65
C ALA C 296 3.80 0.27 -38.82
N THR C 297 3.12 1.24 -39.44
CA THR C 297 3.61 1.91 -40.62
C THR C 297 3.48 3.42 -40.45
N THR C 298 4.30 4.15 -41.21
CA THR C 298 4.13 5.59 -41.35
C THR C 298 3.22 5.94 -42.52
N GLY C 299 2.77 4.93 -43.27
CA GLY C 299 2.07 5.12 -44.52
C GLY C 299 2.93 4.69 -45.69
N LYS C 300 4.21 5.07 -45.70
CA LYS C 300 5.09 4.72 -46.80
C LYS C 300 6.10 3.63 -46.48
N GLU C 301 6.34 3.33 -45.20
CA GLU C 301 7.29 2.31 -44.79
C GLU C 301 7.00 1.93 -43.35
N ALA C 302 7.55 0.79 -42.94
CA ALA C 302 7.41 0.35 -41.55
C ALA C 302 8.07 1.35 -40.60
N VAL C 303 7.39 1.64 -39.49
CA VAL C 303 7.98 2.52 -38.48
C VAL C 303 9.36 2.03 -38.10
N LEU C 304 9.51 0.71 -37.94
CA LEU C 304 10.78 0.13 -37.53
C LEU C 304 11.88 0.31 -38.57
N ASP C 305 11.54 0.65 -39.80
CA ASP C 305 12.53 0.86 -40.86
C ASP C 305 12.94 2.32 -41.03
N VAL C 306 12.26 3.26 -40.39
CA VAL C 306 12.69 4.65 -40.44
C VAL C 306 14.06 4.76 -39.80
N ILE C 307 14.98 5.45 -40.48
CA ILE C 307 16.31 5.74 -39.93
C ILE C 307 16.27 7.13 -39.34
N PRO C 308 16.42 7.29 -38.03
CA PRO C 308 16.29 8.61 -37.40
C PRO C 308 17.53 9.48 -37.59
N THR C 309 17.30 10.79 -37.63
CA THR C 309 18.36 11.77 -37.69
C THR C 309 18.40 12.72 -36.49
N ASP C 310 17.35 12.75 -35.67
CA ASP C 310 17.23 13.64 -34.51
C ASP C 310 16.48 12.88 -33.43
N ILE C 311 16.99 12.94 -32.22
CA ILE C 311 16.46 12.06 -31.17
C ILE C 311 15.00 12.37 -30.87
N HIS C 312 14.56 13.60 -31.13
CA HIS C 312 13.18 13.99 -30.84
C HIS C 312 12.32 14.09 -32.09
N GLN C 313 12.74 13.49 -33.19
CA GLN C 313 11.97 13.68 -34.42
C GLN C 313 10.62 12.98 -34.32
N ARG C 314 9.64 13.54 -35.02
CA ARG C 314 8.29 13.01 -34.99
C ARG C 314 8.10 12.05 -36.16
N ALA C 315 7.06 11.23 -36.05
CA ALA C 315 6.67 10.24 -37.06
C ALA C 315 5.17 10.08 -37.11
N PRO C 316 4.59 9.99 -38.32
CA PRO C 316 3.20 9.52 -38.43
C PRO C 316 3.14 8.01 -38.20
N VAL C 317 2.07 7.54 -37.57
CA VAL C 317 2.00 6.14 -37.19
C VAL C 317 0.58 5.62 -37.39
N ILE C 318 0.47 4.46 -38.01
CA ILE C 318 -0.75 3.67 -38.11
C ILE C 318 -0.37 2.26 -37.70
N LEU C 319 -0.98 1.74 -36.63
CA LEU C 319 -0.56 0.45 -36.10
C LEU C 319 -1.77 -0.34 -35.62
N GLY C 320 -1.57 -1.65 -35.51
CA GLY C 320 -2.59 -2.55 -35.00
C GLY C 320 -2.72 -3.88 -35.75
N SER C 321 -3.94 -4.41 -35.76
CA SER C 321 -4.23 -5.68 -36.38
C SER C 321 -3.78 -5.68 -37.85
N PRO C 322 -3.15 -6.76 -38.34
CA PRO C 322 -2.58 -6.72 -39.70
C PRO C 322 -3.61 -6.45 -40.78
N ASP C 323 -4.77 -7.09 -40.71
CA ASP C 323 -5.78 -6.90 -41.75
C ASP C 323 -6.23 -5.45 -41.82
N ASP C 324 -6.43 -4.81 -40.66
CA ASP C 324 -6.86 -3.41 -40.66
C ASP C 324 -5.77 -2.52 -41.24
N VAL C 325 -4.53 -2.69 -40.78
CA VAL C 325 -3.45 -1.83 -41.27
C VAL C 325 -3.23 -2.05 -42.76
N LEU C 326 -3.25 -3.31 -43.21
CA LEU C 326 -3.15 -3.57 -44.65
C LEU C 326 -4.30 -2.90 -45.37
N GLU C 327 -5.51 -2.95 -44.80
CA GLU C 327 -6.65 -2.27 -45.43
C GLU C 327 -6.38 -0.79 -45.56
N PHE C 328 -5.79 -0.17 -44.55
CA PHE C 328 -5.39 1.23 -44.69
C PHE C 328 -4.37 1.40 -45.79
N LEU C 329 -3.34 0.53 -45.82
CA LEU C 329 -2.29 0.68 -46.83
C LEU C 329 -2.84 0.54 -48.23
N LYS C 330 -3.81 -0.34 -48.43
CA LYS C 330 -4.44 -0.45 -49.74
C LYS C 330 -5.14 0.86 -50.10
N VAL C 331 -5.84 1.47 -49.13
CA VAL C 331 -6.43 2.79 -49.38
C VAL C 331 -5.33 3.81 -49.64
N TYR C 332 -4.20 3.67 -48.94
CA TYR C 332 -3.08 4.57 -49.16
C TYR C 332 -2.53 4.44 -50.57
N GLU C 333 -2.38 3.20 -51.06
CA GLU C 333 -1.90 3.00 -52.43
C GLU C 333 -2.90 3.50 -53.47
N LYS C 334 -4.21 3.32 -53.21
CA LYS C 334 -5.22 3.88 -54.10
C LYS C 334 -5.04 5.37 -54.30
N HIS C 335 -4.59 6.09 -53.28
CA HIS C 335 -4.31 7.52 -53.37
C HIS C 335 -2.87 7.79 -53.76
N SER C 336 -2.34 6.93 -54.64
CA SER C 336 -0.98 6.96 -55.14
C SER C 336 -0.07 6.41 -54.06
N ASP D 10 -5.59 24.67 5.92
CA ASP D 10 -5.75 23.42 6.67
C ASP D 10 -6.03 22.20 5.80
N VAL D 11 -5.32 21.10 6.07
CA VAL D 11 -5.63 19.86 5.38
C VAL D 11 -7.05 19.47 5.73
N ASN D 12 -7.77 18.98 4.74
CA ASN D 12 -9.17 18.64 4.91
C ASN D 12 -9.38 17.28 4.27
N THR D 13 -9.98 16.37 5.02
CA THR D 13 -10.30 15.05 4.49
C THR D 13 -11.79 14.99 4.19
N LEU D 14 -12.19 13.93 3.47
CA LEU D 14 -13.61 13.70 3.24
C LEU D 14 -14.36 13.54 4.57
N THR D 15 -13.80 12.78 5.50
CA THR D 15 -14.45 12.56 6.78
C THR D 15 -14.63 13.87 7.52
N ARG D 16 -13.61 14.73 7.51
CA ARG D 16 -13.74 15.99 8.21
C ARG D 16 -14.68 16.93 7.45
N PHE D 17 -14.61 16.94 6.12
CA PHE D 17 -15.47 17.82 5.32
C PHE D 17 -16.94 17.50 5.55
N VAL D 18 -17.31 16.23 5.48
CA VAL D 18 -18.73 15.84 5.61
C VAL D 18 -19.22 16.13 7.02
N MET D 19 -18.38 15.86 8.01
CA MET D 19 -18.72 16.12 9.38
C MET D 19 -18.91 17.62 9.62
N GLU D 20 -18.08 18.44 8.99
CA GLU D 20 -18.19 19.89 9.19
C GLU D 20 -19.40 20.46 8.46
N GLU D 21 -19.78 19.88 7.32
CA GLU D 21 -21.02 20.30 6.67
C GLU D 21 -22.23 19.88 7.48
N GLY D 22 -22.18 18.70 8.10
CA GLY D 22 -23.29 18.26 8.92
C GLY D 22 -23.50 19.12 10.15
N ARG D 23 -22.41 19.51 10.81
CA ARG D 23 -22.55 20.41 11.95
C ARG D 23 -23.04 21.79 11.52
N LYS D 24 -22.57 22.28 10.37
CA LYS D 24 -23.11 23.54 9.84
C LYS D 24 -24.63 23.46 9.66
N ALA D 25 -25.11 22.40 9.03
CA ALA D 25 -26.53 22.20 8.74
C ALA D 25 -27.32 21.68 9.93
N ARG D 26 -26.66 21.42 11.07
CA ARG D 26 -27.29 20.89 12.26
C ARG D 26 -28.13 19.65 11.96
N GLY D 27 -27.55 18.74 11.16
CA GLY D 27 -28.21 17.48 10.86
C GLY D 27 -27.95 16.42 11.92
N THR D 28 -28.68 15.30 11.80
CA THR D 28 -28.57 14.21 12.77
C THR D 28 -27.31 13.37 12.59
N GLY D 29 -26.64 13.45 11.44
CA GLY D 29 -25.49 12.61 11.15
C GLY D 29 -25.78 11.38 10.31
N GLU D 30 -27.03 11.15 9.91
CA GLU D 30 -27.35 9.94 9.15
C GLU D 30 -26.75 10.00 7.74
N LEU D 31 -26.76 11.17 7.12
CA LEU D 31 -26.13 11.29 5.81
C LEU D 31 -24.61 11.12 5.92
N THR D 32 -24.02 11.66 7.00
CA THR D 32 -22.60 11.47 7.23
C THR D 32 -22.25 10.00 7.38
N GLN D 33 -23.10 9.23 8.06
CA GLN D 33 -22.83 7.79 8.16
C GLN D 33 -22.90 7.12 6.80
N LEU D 34 -23.86 7.51 5.97
CA LEU D 34 -23.94 6.98 4.61
C LEU D 34 -22.66 7.27 3.82
N LEU D 35 -22.29 8.55 3.73
CA LEU D 35 -21.14 8.93 2.91
C LEU D 35 -19.86 8.29 3.42
N ASN D 36 -19.70 8.17 4.74
CA ASN D 36 -18.57 7.43 5.31
C ASN D 36 -18.54 5.98 4.85
N SER D 37 -19.71 5.33 4.85
CA SER D 37 -19.79 3.96 4.39
C SER D 37 -19.42 3.85 2.90
N LEU D 38 -20.00 4.71 2.07
CA LEU D 38 -19.68 4.73 0.64
C LEU D 38 -18.18 4.93 0.43
N CYS D 39 -17.61 5.89 1.17
CA CYS D 39 -16.20 6.19 1.06
C CYS D 39 -15.36 4.95 1.35
N THR D 40 -15.72 4.21 2.41
CA THR D 40 -15.02 2.96 2.70
C THR D 40 -15.15 1.97 1.55
N ALA D 41 -16.35 1.82 1.00
CA ALA D 41 -16.54 0.92 -0.14
C ALA D 41 -15.67 1.34 -1.32
N VAL D 42 -15.54 2.65 -1.57
CA VAL D 42 -14.78 3.12 -2.70
C VAL D 42 -13.30 2.80 -2.53
N LYS D 43 -12.78 2.94 -1.30
CA LYS D 43 -11.38 2.58 -1.06
C LYS D 43 -11.16 1.10 -1.26
N ALA D 44 -12.16 0.26 -0.95
CA ALA D 44 -12.04 -1.17 -1.18
C ALA D 44 -12.11 -1.52 -2.65
N ILE D 45 -12.99 -0.83 -3.40
CA ILE D 45 -13.06 -1.05 -4.84
C ILE D 45 -11.73 -0.63 -5.48
N SER D 46 -11.25 0.57 -5.15
CA SER D 46 -9.98 1.05 -5.66
C SER D 46 -8.86 0.04 -5.40
N SER D 47 -8.78 -0.49 -4.18
CA SER D 47 -7.74 -1.48 -3.89
C SER D 47 -7.89 -2.72 -4.79
N ALA D 48 -9.13 -3.20 -4.98
CA ALA D 48 -9.33 -4.34 -5.87
C ALA D 48 -9.09 -3.95 -7.33
N VAL D 49 -9.51 -2.76 -7.74
CA VAL D 49 -9.33 -2.37 -9.14
C VAL D 49 -7.85 -2.30 -9.49
N ARG D 50 -7.03 -1.87 -8.54
CA ARG D 50 -5.61 -1.80 -8.76
C ARG D 50 -4.96 -3.18 -8.66
N LYS D 51 -5.77 -4.23 -8.46
CA LYS D 51 -5.32 -5.63 -8.49
C LYS D 51 -4.45 -6.00 -7.29
N ALA D 52 -4.68 -5.37 -6.14
CA ALA D 52 -4.05 -5.86 -4.92
C ALA D 52 -4.48 -7.30 -4.67
N GLY D 53 -3.52 -8.16 -4.40
CA GLY D 53 -3.79 -9.57 -4.16
C GLY D 53 -3.81 -10.43 -5.39
N ILE D 54 -3.56 -9.87 -6.58
CA ILE D 54 -3.65 -10.71 -7.77
C ILE D 54 -2.57 -11.80 -7.75
N ALA D 55 -1.45 -11.57 -7.07
CA ALA D 55 -0.44 -12.61 -6.94
C ALA D 55 -1.02 -13.88 -6.32
N HIS D 56 -1.93 -13.74 -5.36
CA HIS D 56 -2.55 -14.91 -4.75
C HIS D 56 -3.50 -15.62 -5.70
N LEU D 57 -4.05 -14.90 -6.69
CA LEU D 57 -4.88 -15.55 -7.71
C LEU D 57 -4.06 -16.39 -8.67
N TYR D 58 -2.82 -15.98 -8.95
CA TYR D 58 -1.96 -16.62 -9.93
C TYR D 58 -0.96 -17.58 -9.29
N GLY D 59 -1.21 -18.02 -8.05
CA GLY D 59 -0.49 -19.14 -7.46
C GLY D 59 0.73 -18.81 -6.64
N ILE D 60 0.86 -17.59 -6.10
CA ILE D 60 2.08 -17.26 -5.36
C ILE D 60 2.23 -18.15 -4.14
N ALA D 61 1.13 -18.67 -3.62
CA ALA D 61 1.13 -19.53 -2.44
C ALA D 61 0.68 -20.97 -2.76
N GLY D 62 0.73 -21.37 -4.03
CA GLY D 62 0.31 -22.70 -4.44
C GLY D 62 -0.87 -22.82 -5.40
N LYS D 73 -16.51 -10.42 -12.38
CA LYS D 73 -16.19 -10.74 -10.97
C LYS D 73 -15.85 -9.47 -10.20
N LEU D 74 -15.05 -8.59 -10.80
CA LEU D 74 -14.70 -7.36 -10.10
C LEU D 74 -15.92 -6.46 -9.93
N ASP D 75 -16.81 -6.43 -10.92
CA ASP D 75 -17.99 -5.60 -10.75
C ASP D 75 -18.95 -6.20 -9.72
N VAL D 76 -18.96 -7.54 -9.62
CA VAL D 76 -19.77 -8.19 -8.59
C VAL D 76 -19.22 -7.89 -7.21
N LEU D 77 -17.90 -7.93 -7.05
CA LEU D 77 -17.30 -7.56 -5.78
C LEU D 77 -17.63 -6.12 -5.43
N SER D 78 -17.55 -5.21 -6.40
CA SER D 78 -17.83 -3.80 -6.15
C SER D 78 -19.27 -3.62 -5.72
N ASN D 79 -20.18 -4.27 -6.44
CA ASN D 79 -21.58 -4.27 -6.05
C ASN D 79 -21.73 -4.79 -4.63
N ASP D 80 -21.02 -5.87 -4.29
CA ASP D 80 -21.12 -6.44 -2.95
C ASP D 80 -20.58 -5.46 -1.91
N LEU D 81 -19.51 -4.75 -2.23
CA LEU D 81 -18.95 -3.78 -1.29
C LEU D 81 -19.90 -2.62 -1.06
N VAL D 82 -20.47 -2.06 -2.13
CA VAL D 82 -21.39 -0.94 -2.00
C VAL D 82 -22.66 -1.37 -1.28
N MET D 83 -23.30 -2.45 -1.75
CA MET D 83 -24.51 -2.96 -1.10
C MET D 83 -24.29 -3.13 0.39
N ASN D 84 -23.19 -3.78 0.76
CA ASN D 84 -22.98 -4.13 2.16
C ASN D 84 -22.61 -2.91 2.99
N MET D 85 -21.76 -2.02 2.48
CA MET D 85 -21.44 -0.83 3.27
C MET D 85 -22.68 0.04 3.44
N LEU D 86 -23.52 0.14 2.40
CA LEU D 86 -24.73 0.95 2.48
C LEU D 86 -25.76 0.37 3.44
N LYS D 87 -26.05 -0.93 3.31
CA LYS D 87 -26.99 -1.61 4.21
C LYS D 87 -26.56 -1.40 5.65
N SER D 88 -25.29 -1.64 5.94
CA SER D 88 -24.78 -1.61 7.29
C SER D 88 -24.56 -0.19 7.80
N SER D 89 -24.76 0.82 6.97
CA SER D 89 -24.67 2.20 7.45
C SER D 89 -25.86 2.58 8.32
N PHE D 90 -26.96 1.82 8.23
CA PHE D 90 -28.25 2.10 8.88
C PHE D 90 -28.84 3.41 8.37
N ALA D 91 -28.40 3.87 7.20
CA ALA D 91 -28.86 5.12 6.66
C ALA D 91 -29.71 4.97 5.41
N THR D 92 -29.90 3.74 4.90
CA THR D 92 -30.57 3.52 3.63
C THR D 92 -31.76 2.58 3.81
N CYS D 93 -32.71 2.64 2.88
CA CYS D 93 -33.85 1.73 2.90
C CYS D 93 -34.09 1.06 1.54
N VAL D 94 -33.79 1.75 0.44
CA VAL D 94 -33.91 1.22 -0.91
C VAL D 94 -32.60 1.47 -1.66
N LEU D 95 -32.08 0.43 -2.33
CA LEU D 95 -30.82 0.48 -3.04
C LEU D 95 -31.05 -0.03 -4.46
N VAL D 96 -30.65 0.76 -5.44
CA VAL D 96 -30.81 0.39 -6.85
C VAL D 96 -29.43 0.28 -7.46
N SER D 97 -29.14 -0.87 -8.04
CA SER D 97 -27.83 -1.09 -8.62
C SER D 97 -28.00 -1.48 -10.07
N GLU D 98 -27.06 -1.01 -10.89
CA GLU D 98 -27.01 -1.45 -12.28
C GLU D 98 -26.89 -2.97 -12.39
N GLU D 99 -26.34 -3.62 -11.36
CA GLU D 99 -26.05 -5.06 -11.36
C GLU D 99 -27.23 -5.94 -10.91
N ASP D 100 -28.30 -5.36 -10.37
CA ASP D 100 -29.42 -6.11 -9.78
C ASP D 100 -30.71 -5.78 -10.52
N LYS D 101 -31.44 -6.82 -10.94
CA LYS D 101 -32.64 -6.63 -11.74
C LYS D 101 -33.71 -5.84 -10.99
N HIS D 102 -33.92 -6.13 -9.71
CA HIS D 102 -34.91 -5.46 -8.87
C HIS D 102 -34.21 -4.58 -7.85
N ALA D 103 -34.96 -3.64 -7.30
CA ALA D 103 -34.43 -2.82 -6.22
C ALA D 103 -34.22 -3.67 -4.98
N ILE D 104 -33.17 -3.35 -4.23
CA ILE D 104 -32.88 -4.03 -2.97
C ILE D 104 -33.58 -3.27 -1.85
N ILE D 105 -34.35 -4.00 -1.05
CA ILE D 105 -35.04 -3.42 0.10
C ILE D 105 -34.22 -3.76 1.33
N VAL D 106 -33.74 -2.72 2.03
CA VAL D 106 -32.96 -2.93 3.24
C VAL D 106 -33.82 -3.54 4.32
N GLU D 107 -33.28 -4.53 5.03
CA GLU D 107 -33.99 -5.18 6.12
C GLU D 107 -34.37 -4.15 7.18
N PRO D 108 -35.52 -4.34 7.86
CA PRO D 108 -36.06 -3.28 8.74
C PRO D 108 -35.09 -2.80 9.80
N GLU D 109 -34.35 -3.71 10.42
CA GLU D 109 -33.50 -3.31 11.54
C GLU D 109 -32.38 -2.38 11.09
N LYS D 110 -32.09 -2.32 9.80
CA LYS D 110 -31.05 -1.45 9.25
C LYS D 110 -31.61 -0.27 8.46
N ARG D 111 -32.92 -0.04 8.47
CA ARG D 111 -33.52 0.92 7.56
C ARG D 111 -33.22 2.35 8.00
N GLY D 112 -32.81 3.17 7.05
CA GLY D 112 -32.64 4.59 7.26
C GLY D 112 -33.49 5.35 6.25
N LYS D 113 -33.24 6.64 6.08
CA LYS D 113 -34.17 7.50 5.37
C LYS D 113 -33.75 7.81 3.95
N TYR D 114 -32.67 7.19 3.44
CA TYR D 114 -32.09 7.55 2.15
C TYR D 114 -32.24 6.42 1.14
N VAL D 115 -32.42 6.82 -0.13
CA VAL D 115 -32.48 5.92 -1.29
C VAL D 115 -31.24 6.16 -2.14
N VAL D 116 -30.52 5.10 -2.47
CA VAL D 116 -29.25 5.24 -3.17
C VAL D 116 -29.33 4.47 -4.48
N CYS D 117 -28.99 5.14 -5.56
CA CYS D 117 -28.84 4.54 -6.88
C CYS D 117 -27.37 4.56 -7.24
N PHE D 118 -26.84 3.42 -7.65
CA PHE D 118 -25.41 3.40 -7.94
C PHE D 118 -25.09 2.45 -9.08
N ASP D 119 -24.05 2.82 -9.83
CA ASP D 119 -23.37 1.88 -10.71
C ASP D 119 -22.05 1.54 -10.04
N PRO D 120 -21.92 0.35 -9.44
CA PRO D 120 -20.72 0.07 -8.63
C PRO D 120 -19.43 0.12 -9.44
N LEU D 121 -19.42 -0.34 -10.70
CA LEU D 121 -18.19 -0.27 -11.48
C LEU D 121 -18.49 0.03 -12.95
N ASP D 122 -18.92 1.27 -13.22
CA ASP D 122 -19.23 1.67 -14.59
C ASP D 122 -18.02 1.58 -15.50
N GLY D 123 -18.24 1.07 -16.72
CA GLY D 123 -17.19 0.91 -17.69
C GLY D 123 -16.39 -0.38 -17.56
N SER D 124 -16.74 -1.25 -16.60
CA SER D 124 -15.92 -2.42 -16.32
C SER D 124 -15.93 -3.44 -17.44
N SER D 125 -16.93 -3.40 -18.33
CA SER D 125 -16.96 -4.33 -19.45
C SER D 125 -15.71 -4.25 -20.33
N ASN D 126 -14.98 -3.14 -20.27
CA ASN D 126 -13.73 -2.96 -21.01
C ASN D 126 -12.51 -2.93 -20.10
N ILE D 127 -12.64 -3.40 -18.85
CA ILE D 127 -11.52 -3.36 -17.92
C ILE D 127 -10.37 -4.27 -18.35
N ASP D 128 -10.59 -5.12 -19.36
CA ASP D 128 -9.51 -5.97 -19.89
C ASP D 128 -8.36 -5.14 -20.43
N CYS D 129 -8.63 -3.94 -20.91
CA CYS D 129 -7.58 -3.06 -21.40
C CYS D 129 -7.12 -2.06 -20.35
N LEU D 130 -7.54 -2.25 -19.09
CA LEU D 130 -7.17 -1.40 -17.96
C LEU D 130 -7.64 0.02 -18.16
N VAL D 131 -8.66 0.20 -18.98
CA VAL D 131 -9.33 1.47 -19.16
C VAL D 131 -9.75 1.99 -17.78
N SER D 132 -9.83 3.31 -17.64
CA SER D 132 -10.40 3.91 -16.45
C SER D 132 -11.80 3.36 -16.17
N VAL D 133 -12.09 3.10 -14.90
CA VAL D 133 -13.40 2.69 -14.45
C VAL D 133 -13.81 3.60 -13.28
N GLY D 134 -15.06 3.47 -12.87
CA GLY D 134 -15.57 4.35 -11.82
C GLY D 134 -16.82 3.81 -11.18
N THR D 135 -17.17 4.45 -10.06
CA THR D 135 -18.39 4.20 -9.32
C THR D 135 -19.23 5.47 -9.37
N ILE D 136 -20.51 5.34 -9.64
CA ILE D 136 -21.44 6.45 -9.70
C ILE D 136 -22.52 6.22 -8.67
N PHE D 137 -22.91 7.28 -7.95
CA PHE D 137 -23.93 7.16 -6.92
C PHE D 137 -24.77 8.42 -6.87
N GLY D 138 -26.05 8.25 -6.56
CA GLY D 138 -26.96 9.35 -6.29
C GLY D 138 -27.80 9.03 -5.09
N ILE D 139 -27.95 9.98 -4.19
CA ILE D 139 -28.59 9.75 -2.89
C ILE D 139 -29.87 10.58 -2.86
N TYR D 140 -30.99 9.91 -2.62
CA TYR D 140 -32.27 10.57 -2.44
C TYR D 140 -32.77 10.37 -1.02
N ARG D 141 -33.60 11.31 -0.58
CA ARG D 141 -34.36 11.11 0.64
C ARG D 141 -35.63 10.33 0.29
N LYS D 142 -35.93 9.33 1.10
CA LYS D 142 -37.19 8.62 0.94
C LYS D 142 -38.32 9.63 1.12
N LYS D 143 -39.23 9.68 0.14
CA LYS D 143 -40.23 10.74 0.14
C LYS D 143 -41.50 10.37 0.91
N SER D 144 -41.99 9.15 0.75
CA SER D 144 -43.24 8.77 1.40
C SER D 144 -42.97 7.89 2.62
N THR D 145 -43.99 7.79 3.46
CA THR D 145 -43.97 6.94 4.63
C THR D 145 -44.40 5.53 4.32
N ASP D 146 -44.73 5.24 3.06
CA ASP D 146 -45.06 3.89 2.64
C ASP D 146 -43.91 2.94 2.94
N GLU D 147 -44.25 1.66 3.01
CA GLU D 147 -43.25 0.62 3.09
C GLU D 147 -42.28 0.77 1.91
N PRO D 148 -40.97 0.64 2.14
CA PRO D 148 -40.01 0.86 1.04
C PRO D 148 -40.23 -0.14 -0.07
N SER D 149 -40.08 0.34 -1.30
CA SER D 149 -40.30 -0.45 -2.50
C SER D 149 -39.49 0.19 -3.62
N GLU D 150 -39.58 -0.44 -4.80
CA GLU D 150 -38.92 0.09 -5.98
C GLU D 150 -39.33 1.54 -6.24
N LYS D 151 -40.58 1.91 -5.93
CA LYS D 151 -41.10 3.24 -6.25
C LYS D 151 -40.35 4.38 -5.55
N ASP D 152 -39.73 4.13 -4.39
CA ASP D 152 -39.01 5.19 -3.69
C ASP D 152 -37.76 5.63 -4.44
N ALA D 153 -37.30 4.82 -5.38
CA ALA D 153 -36.18 5.18 -6.23
C ALA D 153 -36.62 5.82 -7.54
N LEU D 154 -37.94 5.97 -7.77
CA LEU D 154 -38.44 6.55 -9.02
C LEU D 154 -38.67 8.05 -8.87
N GLN D 155 -37.60 8.73 -8.47
CA GLN D 155 -37.64 10.17 -8.29
C GLN D 155 -36.85 10.87 -9.39
N PRO D 156 -37.26 12.07 -9.80
CA PRO D 156 -36.43 12.86 -10.73
C PRO D 156 -35.13 13.31 -10.08
N GLY D 157 -34.09 13.45 -10.91
CA GLY D 157 -32.81 13.93 -10.43
C GLY D 157 -32.85 15.23 -9.64
N ARG D 158 -33.89 16.05 -9.88
CA ARG D 158 -34.09 17.28 -9.10
C ARG D 158 -34.10 17.03 -7.61
N ASN D 159 -34.54 15.85 -7.19
CA ASN D 159 -34.71 15.55 -5.77
C ASN D 159 -33.43 15.09 -5.11
N LEU D 160 -32.33 15.02 -5.85
CA LEU D 160 -31.08 14.51 -5.31
C LEU D 160 -30.63 15.33 -4.10
N VAL D 161 -30.18 14.60 -3.08
CA VAL D 161 -29.54 15.16 -1.89
C VAL D 161 -28.04 15.31 -2.12
N ALA D 162 -27.45 14.32 -2.79
CA ALA D 162 -26.03 14.26 -3.07
C ALA D 162 -25.81 13.31 -4.24
N ALA D 163 -24.71 13.51 -4.94
CA ALA D 163 -24.39 12.63 -6.05
C ALA D 163 -22.91 12.79 -6.36
N GLY D 164 -22.38 11.81 -7.07
CA GLY D 164 -21.03 11.95 -7.54
C GLY D 164 -20.49 10.64 -8.05
N TYR D 165 -19.18 10.55 -8.02
CA TYR D 165 -18.53 9.41 -8.58
C TYR D 165 -17.14 9.31 -8.02
N ALA D 166 -16.62 8.10 -8.05
CA ALA D 166 -15.21 7.86 -7.81
C ALA D 166 -14.58 7.46 -9.14
N LEU D 167 -13.46 8.08 -9.46
CA LEU D 167 -12.74 7.75 -10.67
C LEU D 167 -11.52 6.94 -10.27
N TYR D 168 -11.45 5.69 -10.73
CA TYR D 168 -10.24 4.87 -10.56
C TYR D 168 -9.47 5.00 -11.87
N GLY D 169 -8.75 6.12 -11.99
CA GLY D 169 -7.97 6.41 -13.19
C GLY D 169 -6.50 6.30 -12.90
N SER D 170 -5.67 7.24 -13.40
CA SER D 170 -4.26 7.22 -13.01
C SER D 170 -4.11 7.34 -11.50
N ALA D 171 -5.01 8.08 -10.84
CA ALA D 171 -5.18 8.02 -9.39
C ALA D 171 -6.68 7.89 -9.09
N THR D 172 -7.01 7.72 -7.82
CA THR D 172 -8.40 7.57 -7.40
C THR D 172 -8.90 8.88 -6.83
N MET D 173 -9.97 9.39 -7.42
CA MET D 173 -10.55 10.65 -6.99
C MET D 173 -12.04 10.45 -6.76
N LEU D 174 -12.53 10.97 -5.66
CA LEU D 174 -13.96 11.02 -5.39
C LEU D 174 -14.48 12.43 -5.63
N VAL D 175 -15.50 12.56 -6.47
CA VAL D 175 -16.14 13.82 -6.74
C VAL D 175 -17.50 13.83 -6.06
N LEU D 176 -17.71 14.74 -5.12
CA LEU D 176 -18.93 14.79 -4.31
C LEU D 176 -19.66 16.09 -4.56
N ALA D 177 -20.91 16.00 -5.00
CA ALA D 177 -21.74 17.16 -5.27
C ALA D 177 -22.88 17.22 -4.27
N MET D 178 -23.03 18.36 -3.64
CA MET D 178 -24.14 18.62 -2.76
C MET D 178 -24.61 20.05 -3.02
N ASP D 179 -25.61 20.48 -2.24
CA ASP D 179 -26.09 21.87 -2.32
C ASP D 179 -24.94 22.86 -2.16
N CYS D 180 -23.95 22.54 -1.33
CA CYS D 180 -22.83 23.45 -1.16
C CYS D 180 -21.89 23.50 -2.37
N GLY D 181 -22.10 22.68 -3.40
CA GLY D 181 -21.26 22.68 -4.59
C GLY D 181 -20.58 21.34 -4.79
N VAL D 182 -19.56 21.37 -5.64
CA VAL D 182 -18.85 20.16 -6.06
C VAL D 182 -17.45 20.19 -5.47
N ASN D 183 -17.04 19.08 -4.83
CA ASN D 183 -15.72 19.00 -4.23
C ASN D 183 -15.02 17.71 -4.65
N CYS D 184 -13.72 17.82 -4.88
CA CYS D 184 -12.93 16.73 -5.45
C CYS D 184 -11.90 16.29 -4.43
N PHE D 185 -11.95 15.00 -4.06
CA PHE D 185 -11.09 14.45 -3.03
C PHE D 185 -10.17 13.41 -3.64
N MET D 186 -8.87 13.56 -3.42
CA MET D 186 -7.90 12.60 -3.92
C MET D 186 -7.59 11.52 -2.89
N LEU D 187 -7.64 10.26 -3.31
CA LEU D 187 -7.33 9.15 -2.42
C LEU D 187 -5.82 9.05 -2.26
N ASP D 188 -5.34 9.15 -1.00
CA ASP D 188 -3.93 8.91 -0.70
C ASP D 188 -3.84 7.43 -0.31
N PRO D 189 -3.35 6.56 -1.19
CA PRO D 189 -3.31 5.11 -0.86
C PRO D 189 -2.45 4.81 0.36
N ALA D 190 -1.42 5.62 0.63
CA ALA D 190 -0.55 5.38 1.76
C ALA D 190 -1.30 5.39 3.09
N ILE D 191 -2.39 6.15 3.19
CA ILE D 191 -3.12 6.27 4.43
C ILE D 191 -4.61 6.06 4.30
N GLY D 192 -5.13 5.73 3.12
CA GLY D 192 -6.56 5.53 2.94
C GLY D 192 -7.40 6.72 3.39
N GLU D 193 -7.01 7.91 2.97
CA GLU D 193 -7.74 9.14 3.25
C GLU D 193 -7.95 9.88 1.95
N PHE D 194 -9.15 10.41 1.81
CA PHE D 194 -9.50 11.26 0.68
C PHE D 194 -9.14 12.70 1.05
N ILE D 195 -8.22 13.30 0.31
CA ILE D 195 -7.73 14.64 0.60
C ILE D 195 -8.45 15.63 -0.30
N LEU D 196 -9.06 16.63 0.30
CA LEU D 196 -9.70 17.68 -0.47
C LEU D 196 -8.65 18.43 -1.27
N VAL D 197 -8.71 18.34 -2.60
CA VAL D 197 -7.72 19.01 -3.43
C VAL D 197 -8.32 20.04 -4.37
N ASP D 198 -9.63 20.03 -4.61
CA ASP D 198 -10.26 21.07 -5.44
C ASP D 198 -11.59 21.44 -4.81
N LYS D 199 -11.71 22.67 -4.31
CA LYS D 199 -12.89 23.12 -3.59
C LYS D 199 -13.85 23.84 -4.51
N ASP D 200 -15.14 23.53 -4.37
CA ASP D 200 -16.23 24.26 -5.04
C ASP D 200 -15.93 24.48 -6.52
N VAL D 201 -15.77 23.37 -7.23
CA VAL D 201 -15.27 23.43 -8.60
C VAL D 201 -16.36 23.86 -9.55
N LYS D 202 -15.96 24.58 -10.60
CA LYS D 202 -16.84 25.08 -11.65
C LYS D 202 -16.29 24.71 -13.01
N ILE D 203 -17.18 24.31 -13.90
CA ILE D 203 -16.81 23.93 -15.26
C ILE D 203 -16.63 25.18 -16.10
N LYS D 204 -15.78 25.11 -17.12
CA LYS D 204 -15.63 26.21 -18.07
C LYS D 204 -16.94 26.53 -18.75
N LYS D 205 -17.13 27.83 -19.01
CA LYS D 205 -18.28 28.27 -19.79
C LYS D 205 -18.27 27.63 -21.17
N LYS D 206 -17.10 27.47 -21.77
CA LYS D 206 -16.99 26.86 -23.09
C LYS D 206 -15.69 26.06 -23.21
N GLY D 207 -15.78 24.85 -23.76
CA GLY D 207 -14.65 23.99 -23.94
C GLY D 207 -14.23 23.85 -25.40
N LYS D 208 -13.24 22.95 -25.62
CA LYS D 208 -12.64 22.71 -26.94
C LYS D 208 -12.55 21.22 -27.25
N ILE D 209 -13.31 20.40 -26.55
CA ILE D 209 -13.30 18.95 -26.72
C ILE D 209 -14.74 18.48 -26.77
N TYR D 210 -15.01 17.55 -27.68
CA TYR D 210 -16.29 16.84 -27.76
C TYR D 210 -16.02 15.34 -27.65
N SER D 211 -16.99 14.65 -27.07
CA SER D 211 -16.78 13.28 -26.63
C SER D 211 -18.02 12.46 -26.94
N LEU D 212 -17.92 11.58 -27.92
CA LEU D 212 -18.96 10.61 -28.25
C LEU D 212 -18.31 9.58 -29.16
N ASN D 213 -19.01 8.46 -29.33
CA ASN D 213 -18.55 7.37 -30.18
C ASN D 213 -18.96 7.67 -31.62
N GLU D 214 -18.03 8.18 -32.43
CA GLU D 214 -18.35 8.44 -33.82
C GLU D 214 -18.39 7.20 -34.69
N GLY D 215 -18.03 6.03 -34.15
CA GLY D 215 -18.11 4.83 -34.97
C GLY D 215 -19.52 4.48 -35.40
N TYR D 216 -20.52 4.90 -34.63
CA TYR D 216 -21.92 4.67 -34.96
C TYR D 216 -22.53 5.85 -35.70
N ALA D 217 -21.70 6.54 -36.49
CA ALA D 217 -22.11 7.72 -37.23
C ALA D 217 -23.32 7.47 -38.13
N LYS D 218 -23.44 6.26 -38.68
CA LYS D 218 -24.53 6.02 -39.64
C LYS D 218 -25.89 5.98 -38.96
N ASP D 219 -25.94 5.78 -37.64
CA ASP D 219 -27.20 5.79 -36.93
C ASP D 219 -27.50 7.13 -36.26
N PHE D 220 -26.62 8.12 -36.41
CA PHE D 220 -26.81 9.41 -35.74
C PHE D 220 -28.11 10.07 -36.15
N ASP D 221 -28.75 10.72 -35.18
CA ASP D 221 -29.80 11.66 -35.52
C ASP D 221 -29.19 12.76 -36.40
N PRO D 222 -29.95 13.31 -37.36
CA PRO D 222 -29.38 14.38 -38.22
C PRO D 222 -28.84 15.56 -37.44
N ALA D 223 -29.44 15.88 -36.29
CA ALA D 223 -28.95 16.98 -35.48
C ALA D 223 -27.57 16.65 -34.92
N VAL D 224 -27.37 15.41 -34.49
CA VAL D 224 -26.06 15.00 -33.99
C VAL D 224 -25.02 15.11 -35.10
N THR D 225 -25.37 14.64 -36.29
CA THR D 225 -24.43 14.70 -37.42
C THR D 225 -24.01 16.13 -37.69
N GLU D 226 -24.96 17.08 -37.71
CA GLU D 226 -24.60 18.45 -38.00
C GLU D 226 -23.77 19.07 -36.89
N TYR D 227 -24.16 18.84 -35.63
CA TYR D 227 -23.42 19.46 -34.53
C TYR D 227 -21.98 18.97 -34.48
N ILE D 228 -21.75 17.68 -34.73
CA ILE D 228 -20.39 17.16 -34.74
C ILE D 228 -19.62 17.73 -35.93
N GLN D 229 -20.29 17.87 -37.09
CA GLN D 229 -19.64 18.43 -38.26
C GLN D 229 -19.19 19.88 -38.02
N ARG D 230 -19.96 20.65 -37.25
CA ARG D 230 -19.53 22.03 -36.94
C ARG D 230 -18.32 22.04 -36.01
N LYS D 231 -18.18 21.02 -35.17
CA LYS D 231 -17.05 20.98 -34.24
C LYS D 231 -15.75 20.70 -34.99
N LYS D 232 -15.81 19.89 -36.03
CA LYS D 232 -14.64 19.60 -36.85
C LYS D 232 -14.41 20.64 -37.94
N PHE D 233 -15.48 21.22 -38.49
CA PHE D 233 -15.42 22.19 -39.58
C PHE D 233 -16.18 23.44 -39.17
N PRO D 234 -15.61 24.24 -38.27
CA PRO D 234 -16.35 25.40 -37.74
C PRO D 234 -16.70 26.38 -38.84
N PRO D 235 -17.92 26.94 -38.84
CA PRO D 235 -18.26 27.89 -39.92
C PRO D 235 -17.34 29.09 -39.97
N ASP D 236 -16.74 29.47 -38.85
CA ASP D 236 -15.93 30.67 -38.71
C ASP D 236 -14.45 30.30 -38.76
N ASN D 237 -13.58 31.21 -38.31
CA ASN D 237 -12.15 30.94 -38.22
C ASN D 237 -11.72 30.47 -36.84
N SER D 238 -12.58 29.78 -36.09
CA SER D 238 -12.10 29.26 -34.82
C SER D 238 -11.54 27.86 -34.99
N ALA D 239 -10.78 27.45 -34.00
CA ALA D 239 -10.11 26.17 -34.07
C ALA D 239 -11.13 25.05 -33.93
N PRO D 240 -11.02 24.00 -34.74
CA PRO D 240 -11.84 22.82 -34.50
C PRO D 240 -11.58 22.26 -33.11
N TYR D 241 -12.61 21.62 -32.55
CA TYR D 241 -12.48 20.97 -31.26
C TYR D 241 -11.60 19.73 -31.37
N GLY D 242 -10.94 19.39 -30.27
CA GLY D 242 -10.36 18.07 -30.14
C GLY D 242 -11.43 17.03 -29.82
N ALA D 243 -11.13 15.78 -30.14
CA ALA D 243 -12.02 14.67 -29.85
C ALA D 243 -11.39 13.74 -28.84
N ARG D 244 -12.17 13.34 -27.83
CA ARG D 244 -11.77 12.30 -26.89
C ARG D 244 -12.97 11.40 -26.63
N TYR D 245 -12.73 10.09 -26.58
CA TYR D 245 -13.80 9.19 -26.18
C TYR D 245 -13.15 7.96 -25.55
N VAL D 246 -13.09 7.96 -24.22
CA VAL D 246 -12.51 6.85 -23.47
C VAL D 246 -13.41 5.62 -23.52
N GLY D 247 -14.73 5.83 -23.62
CA GLY D 247 -15.71 4.76 -23.58
C GLY D 247 -16.20 4.42 -22.18
N SER D 248 -15.62 5.02 -21.15
CA SER D 248 -16.05 4.89 -19.77
C SER D 248 -16.64 6.22 -19.33
N MET D 249 -17.91 6.19 -18.92
CA MET D 249 -18.63 7.45 -18.71
C MET D 249 -17.97 8.29 -17.64
N VAL D 250 -17.53 7.68 -16.54
CA VAL D 250 -16.94 8.45 -15.45
C VAL D 250 -15.68 9.17 -15.93
N ALA D 251 -14.85 8.48 -16.73
CA ALA D 251 -13.65 9.12 -17.25
C ALA D 251 -14.00 10.26 -18.19
N ASP D 252 -14.99 10.07 -19.05
CA ASP D 252 -15.32 11.11 -20.01
C ASP D 252 -15.95 12.31 -19.32
N VAL D 253 -16.87 12.06 -18.38
CA VAL D 253 -17.50 13.16 -17.67
C VAL D 253 -16.47 13.95 -16.86
N HIS D 254 -15.55 13.24 -16.19
CA HIS D 254 -14.60 13.94 -15.34
C HIS D 254 -13.70 14.86 -16.15
N ARG D 255 -13.20 14.40 -17.30
CA ARG D 255 -12.44 15.25 -18.21
C ARG D 255 -13.26 16.45 -18.64
N THR D 256 -14.54 16.20 -18.96
CA THR D 256 -15.47 17.27 -19.28
C THR D 256 -15.57 18.26 -18.14
N LEU D 257 -15.60 17.77 -16.90
CA LEU D 257 -15.65 18.67 -15.76
C LEU D 257 -14.36 19.47 -15.63
N VAL D 258 -13.23 18.82 -15.82
CA VAL D 258 -11.93 19.43 -15.56
C VAL D 258 -11.51 20.36 -16.69
N TYR D 259 -11.72 19.94 -17.93
CA TYR D 259 -11.24 20.68 -19.08
C TYR D 259 -12.34 21.44 -19.80
N GLY D 260 -13.60 21.12 -19.54
CA GLY D 260 -14.68 21.69 -20.27
C GLY D 260 -14.90 20.96 -21.58
N GLY D 261 -16.01 21.31 -22.22
CA GLY D 261 -16.40 20.67 -23.46
C GLY D 261 -17.75 20.03 -23.33
N ILE D 262 -17.98 19.01 -24.15
CA ILE D 262 -19.29 18.39 -24.24
C ILE D 262 -19.09 16.89 -24.39
N PHE D 263 -19.97 16.15 -23.74
CA PHE D 263 -20.04 14.70 -23.79
C PHE D 263 -21.42 14.32 -24.31
N LEU D 264 -21.48 13.41 -25.28
CA LEU D 264 -22.75 13.05 -25.89
C LEU D 264 -22.93 11.54 -25.91
N TYR D 265 -24.11 11.10 -25.45
CA TYR D 265 -24.67 9.79 -25.78
C TYR D 265 -26.13 10.08 -26.11
N PRO D 266 -26.41 10.53 -27.32
CA PRO D 266 -27.75 11.01 -27.65
C PRO D 266 -28.67 9.90 -28.15
N ALA D 267 -29.95 10.25 -28.23
CA ALA D 267 -30.95 9.38 -28.82
C ALA D 267 -30.81 9.34 -30.34
N ASN D 268 -31.20 8.21 -30.93
CA ASN D 268 -31.37 8.09 -32.38
C ASN D 268 -32.60 7.22 -32.63
N LYS D 269 -32.87 6.92 -33.91
CA LYS D 269 -34.11 6.23 -34.26
C LYS D 269 -34.12 4.80 -33.72
N LYS D 270 -32.97 4.11 -33.72
CA LYS D 270 -32.86 2.75 -33.19
C LYS D 270 -32.82 2.72 -31.67
N SER D 271 -32.52 3.84 -31.02
CA SER D 271 -32.46 3.93 -29.56
C SER D 271 -33.10 5.25 -29.18
N PRO D 272 -34.41 5.34 -29.24
CA PRO D 272 -35.08 6.63 -29.00
C PRO D 272 -34.86 7.16 -27.59
N ASN D 273 -34.43 6.32 -26.65
CA ASN D 273 -34.22 6.75 -25.27
C ASN D 273 -32.76 6.81 -24.88
N GLY D 274 -31.85 6.85 -25.84
CA GLY D 274 -30.46 6.79 -25.48
C GLY D 274 -30.08 5.36 -25.13
N LYS D 275 -28.85 5.20 -24.68
CA LYS D 275 -28.38 3.92 -24.16
C LYS D 275 -28.02 3.95 -22.69
N LEU D 276 -27.51 5.07 -22.17
CA LEU D 276 -27.12 5.16 -20.76
C LEU D 276 -28.37 5.19 -19.88
N ARG D 277 -28.18 4.78 -18.62
CA ARG D 277 -29.30 4.61 -17.68
C ARG D 277 -29.53 5.88 -16.86
N LEU D 278 -30.80 6.22 -16.65
CA LEU D 278 -31.12 7.50 -16.01
C LEU D 278 -30.72 7.52 -14.54
N LEU D 279 -31.03 6.44 -13.79
CA LEU D 279 -31.00 6.54 -12.33
C LEU D 279 -29.60 6.59 -11.78
N TYR D 280 -28.70 5.74 -12.30
CA TYR D 280 -27.38 5.61 -11.72
C TYR D 280 -26.28 5.99 -12.68
N GLU D 281 -26.62 6.60 -13.82
CA GLU D 281 -25.60 7.17 -14.69
C GLU D 281 -25.89 8.63 -15.02
N CYS D 282 -27.05 8.90 -15.63
CA CYS D 282 -27.33 10.24 -16.13
C CYS D 282 -27.61 11.23 -15.01
N ASN D 283 -28.53 10.87 -14.10
CA ASN D 283 -28.90 11.80 -13.04
C ASN D 283 -27.73 12.23 -12.15
N PRO D 284 -26.93 11.32 -11.57
CA PRO D 284 -25.78 11.81 -10.77
C PRO D 284 -24.82 12.68 -11.57
N MET D 285 -24.53 12.32 -12.83
CA MET D 285 -23.65 13.15 -13.66
C MET D 285 -24.30 14.48 -14.04
N ALA D 286 -25.60 14.48 -14.32
CA ALA D 286 -26.28 15.74 -14.58
C ALA D 286 -26.25 16.62 -13.34
N TYR D 287 -26.42 16.01 -12.17
CA TYR D 287 -26.44 16.74 -10.91
C TYR D 287 -25.07 17.33 -10.59
N VAL D 288 -24.00 16.56 -10.84
CA VAL D 288 -22.66 17.09 -10.69
C VAL D 288 -22.45 18.27 -11.62
N MET D 289 -22.85 18.09 -12.88
CA MET D 289 -22.69 19.15 -13.87
C MET D 289 -23.42 20.41 -13.46
N GLU D 290 -24.67 20.28 -13.03
CA GLU D 290 -25.41 21.49 -12.70
C GLU D 290 -24.84 22.18 -11.47
N LYS D 291 -24.39 21.41 -10.46
CA LYS D 291 -23.76 22.02 -9.30
C LYS D 291 -22.43 22.69 -9.68
N ALA D 292 -21.77 22.20 -10.72
CA ALA D 292 -20.54 22.80 -11.23
C ALA D 292 -20.81 23.88 -12.28
N GLY D 293 -22.06 24.31 -12.44
CA GLY D 293 -22.38 25.31 -13.43
C GLY D 293 -22.45 24.80 -14.85
N GLY D 294 -22.59 23.49 -15.05
CA GLY D 294 -22.77 22.93 -16.38
C GLY D 294 -24.24 22.68 -16.64
N MET D 295 -24.49 21.98 -17.73
CA MET D 295 -25.85 21.62 -18.11
C MET D 295 -25.87 20.17 -18.53
N ALA D 296 -27.06 19.57 -18.45
CA ALA D 296 -27.27 18.21 -18.92
C ALA D 296 -28.71 18.05 -19.38
N THR D 297 -28.89 17.75 -20.66
CA THR D 297 -30.20 17.65 -21.29
C THR D 297 -30.30 16.32 -22.00
N THR D 298 -31.54 15.90 -22.27
CA THR D 298 -31.80 14.79 -23.16
C THR D 298 -31.95 15.21 -24.61
N GLY D 299 -31.98 16.52 -24.87
CA GLY D 299 -32.37 17.03 -26.17
C GLY D 299 -33.73 17.71 -26.05
N LYS D 300 -34.63 17.11 -25.28
CA LYS D 300 -35.97 17.65 -25.11
C LYS D 300 -36.22 18.30 -23.76
N GLU D 301 -35.39 18.03 -22.75
CA GLU D 301 -35.56 18.58 -21.40
C GLU D 301 -34.32 18.30 -20.58
N ALA D 302 -34.20 18.97 -19.45
CA ALA D 302 -33.12 18.69 -18.51
C ALA D 302 -33.22 17.26 -18.00
N VAL D 303 -32.06 16.60 -17.96
CA VAL D 303 -31.97 15.24 -17.43
C VAL D 303 -32.59 15.14 -16.05
N LEU D 304 -32.27 16.10 -15.19
CA LEU D 304 -32.73 16.09 -13.80
C LEU D 304 -34.25 16.22 -13.67
N ASP D 305 -34.96 16.61 -14.74
CA ASP D 305 -36.41 16.74 -14.70
C ASP D 305 -37.13 15.52 -15.24
N VAL D 306 -36.43 14.55 -15.85
CA VAL D 306 -37.12 13.35 -16.29
C VAL D 306 -37.65 12.63 -15.07
N ILE D 307 -38.93 12.28 -15.09
CA ILE D 307 -39.56 11.50 -14.04
C ILE D 307 -39.57 10.03 -14.49
N PRO D 308 -38.79 9.16 -13.85
CA PRO D 308 -38.70 7.77 -14.31
C PRO D 308 -39.90 6.92 -13.92
N THR D 309 -40.14 5.92 -14.75
CA THR D 309 -41.15 4.88 -14.51
C THR D 309 -40.55 3.49 -14.33
N ASP D 310 -39.25 3.32 -14.57
CA ASP D 310 -38.54 2.06 -14.44
C ASP D 310 -37.13 2.31 -13.91
N ILE D 311 -36.72 1.55 -12.89
CA ILE D 311 -35.45 1.84 -12.24
C ILE D 311 -34.28 1.70 -13.20
N HIS D 312 -34.43 0.91 -14.26
CA HIS D 312 -33.36 0.69 -15.23
C HIS D 312 -33.59 1.41 -16.56
N GLN D 313 -34.41 2.45 -16.57
CA GLN D 313 -34.76 3.05 -17.86
C GLN D 313 -33.58 3.83 -18.43
N ARG D 314 -33.57 3.95 -19.75
CA ARG D 314 -32.49 4.64 -20.44
C ARG D 314 -32.86 6.10 -20.63
N ALA D 315 -31.82 6.92 -20.78
CA ALA D 315 -31.95 8.33 -21.02
C ALA D 315 -30.80 8.77 -21.92
N PRO D 316 -31.08 9.55 -22.97
CA PRO D 316 -30.00 10.21 -23.69
C PRO D 316 -29.49 11.37 -22.88
N VAL D 317 -28.19 11.63 -22.97
CA VAL D 317 -27.60 12.67 -22.14
C VAL D 317 -26.58 13.45 -22.97
N ILE D 318 -26.72 14.77 -22.95
CA ILE D 318 -25.77 15.69 -23.53
C ILE D 318 -25.42 16.66 -22.43
N LEU D 319 -24.15 16.64 -22.00
CA LEU D 319 -23.77 17.39 -20.82
C LEU D 319 -22.41 18.06 -21.01
N GLY D 320 -22.15 19.04 -20.15
CA GLY D 320 -20.86 19.69 -20.16
C GLY D 320 -20.97 21.20 -19.99
N SER D 321 -20.03 21.89 -20.62
CA SER D 321 -19.99 23.33 -20.57
C SER D 321 -21.32 23.91 -21.04
N PRO D 322 -21.83 24.92 -20.37
CA PRO D 322 -23.16 25.45 -20.74
C PRO D 322 -23.22 25.97 -22.17
N ASP D 323 -22.20 26.70 -22.63
CA ASP D 323 -22.22 27.24 -23.99
C ASP D 323 -22.23 26.13 -25.03
N ASP D 324 -21.47 25.06 -24.78
CA ASP D 324 -21.46 23.95 -25.70
C ASP D 324 -22.80 23.24 -25.73
N VAL D 325 -23.38 22.97 -24.55
CA VAL D 325 -24.67 22.28 -24.51
C VAL D 325 -25.77 23.15 -25.14
N LEU D 326 -25.76 24.45 -24.87
CA LEU D 326 -26.74 25.32 -25.51
C LEU D 326 -26.61 25.29 -27.03
N GLU D 327 -25.39 25.26 -27.54
CA GLU D 327 -25.17 25.19 -28.98
C GLU D 327 -25.72 23.89 -29.57
N PHE D 328 -25.58 22.78 -28.85
CA PHE D 328 -26.15 21.53 -29.33
C PHE D 328 -27.67 21.62 -29.42
N LEU D 329 -28.29 22.15 -28.37
CA LEU D 329 -29.74 22.30 -28.36
C LEU D 329 -30.21 23.18 -29.51
N LYS D 330 -29.42 24.18 -29.89
CA LYS D 330 -29.74 25.00 -31.05
C LYS D 330 -29.77 24.16 -32.33
N VAL D 331 -28.76 23.31 -32.52
CA VAL D 331 -28.79 22.42 -33.68
C VAL D 331 -29.94 21.41 -33.54
N TYR D 332 -30.23 20.99 -32.31
CA TYR D 332 -31.28 20.00 -32.08
C TYR D 332 -32.67 20.53 -32.43
N GLU D 333 -33.01 21.75 -32.00
CA GLU D 333 -34.33 22.29 -32.38
C GLU D 333 -34.40 22.53 -33.87
N LYS D 334 -33.30 22.97 -34.47
CA LYS D 334 -33.29 23.19 -35.91
C LYS D 334 -33.81 21.97 -36.66
N HIS D 335 -33.53 20.77 -36.15
CA HIS D 335 -34.02 19.54 -36.75
C HIS D 335 -35.28 19.01 -36.07
N SER D 336 -36.10 19.88 -35.47
CA SER D 336 -37.29 19.39 -34.76
C SER D 336 -38.55 19.34 -35.63
C5 93Y E . 24.94 -14.85 -10.28
C6 93Y E . 21.21 -12.96 -18.12
C7 93Y E . 25.64 -15.75 -7.02
C8 93Y E . 19.89 -11.44 -20.96
C14 93Y E . 18.66 -11.08 -20.44
C13 93Y E . 24.78 -14.95 -6.29
C19 93Y E . 25.30 -14.22 -5.25
C20 93Y E . 17.53 -11.38 -21.17
C23 93Y E . 26.99 -15.81 -6.72
C24 93Y E . 19.99 -12.07 -22.19
C25 93Y E . 27.48 -15.06 -5.67
C26 93Y E . 18.84 -12.36 -22.90
C27 93Y E . 21.32 -14.79 -16.53
C28 93Y E . 25.07 -13.27 -12.14
C29 93Y E . 26.63 -14.26 -4.93
C30 93Y E . 17.60 -12.01 -22.39
C31 93Y E . 23.94 -13.61 -13.06
C32 93Y E . 22.47 -15.14 -15.60
C33 93Y E . 24.41 -14.24 -14.34
C34 93Y E . 23.44 -14.05 -15.49
N17 93Y E . 25.52 -14.44 -11.42
N18 93Y E . 21.80 -14.09 -17.69
N3 93Y E . 21.80 -12.42 -19.28
N4 93Y E . 25.50 -15.98 -9.72
O10 93Y E . 21.00 -10.08 -19.05
O11 93Y E . 22.38 -10.73 -20.99
O12 93Y E . 25.64 -17.98 -8.32
O15 93Y E . 23.98 -14.28 -9.76
O16 93Y E . 20.25 -12.45 -17.56
O9 93Y E . 23.58 -16.63 -8.29
S1 93Y E . 25.00 -16.71 -8.35
S2 93Y E . 21.35 -11.05 -20.05
CL21 93Y E . 24.23 -13.21 -4.33
CL22 93Y E . 16.01 -10.95 -20.54
C5 93Y F . -21.31 12.78 17.97
C6 93Y F . -24.20 15.64 10.37
C7 93Y F . -19.62 11.86 20.96
C8 93Y F . -25.46 15.97 7.03
C14 93Y F . -24.33 15.62 6.32
C13 93Y F . -18.73 10.95 20.43
C19 93Y F . -18.58 9.73 21.05
C20 93Y F . -23.97 16.39 5.24
C23 93Y F . -20.36 11.56 22.09
C24 93Y F . -26.23 17.05 6.67
C25 93Y F . -20.19 10.33 22.70
C26 93Y F . -25.84 17.83 5.59
C27 93Y F . -22.76 16.37 12.21
C28 93Y F . -22.87 12.33 16.18
C29 93Y F . -19.30 9.40 22.18
C30 93Y F . -24.71 17.50 4.87
C31 93Y F . -22.77 13.43 15.16
C32 93Y F . -22.85 15.97 13.66
C33 93Y F . -23.94 14.34 15.19
C34 93Y F . -24.08 15.21 13.97
N17 93Y F . -22.56 12.84 17.48
N18 93Y F . -24.05 16.34 11.52
N3 93Y F . -25.47 15.72 9.77
N4 93Y F . -21.17 13.32 19.26
O10 93Y F . -25.25 13.71 8.29
O11 93Y F . -27.38 14.96 8.43
O12 93Y F . -20.09 14.40 21.20
O15 93Y F . -20.38 12.27 17.35
O16 93Y F . -23.29 15.01 9.84
O9 93Y F . -18.69 13.63 19.31
S1 93Y F . -19.81 13.43 20.19
S2 93Y F . -25.94 14.96 8.39
CL21 93Y F . -17.46 8.58 20.39
CL22 93Y F . -22.54 15.97 4.33
#